data_2CI8
# 
_entry.id   2CI8 
# 
_audit_conform.dict_name       mmcif_pdbx.dic 
_audit_conform.dict_version    5.382 
_audit_conform.dict_location   http://mmcif.pdb.org/dictionaries/ascii/mmcif_pdbx.dic 
# 
loop_
_database_2.database_id 
_database_2.database_code 
_database_2.pdbx_database_accession 
_database_2.pdbx_DOI 
PDB   2CI8         pdb_00002ci8 10.2210/pdb2ci8/pdb 
PDBE  EBI-28209    ?            ?                   
WWPDB D_1290028209 ?            ?                   
# 
loop_
_pdbx_database_related.db_name 
_pdbx_database_related.db_id 
_pdbx_database_related.content_type 
_pdbx_database_related.details 
PDB 2CUB unspecified 'SOLUTION STRUCTURE OF THE SH3 DOMAIN OF THE HUMAN CYTOPLASMIC PROTEIN NCK1'   
PDB 2CI9 unspecified 'NCK1 SH2-DOMAIN IN COMPLEX WITH A DODECAPHOSPHOPEPTIDE FROM EPEC PROTEIN TIR' 
PDB 2CIA unspecified 'NCK2 SH2-DOMAIN IN COMPLEX WITH A DECAPHOSPHOPEPTIDE FROM EPEC PROTEIN TIR'   
# 
_pdbx_database_status.status_code                     REL 
_pdbx_database_status.entry_id                        2CI8 
_pdbx_database_status.deposit_site                    PDBE 
_pdbx_database_status.process_site                    PDBE 
_pdbx_database_status.SG_entry                        . 
_pdbx_database_status.recvd_initial_deposition_date   2006-03-17 
_pdbx_database_status.pdb_format_compatible           Y 
_pdbx_database_status.status_code_sf                  REL 
_pdbx_database_status.status_code_mr                  ? 
_pdbx_database_status.status_code_cs                  ? 
_pdbx_database_status.methods_development_category    ? 
_pdbx_database_status.status_code_nmr_data            ? 
# 
loop_
_audit_author.name 
_audit_author.pdbx_ordinal 
'Frese, S.'       1 
'Schubert, W.-D.' 2 
'Findeis, A.C.'   3 
'Marquardt, T.'   4 
'Roske, Y.S.'     5 
'Stradal, T.E.B.' 6 
'Heinz, D.W.'     7 
# 
_citation.id                        primary 
_citation.title                     'The Phosphotyrosine Peptide Binding Specificity of Nck1 and Nck2 Src Homology 2 Domains.' 
_citation.journal_abbrev            J.Biol.Chem. 
_citation.journal_volume            281 
_citation.page_first                18236 
_citation.page_last                 ? 
_citation.year                      2006 
_citation.journal_id_ASTM           JBCHA3 
_citation.country                   US 
_citation.journal_id_ISSN           0021-9258 
_citation.journal_id_CSD            0071 
_citation.book_publisher            ? 
_citation.pdbx_database_id_PubMed   16636066 
_citation.pdbx_database_id_DOI      10.1074/JBC.M512917200 
# 
loop_
_citation_author.citation_id 
_citation_author.name 
_citation_author.ordinal 
_citation_author.identifier_ORCID 
primary 'Frese, S.'       1 ? 
primary 'Schubert, W.-D.' 2 ? 
primary 'Findeis, A.C.'   3 ? 
primary 'Marquardt, T.'   4 ? 
primary 'Roske, Y.S.'     5 ? 
primary 'Stradal, T.E.B.' 6 ? 
primary 'Heinz, D.W.'     7 ? 
# 
_cell.entry_id           2CI8 
_cell.length_a           62.854 
_cell.length_b           82.484 
_cell.length_c           44.538 
_cell.angle_alpha        90.00 
_cell.angle_beta         90.00 
_cell.angle_gamma        90.00 
_cell.Z_PDB              8 
_cell.pdbx_unique_axis   ? 
# 
_symmetry.entry_id                         2CI8 
_symmetry.space_group_name_H-M             'C 2 2 2' 
_symmetry.pdbx_full_space_group_name_H-M   ? 
_symmetry.cell_setting                     ? 
_symmetry.Int_Tables_number                21 
# 
loop_
_entity.id 
_entity.type 
_entity.src_method 
_entity.pdbx_description 
_entity.formula_weight 
_entity.pdbx_number_of_molecules 
_entity.pdbx_ec 
_entity.pdbx_mutation 
_entity.pdbx_fragment 
_entity.details 
1 polymer     man 'CYTOPLASMIC PROTEIN NCK1' 11514.019 1  ? ? 'SH2-DOMAIN, RESIDUES 281-377' ? 
2 non-polymer syn 'SULFATE ION'              96.063    4  ? ? ?                              ? 
3 non-polymer syn 'PENTAETHYLENE GLYCOL'     238.278   1  ? ? ?                              ? 
4 water       nat water                      18.015    67 ? ? ?                              ? 
# 
_entity_name_com.entity_id   1 
_entity_name_com.name        'NCK ADAPTOR PROTEIN 1, SH2/SH3 ADAPTOR PROTEIN NCK-ALPHA' 
# 
_entity_poly.entity_id                      1 
_entity_poly.type                           'polypeptide(L)' 
_entity_poly.nstd_linkage                   no 
_entity_poly.nstd_monomer                   no 
_entity_poly.pdbx_seq_one_letter_code       
;SPWYYGKVTRHQAEMALNERGHEGDFLIRDSESSPNDFSVSLKAQGKNKHFKVQLKETVYCIGQRKFSTMEELVEHYKKA
PIFTSEQGEKLYLVKHLSS
;
_entity_poly.pdbx_seq_one_letter_code_can   
;SPWYYGKVTRHQAEMALNERGHEGDFLIRDSESSPNDFSVSLKAQGKNKHFKVQLKETVYCIGQRKFSTMEELVEHYKKA
PIFTSEQGEKLYLVKHLSS
;
_entity_poly.pdbx_strand_id                 A 
_entity_poly.pdbx_target_identifier         ? 
# 
loop_
_entity_poly_seq.entity_id 
_entity_poly_seq.num 
_entity_poly_seq.mon_id 
_entity_poly_seq.hetero 
1 1  SER n 
1 2  PRO n 
1 3  TRP n 
1 4  TYR n 
1 5  TYR n 
1 6  GLY n 
1 7  LYS n 
1 8  VAL n 
1 9  THR n 
1 10 ARG n 
1 11 HIS n 
1 12 GLN n 
1 13 ALA n 
1 14 GLU n 
1 15 MET n 
1 16 ALA n 
1 17 LEU n 
1 18 ASN n 
1 19 GLU n 
1 20 ARG n 
1 21 GLY n 
1 22 HIS n 
1 23 GLU n 
1 24 GLY n 
1 25 ASP n 
1 26 PHE n 
1 27 LEU n 
1 28 ILE n 
1 29 ARG n 
1 30 ASP n 
1 31 SER n 
1 32 GLU n 
1 33 SER n 
1 34 SER n 
1 35 PRO n 
1 36 ASN n 
1 37 ASP n 
1 38 PHE n 
1 39 SER n 
1 40 VAL n 
1 41 SER n 
1 42 LEU n 
1 43 LYS n 
1 44 ALA n 
1 45 GLN n 
1 46 GLY n 
1 47 LYS n 
1 48 ASN n 
1 49 LYS n 
1 50 HIS n 
1 51 PHE n 
1 52 LYS n 
1 53 VAL n 
1 54 GLN n 
1 55 LEU n 
1 56 LYS n 
1 57 GLU n 
1 58 THR n 
1 59 VAL n 
1 60 TYR n 
1 61 CYS n 
1 62 ILE n 
1 63 GLY n 
1 64 GLN n 
1 65 ARG n 
1 66 LYS n 
1 67 PHE n 
1 68 SER n 
1 69 THR n 
1 70 MET n 
1 71 GLU n 
1 72 GLU n 
1 73 LEU n 
1 74 VAL n 
1 75 GLU n 
1 76 HIS n 
1 77 TYR n 
1 78 LYS n 
1 79 LYS n 
1 80 ALA n 
1 81 PRO n 
1 82 ILE n 
1 83 PHE n 
1 84 THR n 
1 85 SER n 
1 86 GLU n 
1 87 GLN n 
1 88 GLY n 
1 89 GLU n 
1 90 LYS n 
1 91 LEU n 
1 92 TYR n 
1 93 LEU n 
1 94 VAL n 
1 95 LYS n 
1 96 HIS n 
1 97 LEU n 
1 98 SER n 
1 99 SER n 
# 
_entity_src_gen.entity_id                          1 
_entity_src_gen.pdbx_src_id                        1 
_entity_src_gen.pdbx_alt_source_flag               sample 
_entity_src_gen.pdbx_seq_type                      ? 
_entity_src_gen.pdbx_beg_seq_num                   ? 
_entity_src_gen.pdbx_end_seq_num                   ? 
_entity_src_gen.gene_src_common_name               HUMAN 
_entity_src_gen.gene_src_genus                     ? 
_entity_src_gen.pdbx_gene_src_gene                 ? 
_entity_src_gen.gene_src_species                   ? 
_entity_src_gen.gene_src_strain                    ? 
_entity_src_gen.gene_src_tissue                    ? 
_entity_src_gen.gene_src_tissue_fraction           ? 
_entity_src_gen.gene_src_details                   ? 
_entity_src_gen.pdbx_gene_src_fragment             ? 
_entity_src_gen.pdbx_gene_src_scientific_name      'HOMO SAPIENS' 
_entity_src_gen.pdbx_gene_src_ncbi_taxonomy_id     9606 
_entity_src_gen.pdbx_gene_src_variant              ? 
_entity_src_gen.pdbx_gene_src_cell_line            ? 
_entity_src_gen.pdbx_gene_src_atcc                 ? 
_entity_src_gen.pdbx_gene_src_organ                ? 
_entity_src_gen.pdbx_gene_src_organelle            ? 
_entity_src_gen.pdbx_gene_src_cell                 ? 
_entity_src_gen.pdbx_gene_src_cellular_location    ? 
_entity_src_gen.host_org_common_name               ? 
_entity_src_gen.pdbx_host_org_scientific_name      'ESCHERICHIA COLI' 
_entity_src_gen.pdbx_host_org_ncbi_taxonomy_id     511693 
_entity_src_gen.host_org_genus                     ? 
_entity_src_gen.pdbx_host_org_gene                 ? 
_entity_src_gen.pdbx_host_org_organ                ? 
_entity_src_gen.host_org_species                   ? 
_entity_src_gen.pdbx_host_org_tissue               ? 
_entity_src_gen.pdbx_host_org_tissue_fraction      ? 
_entity_src_gen.pdbx_host_org_strain               BL21 
_entity_src_gen.pdbx_host_org_variant              ? 
_entity_src_gen.pdbx_host_org_cell_line            ? 
_entity_src_gen.pdbx_host_org_atcc                 ? 
_entity_src_gen.pdbx_host_org_culture_collection   ? 
_entity_src_gen.pdbx_host_org_cell                 ? 
_entity_src_gen.pdbx_host_org_organelle            ? 
_entity_src_gen.pdbx_host_org_cellular_location    ? 
_entity_src_gen.pdbx_host_org_vector_type          ? 
_entity_src_gen.pdbx_host_org_vector               ? 
_entity_src_gen.host_org_details                   ? 
_entity_src_gen.expression_system_id               ? 
_entity_src_gen.plasmid_name                       'PGEX-6P-1 (AMERSHAM BIOSCIENCES)' 
_entity_src_gen.plasmid_details                    ? 
_entity_src_gen.pdbx_description                   ? 
# 
_struct_ref.id                         1 
_struct_ref.db_name                    UNP 
_struct_ref.db_code                    NCK1_HUMAN 
_struct_ref.entity_id                  1 
_struct_ref.pdbx_seq_one_letter_code   ? 
_struct_ref.pdbx_align_begin           ? 
_struct_ref.pdbx_db_accession          P16333 
_struct_ref.pdbx_db_isoform            ? 
# 
_struct_ref_seq.align_id                      1 
_struct_ref_seq.ref_id                        1 
_struct_ref_seq.pdbx_PDB_id_code              2CI8 
_struct_ref_seq.pdbx_strand_id                A 
_struct_ref_seq.seq_align_beg                 2 
_struct_ref_seq.pdbx_seq_align_beg_ins_code   ? 
_struct_ref_seq.seq_align_end                 98 
_struct_ref_seq.pdbx_seq_align_end_ins_code   ? 
_struct_ref_seq.pdbx_db_accession             P16333 
_struct_ref_seq.db_align_beg                  281 
_struct_ref_seq.pdbx_db_align_beg_ins_code    ? 
_struct_ref_seq.db_align_end                  377 
_struct_ref_seq.pdbx_db_align_end_ins_code    ? 
_struct_ref_seq.pdbx_auth_seq_align_beg       281 
_struct_ref_seq.pdbx_auth_seq_align_end       377 
# 
loop_
_struct_ref_seq_dif.align_id 
_struct_ref_seq_dif.pdbx_pdb_id_code 
_struct_ref_seq_dif.mon_id 
_struct_ref_seq_dif.pdbx_pdb_strand_id 
_struct_ref_seq_dif.seq_num 
_struct_ref_seq_dif.pdbx_pdb_ins_code 
_struct_ref_seq_dif.pdbx_seq_db_name 
_struct_ref_seq_dif.pdbx_seq_db_accession_code 
_struct_ref_seq_dif.db_mon_id 
_struct_ref_seq_dif.pdbx_seq_db_seq_num 
_struct_ref_seq_dif.details 
_struct_ref_seq_dif.pdbx_auth_seq_num 
_struct_ref_seq_dif.pdbx_ordinal 
1 2CI8 SER A 1  ? UNP P16333 ? ? 'expression tag' 280 1 
1 2CI8 SER A 99 ? UNP P16333 ? ? 'expression tag' 378 2 
# 
loop_
_chem_comp.id 
_chem_comp.type 
_chem_comp.mon_nstd_flag 
_chem_comp.name 
_chem_comp.pdbx_synonyms 
_chem_comp.formula 
_chem_comp.formula_weight 
1PE non-polymer         . 'PENTAETHYLENE GLYCOL' PEG400 'C10 H22 O6'     238.278 
ALA 'L-peptide linking' y ALANINE                ?      'C3 H7 N O2'     89.093  
ARG 'L-peptide linking' y ARGININE               ?      'C6 H15 N4 O2 1' 175.209 
ASN 'L-peptide linking' y ASPARAGINE             ?      'C4 H8 N2 O3'    132.118 
ASP 'L-peptide linking' y 'ASPARTIC ACID'        ?      'C4 H7 N O4'     133.103 
CYS 'L-peptide linking' y CYSTEINE               ?      'C3 H7 N O2 S'   121.158 
GLN 'L-peptide linking' y GLUTAMINE              ?      'C5 H10 N2 O3'   146.144 
GLU 'L-peptide linking' y 'GLUTAMIC ACID'        ?      'C5 H9 N O4'     147.129 
GLY 'peptide linking'   y GLYCINE                ?      'C2 H5 N O2'     75.067  
HIS 'L-peptide linking' y HISTIDINE              ?      'C6 H10 N3 O2 1' 156.162 
HOH non-polymer         . WATER                  ?      'H2 O'           18.015  
ILE 'L-peptide linking' y ISOLEUCINE             ?      'C6 H13 N O2'    131.173 
LEU 'L-peptide linking' y LEUCINE                ?      'C6 H13 N O2'    131.173 
LYS 'L-peptide linking' y LYSINE                 ?      'C6 H15 N2 O2 1' 147.195 
MET 'L-peptide linking' y METHIONINE             ?      'C5 H11 N O2 S'  149.211 
PHE 'L-peptide linking' y PHENYLALANINE          ?      'C9 H11 N O2'    165.189 
PRO 'L-peptide linking' y PROLINE                ?      'C5 H9 N O2'     115.130 
SER 'L-peptide linking' y SERINE                 ?      'C3 H7 N O3'     105.093 
SO4 non-polymer         . 'SULFATE ION'          ?      'O4 S -2'        96.063  
THR 'L-peptide linking' y THREONINE              ?      'C4 H9 N O3'     119.119 
TRP 'L-peptide linking' y TRYPTOPHAN             ?      'C11 H12 N2 O2'  204.225 
TYR 'L-peptide linking' y TYROSINE               ?      'C9 H11 N O3'    181.189 
VAL 'L-peptide linking' y VALINE                 ?      'C5 H11 N O2'    117.146 
# 
_exptl.entry_id          2CI8 
_exptl.method            'X-RAY DIFFRACTION' 
_exptl.crystals_number   1 
# 
_exptl_crystal.id                    1 
_exptl_crystal.density_meas          ? 
_exptl_crystal.density_Matthews      2.46 
_exptl_crystal.density_percent_sol   49.6 
_exptl_crystal.description           ? 
# 
_exptl_crystal_grow.crystal_id      1 
_exptl_crystal_grow.method          'VAPOR DIFFUSION, HANGING DROP' 
_exptl_crystal_grow.temp            277 
_exptl_crystal_grow.temp_details    ? 
_exptl_crystal_grow.pH              6.50 
_exptl_crystal_grow.pdbx_pH_range   ? 
_exptl_crystal_grow.pdbx_details    
;METHOD: HANGING-DROP, VAPOR-DIFFUSION AT 4 DEGREES C, PROTEIN: 8 MG/ML PROTEIN IN 20 MM TRIS/HCL, PH 8.0, RESERVOIR: 25% PEG5000 MME, 0.1M MES PH 6.5, 0.2M (NH4)2SO4, 0.1M GUANIDINE HCL. CRYOPROTECTANT: 20% MPD
;
# 
_diffrn.id                     1 
_diffrn.ambient_temp           100.0 
_diffrn.ambient_temp_details   ? 
_diffrn.crystal_id             1 
# 
_diffrn_detector.diffrn_id              1 
_diffrn_detector.detector               CCD 
_diffrn_detector.type                   MARRESEARCH 
_diffrn_detector.pdbx_collection_date   2003-04-17 
_diffrn_detector.details                ? 
# 
_diffrn_radiation.diffrn_id                        1 
_diffrn_radiation.wavelength_id                    1 
_diffrn_radiation.pdbx_monochromatic_or_laue_m_l   M 
_diffrn_radiation.monochromator                    ? 
_diffrn_radiation.pdbx_diffrn_protocol             'SINGLE WAVELENGTH' 
_diffrn_radiation.pdbx_scattering_type             x-ray 
# 
_diffrn_radiation_wavelength.id           1 
_diffrn_radiation_wavelength.wavelength   0.91977 
_diffrn_radiation_wavelength.wt           1.0 
# 
_diffrn_source.diffrn_id                   1 
_diffrn_source.source                      SYNCHROTRON 
_diffrn_source.type                        'BESSY BEAMLINE 14.1' 
_diffrn_source.pdbx_synchrotron_site       BESSY 
_diffrn_source.pdbx_synchrotron_beamline   14.1 
_diffrn_source.pdbx_wavelength             0.91977 
_diffrn_source.pdbx_wavelength_list        ? 
# 
_reflns.pdbx_diffrn_id               1 
_reflns.pdbx_ordinal                 1 
_reflns.entry_id                     2CI8 
_reflns.observed_criterion_sigma_I   0.000 
_reflns.observed_criterion_sigma_F   ? 
_reflns.d_resolution_low             30.000 
_reflns.d_resolution_high            1.800 
_reflns.number_obs                   11119 
_reflns.number_all                   ? 
_reflns.percent_possible_obs         99.1 
_reflns.pdbx_Rmerge_I_obs            0.05000 
_reflns.pdbx_Rsym_value              ? 
_reflns.pdbx_netI_over_sigmaI        34.3000 
_reflns.B_iso_Wilson_estimate        ? 
_reflns.pdbx_redundancy              6.100 
# 
_reflns_shell.pdbx_diffrn_id         1 
_reflns_shell.pdbx_ordinal           1 
_reflns_shell.d_res_high             1.80 
_reflns_shell.d_res_low              1.85 
_reflns_shell.percent_possible_all   95.5 
_reflns_shell.Rmerge_I_obs           0.37000 
_reflns_shell.pdbx_Rsym_value        ? 
_reflns_shell.meanI_over_sigI_obs    3.200 
_reflns_shell.pdbx_redundancy        4.60 
# 
_refine.pdbx_refine_id                           'X-RAY DIFFRACTION' 
_refine.entry_id                                 2CI8 
_refine.pdbx_diffrn_id                           1 
_refine.pdbx_TLS_residual_ADP_flag               'LIKELY RESIDUAL' 
_refine.ls_number_reflns_obs                     10457 
_refine.ls_number_reflns_all                     ? 
_refine.pdbx_ls_sigma_I                          ? 
_refine.pdbx_ls_sigma_F                          ? 
_refine.pdbx_data_cutoff_high_absF               ? 
_refine.pdbx_data_cutoff_low_absF                ? 
_refine.pdbx_data_cutoff_high_rms_absF           ? 
_refine.ls_d_res_low                             30.26 
_refine.ls_d_res_high                            1.80 
_refine.ls_percent_reflns_obs                    99.2 
_refine.ls_R_factor_obs                          0.232 
_refine.ls_R_factor_all                          ? 
_refine.ls_R_factor_R_work                       0.230 
_refine.ls_R_factor_R_free                       0.274 
_refine.ls_R_factor_R_free_error                 ? 
_refine.ls_R_factor_R_free_error_details         ? 
_refine.ls_percent_reflns_R_free                 4.800 
_refine.ls_number_reflns_R_free                  526 
_refine.ls_number_parameters                     ? 
_refine.ls_number_restraints                     ? 
_refine.occupancy_min                            ? 
_refine.occupancy_max                            ? 
_refine.correlation_coeff_Fo_to_Fc               0.934 
_refine.correlation_coeff_Fo_to_Fc_free          0.913 
_refine.B_iso_mean                               25.14 
_refine.aniso_B[1][1]                            -0.01000 
_refine.aniso_B[2][2]                            0.01000 
_refine.aniso_B[3][3]                            0.00000 
_refine.aniso_B[1][2]                            0.00000 
_refine.aniso_B[1][3]                            0.00000 
_refine.aniso_B[2][3]                            0.00000 
_refine.solvent_model_details                    'BABINET MODEL WITH MASK' 
_refine.solvent_model_param_ksol                 ? 
_refine.solvent_model_param_bsol                 ? 
_refine.pdbx_solvent_vdw_probe_radii             1.40 
_refine.pdbx_solvent_ion_probe_radii             0.80 
_refine.pdbx_solvent_shrinkage_radii             0.80 
_refine.pdbx_ls_cross_valid_method               THROUGHOUT 
_refine.details                                  'HYDROGENS HAVE BEEN ADDED IN THE RIDING POSITIONS' 
_refine.pdbx_starting_model                      'PDB ENTRY 1JYU' 
_refine.pdbx_method_to_determine_struct          'MOLECULAR REPLACEMENT' 
_refine.pdbx_isotropic_thermal_model             ? 
_refine.pdbx_stereochemistry_target_values       'MAXIMUM LIKELIHOOD' 
_refine.pdbx_stereochem_target_val_spec_case     ? 
_refine.pdbx_R_Free_selection_details            RANDOM 
_refine.pdbx_overall_ESU_R                       0.169 
_refine.pdbx_overall_ESU_R_Free                  0.157 
_refine.overall_SU_ML                            0.112 
_refine.pdbx_overall_phase_error                 ? 
_refine.overall_SU_B                             3.556 
_refine.overall_SU_R_Cruickshank_DPI             ? 
_refine.pdbx_overall_SU_R_free_Cruickshank_DPI   ? 
_refine.pdbx_overall_SU_R_Blow_DPI               ? 
_refine.pdbx_overall_SU_R_free_Blow_DPI          ? 
# 
_refine_hist.pdbx_refine_id                   'X-RAY DIFFRACTION' 
_refine_hist.cycle_id                         LAST 
_refine_hist.pdbx_number_atoms_protein        805 
_refine_hist.pdbx_number_atoms_nucleic_acid   0 
_refine_hist.pdbx_number_atoms_ligand         35 
_refine_hist.number_atoms_solvent             67 
_refine_hist.number_atoms_total               907 
_refine_hist.d_res_high                       1.80 
_refine_hist.d_res_low                        30.26 
# 
loop_
_refine_ls_restr.type 
_refine_ls_restr.dev_ideal 
_refine_ls_restr.dev_ideal_target 
_refine_ls_restr.weight 
_refine_ls_restr.number 
_refine_ls_restr.pdbx_refine_id 
_refine_ls_restr.pdbx_restraint_function 
r_bond_refined_d             0.019  0.021  ? 981  'X-RAY DIFFRACTION' ? 
r_bond_other_d               0.005  0.020  ? 687  'X-RAY DIFFRACTION' ? 
r_angle_refined_deg          1.813  1.964  ? 1314 'X-RAY DIFFRACTION' ? 
r_angle_other_deg            3.305  3.000  ? 1695 'X-RAY DIFFRACTION' ? 
r_dihedral_angle_1_deg       5.456  5.000  ? 109  'X-RAY DIFFRACTION' ? 
r_dihedral_angle_2_deg       31.956 24.182 ? 55   'X-RAY DIFFRACTION' ? 
r_dihedral_angle_3_deg       16.166 15.000 ? 192  'X-RAY DIFFRACTION' ? 
r_dihedral_angle_4_deg       12.242 15.000 ? 5    'X-RAY DIFFRACTION' ? 
r_chiral_restr               0.393  0.200  ? 121  'X-RAY DIFFRACTION' ? 
r_gen_planes_refined         0.009  0.020  ? 1053 'X-RAY DIFFRACTION' ? 
r_gen_planes_other           0.003  0.020  ? 203  'X-RAY DIFFRACTION' ? 
r_nbd_refined                0.208  0.300  ? 167  'X-RAY DIFFRACTION' ? 
r_nbd_other                  0.180  0.300  ? 650  'X-RAY DIFFRACTION' ? 
r_nbtor_refined              0.200  0.500  ? 428  'X-RAY DIFFRACTION' ? 
r_nbtor_other                0.151  0.500  ? 506  'X-RAY DIFFRACTION' ? 
r_xyhbond_nbd_refined        0.204  0.500  ? 101  'X-RAY DIFFRACTION' ? 
r_xyhbond_nbd_other          ?      ?      ? ?    'X-RAY DIFFRACTION' ? 
r_metal_ion_refined          ?      ?      ? ?    'X-RAY DIFFRACTION' ? 
r_metal_ion_other            ?      ?      ? ?    'X-RAY DIFFRACTION' ? 
r_symmetry_vdw_refined       0.171  0.300  ? 31   'X-RAY DIFFRACTION' ? 
r_symmetry_vdw_other         0.201  0.300  ? 61   'X-RAY DIFFRACTION' ? 
r_symmetry_hbond_refined     0.284  0.500  ? 17   'X-RAY DIFFRACTION' ? 
r_symmetry_hbond_other       ?      ?      ? ?    'X-RAY DIFFRACTION' ? 
r_symmetry_metal_ion_refined ?      ?      ? ?    'X-RAY DIFFRACTION' ? 
r_symmetry_metal_ion_other   ?      ?      ? ?    'X-RAY DIFFRACTION' ? 
r_mcbond_it                  ?      ?      ? ?    'X-RAY DIFFRACTION' ? 
r_mcbond_other               ?      ?      ? ?    'X-RAY DIFFRACTION' ? 
r_mcangle_it                 ?      ?      ? ?    'X-RAY DIFFRACTION' ? 
r_mcangle_other              ?      ?      ? ?    'X-RAY DIFFRACTION' ? 
r_scbond_it                  ?      ?      ? ?    'X-RAY DIFFRACTION' ? 
r_scbond_other               ?      ?      ? ?    'X-RAY DIFFRACTION' ? 
r_scangle_it                 ?      ?      ? ?    'X-RAY DIFFRACTION' ? 
r_scangle_other              ?      ?      ? ?    'X-RAY DIFFRACTION' ? 
r_long_range_B_refined       ?      ?      ? ?    'X-RAY DIFFRACTION' ? 
r_long_range_B_other         ?      ?      ? ?    'X-RAY DIFFRACTION' ? 
r_rigid_bond_restr           ?      ?      ? ?    'X-RAY DIFFRACTION' ? 
r_sphericity_free            ?      ?      ? ?    'X-RAY DIFFRACTION' ? 
r_sphericity_bonded          ?      ?      ? ?    'X-RAY DIFFRACTION' ? 
# 
_refine_ls_shell.pdbx_refine_id                   'X-RAY DIFFRACTION' 
_refine_ls_shell.pdbx_total_number_of_bins_used   20 
_refine_ls_shell.d_res_high                       1.80 
_refine_ls_shell.d_res_low                        1.85 
_refine_ls_shell.number_reflns_R_work             753 
_refine_ls_shell.R_factor_R_work                  0.2690 
_refine_ls_shell.percent_reflns_obs               97.26 
_refine_ls_shell.R_factor_R_free                  0.4640 
_refine_ls_shell.R_factor_R_free_error            ? 
_refine_ls_shell.percent_reflns_R_free            ? 
_refine_ls_shell.number_reflns_R_free             27 
_refine_ls_shell.number_reflns_all                ? 
_refine_ls_shell.R_factor_all                     ? 
# 
_struct.entry_id                  2CI8 
_struct.title                     'sh2 domain of human nck1 adaptor protein - uncomplexed' 
_struct.pdbx_model_details        ? 
_struct.pdbx_CASP_flag            ? 
_struct.pdbx_model_type_details   ? 
# 
_struct_keywords.entry_id        2CI8 
_struct_keywords.pdbx_keywords   TRANSLATION 
_struct_keywords.text            'TRANSLATION, BINDING SPECIFICITY, HOST-PATHOGEN, INTERACTIONS' 
# 
loop_
_struct_asym.id 
_struct_asym.pdbx_blank_PDB_chainid_flag 
_struct_asym.pdbx_modified 
_struct_asym.entity_id 
_struct_asym.details 
A N N 1 ? 
B N N 2 ? 
C N N 2 ? 
D N N 2 ? 
E N N 2 ? 
F N N 3 ? 
G N N 4 ? 
# 
_struct_biol.id        1 
_struct_biol.details   
;THE DIMER IS A STRAND EXCHANGE DIMER AND                     
 MAYNOT HAVE BIOLOGICAL SIGNIFICANCE.
;
# 
loop_
_struct_conf.conf_type_id 
_struct_conf.id 
_struct_conf.pdbx_PDB_helix_id 
_struct_conf.beg_label_comp_id 
_struct_conf.beg_label_asym_id 
_struct_conf.beg_label_seq_id 
_struct_conf.pdbx_beg_PDB_ins_code 
_struct_conf.end_label_comp_id 
_struct_conf.end_label_asym_id 
_struct_conf.end_label_seq_id 
_struct_conf.pdbx_end_PDB_ins_code 
_struct_conf.beg_auth_comp_id 
_struct_conf.beg_auth_asym_id 
_struct_conf.beg_auth_seq_id 
_struct_conf.end_auth_comp_id 
_struct_conf.end_auth_asym_id 
_struct_conf.end_auth_seq_id 
_struct_conf.pdbx_PDB_helix_class 
_struct_conf.details 
_struct_conf.pdbx_PDB_helix_length 
HELX_P HELX_P1 1 THR A 9  ? GLY A 21 ? THR A 288 GLY A 300 1 ? 13 
HELX_P HELX_P2 2 THR A 69 ? ALA A 80 ? THR A 348 ALA A 359 1 ? 12 
# 
_struct_conf_type.id          HELX_P 
_struct_conf_type.criteria    ? 
_struct_conf_type.reference   ? 
# 
loop_
_struct_sheet.id 
_struct_sheet.type 
_struct_sheet.number_strands 
_struct_sheet.details 
AA ? 3 ? 
AB ? 2 ? 
AC ? 2 ? 
# 
loop_
_struct_sheet_order.sheet_id 
_struct_sheet_order.range_id_1 
_struct_sheet_order.range_id_2 
_struct_sheet_order.offset 
_struct_sheet_order.sense 
AA 1 2 ? anti-parallel 
AA 2 3 ? anti-parallel 
AB 1 2 ? anti-parallel 
AC 1 2 ? anti-parallel 
# 
loop_
_struct_sheet_range.sheet_id 
_struct_sheet_range.id 
_struct_sheet_range.beg_label_comp_id 
_struct_sheet_range.beg_label_asym_id 
_struct_sheet_range.beg_label_seq_id 
_struct_sheet_range.pdbx_beg_PDB_ins_code 
_struct_sheet_range.end_label_comp_id 
_struct_sheet_range.end_label_asym_id 
_struct_sheet_range.end_label_seq_id 
_struct_sheet_range.pdbx_end_PDB_ins_code 
_struct_sheet_range.beg_auth_comp_id 
_struct_sheet_range.beg_auth_asym_id 
_struct_sheet_range.beg_auth_seq_id 
_struct_sheet_range.end_auth_comp_id 
_struct_sheet_range.end_auth_asym_id 
_struct_sheet_range.end_auth_seq_id 
AA 1 PHE A 26 ? ASP A 30 ? PHE A 305 ASP A 309 
AA 2 PHE A 38 ? ALA A 44 ? PHE A 317 ALA A 323 
AA 3 LYS A 47 ? VAL A 53 ? LYS A 326 VAL A 332 
AB 1 TYR A 60 ? ILE A 62 ? TYR A 339 ILE A 341 
AB 2 ARG A 65 ? PHE A 67 ? ARG A 344 PHE A 346 
AC 1 PHE A 83 ? THR A 84 ? PHE A 362 THR A 363 
AC 2 LYS A 90 ? LEU A 91 ? LYS A 369 LEU A 370 
# 
loop_
_pdbx_struct_sheet_hbond.sheet_id 
_pdbx_struct_sheet_hbond.range_id_1 
_pdbx_struct_sheet_hbond.range_id_2 
_pdbx_struct_sheet_hbond.range_1_label_atom_id 
_pdbx_struct_sheet_hbond.range_1_label_comp_id 
_pdbx_struct_sheet_hbond.range_1_label_asym_id 
_pdbx_struct_sheet_hbond.range_1_label_seq_id 
_pdbx_struct_sheet_hbond.range_1_PDB_ins_code 
_pdbx_struct_sheet_hbond.range_1_auth_atom_id 
_pdbx_struct_sheet_hbond.range_1_auth_comp_id 
_pdbx_struct_sheet_hbond.range_1_auth_asym_id 
_pdbx_struct_sheet_hbond.range_1_auth_seq_id 
_pdbx_struct_sheet_hbond.range_2_label_atom_id 
_pdbx_struct_sheet_hbond.range_2_label_comp_id 
_pdbx_struct_sheet_hbond.range_2_label_asym_id 
_pdbx_struct_sheet_hbond.range_2_label_seq_id 
_pdbx_struct_sheet_hbond.range_2_PDB_ins_code 
_pdbx_struct_sheet_hbond.range_2_auth_atom_id 
_pdbx_struct_sheet_hbond.range_2_auth_comp_id 
_pdbx_struct_sheet_hbond.range_2_auth_asym_id 
_pdbx_struct_sheet_hbond.range_2_auth_seq_id 
AA 1 2 N ARG A 29 ? N ARG A 308 O SER A 39 ? O SER A 318 
AA 2 3 N ALA A 44 ? N ALA A 323 O LYS A 47 ? O LYS A 326 
AB 1 2 N ILE A 62 ? N ILE A 341 O ARG A 65 ? O ARG A 344 
AC 1 2 O PHE A 83 ? O PHE A 362 N LEU A 91 ? N LEU A 370 
# 
loop_
_struct_site.id 
_struct_site.pdbx_evidence_code 
_struct_site.pdbx_auth_asym_id 
_struct_site.pdbx_auth_comp_id 
_struct_site.pdbx_auth_seq_id 
_struct_site.pdbx_auth_ins_code 
_struct_site.pdbx_num_residues 
_struct_site.details 
AC1 Software A SO4 381 ? 8 'BINDING SITE FOR RESIDUE SO4 A 381' 
AC2 Software A SO4 382 ? 6 'BINDING SITE FOR RESIDUE SO4 A 382' 
AC3 Software A SO4 383 ? 2 'BINDING SITE FOR RESIDUE SO4 A 383' 
AC4 Software A SO4 384 ? 3 'BINDING SITE FOR RESIDUE SO4 A 384' 
AC5 Software A 1PE 482 ? 6 'BINDING SITE FOR RESIDUE 1PE A 482' 
# 
loop_
_struct_site_gen.id 
_struct_site_gen.site_id 
_struct_site_gen.pdbx_num_res 
_struct_site_gen.label_comp_id 
_struct_site_gen.label_asym_id 
_struct_site_gen.label_seq_id 
_struct_site_gen.pdbx_auth_ins_code 
_struct_site_gen.auth_comp_id 
_struct_site_gen.auth_asym_id 
_struct_site_gen.auth_seq_id 
_struct_site_gen.label_atom_id 
_struct_site_gen.label_alt_id 
_struct_site_gen.symmetry 
_struct_site_gen.details 
1  AC1 8 ARG A 10 ? ARG A 289  . ? 1_555 ? 
2  AC1 8 ARG A 29 ? ARG A 308  . ? 1_555 ? 
3  AC1 8 SER A 31 ? SER A 310  . ? 1_555 ? 
4  AC1 8 GLU A 32 ? GLU A 311  . ? 1_555 ? 
5  AC1 8 SER A 33 ? SER A 312  . ? 1_555 ? 
6  AC1 8 SER A 39 ? SER A 318  . ? 1_555 ? 
7  AC1 8 LYS A 52 ? LYS A 331  . ? 1_555 ? 
8  AC1 8 HOH G .  ? HOH A 2065 . ? 1_555 ? 
9  AC2 6 HIS A 11 ? HIS A 290  . ? 1_555 ? 
10 AC2 6 GLN A 12 ? GLN A 291  . ? 1_555 ? 
11 AC2 6 MET A 15 ? MET A 294  . ? 1_555 ? 
12 AC2 6 GLU A 19 ? GLU A 298  . ? 1_555 ? 
13 AC2 6 ARG A 20 ? ARG A 299  . ? 1_555 ? 
14 AC2 6 HOH G .  ? HOH A 2018 . ? 1_555 ? 
15 AC3 2 HIS A 22 ? HIS A 301  . ? 1_555 ? 
16 AC3 2 GLU A 23 ? GLU A 302  . ? 1_555 ? 
17 AC4 3 LYS A 78 ? LYS A 357  . ? 1_555 ? 
18 AC4 3 LYS A 95 ? LYS A 374  . ? 1_555 ? 
19 AC4 3 HIS A 96 ? HIS A 375  . ? 1_555 ? 
20 AC5 6 SER A 1  ? SER A 280  . ? 1_555 ? 
21 AC5 6 TYR A 4  ? TYR A 283  . ? 1_555 ? 
22 AC5 6 TYR A 5  ? TYR A 284  . ? 1_555 ? 
23 AC5 6 LYS A 7  ? LYS A 286  . ? 1_555 ? 
24 AC5 6 ASP A 30 ? ASP A 309  . ? 1_555 ? 
25 AC5 6 HOH G .  ? HOH A 2011 . ? 1_555 ? 
# 
_atom_sites.entry_id                    2CI8 
_atom_sites.fract_transf_matrix[1][1]   0.01035575 
_atom_sites.fract_transf_matrix[1][2]   -0.00871750 
_atom_sites.fract_transf_matrix[1][3]   0.00836013 
_atom_sites.fract_transf_matrix[2][1]   -0.00599543 
_atom_sites.fract_transf_matrix[2][2]   0.00265717 
_atom_sites.fract_transf_matrix[2][3]   0.01019734 
_atom_sites.fract_transf_matrix[3][1]   -0.01293331 
_atom_sites.fract_transf_matrix[3][2]   -0.01812645 
_atom_sites.fract_transf_matrix[3][3]   -0.00288072 
_atom_sites.fract_transf_vector[1]      0.388014 
_atom_sites.fract_transf_vector[2]      0.397608 
_atom_sites.fract_transf_vector[3]      0.533769 
# 
loop_
_atom_type.symbol 
C 
N 
O 
S 
# 
loop_
_atom_site.group_PDB 
_atom_site.id 
_atom_site.type_symbol 
_atom_site.label_atom_id 
_atom_site.label_alt_id 
_atom_site.label_comp_id 
_atom_site.label_asym_id 
_atom_site.label_entity_id 
_atom_site.label_seq_id 
_atom_site.pdbx_PDB_ins_code 
_atom_site.Cartn_x 
_atom_site.Cartn_y 
_atom_site.Cartn_z 
_atom_site.occupancy 
_atom_site.B_iso_or_equiv 
_atom_site.pdbx_formal_charge 
_atom_site.auth_seq_id 
_atom_site.auth_comp_id 
_atom_site.auth_asym_id 
_atom_site.auth_atom_id 
_atom_site.pdbx_PDB_model_num 
ATOM   1    N N   . SER A 1 1  ? -1.269  5.138   9.810   1.00 49.18 ? 280  SER A N   1 
ATOM   2    C CA  . SER A 1 1  ? -0.404  5.904   8.863   1.00 46.02 ? 280  SER A CA  1 
ATOM   3    C C   . SER A 1 1  ? -0.879  7.361   8.694   1.00 45.15 ? 280  SER A C   1 
ATOM   4    O O   . SER A 1 1  ? -1.485  7.689   7.695   1.00 42.29 ? 280  SER A O   1 
ATOM   5    C CB  . SER A 1 1  ? -0.363  5.229   7.481   1.00 46.82 ? 280  SER A CB  1 
ATOM   6    O OG  . SER A 1 1  ? -0.053  3.858   7.560   1.00 48.07 ? 280  SER A OG  1 
ATOM   7    N N   . PRO A 1 2  ? -0.586  8.236   9.673   1.00 44.77 ? 281  PRO A N   1 
ATOM   8    C CA  . PRO A 1 2  ? -0.951  9.650   9.636   1.00 42.21 ? 281  PRO A CA  1 
ATOM   9    C C   . PRO A 1 2  ? -0.722  10.443  8.331   1.00 38.82 ? 281  PRO A C   1 
ATOM   10   O O   . PRO A 1 2  ? -1.451  11.414  8.104   1.00 34.92 ? 281  PRO A O   1 
ATOM   11   C CB  . PRO A 1 2  ? -0.122  10.238  10.768  1.00 44.88 ? 281  PRO A CB  1 
ATOM   12   C CG  . PRO A 1 2  ? -0.053  9.163   11.751  1.00 46.45 ? 281  PRO A CG  1 
ATOM   13   C CD  . PRO A 1 2  ? 0.093   7.904   10.941  1.00 46.97 ? 281  PRO A CD  1 
ATOM   14   N N   . TRP A 1 3  ? 0.254   10.034  7.497   1.00 35.45 ? 282  TRP A N   1 
ATOM   15   C CA  . TRP A 1 3  ? 0.557   10.702  6.167   1.00 36.82 ? 282  TRP A CA  1 
ATOM   16   C C   . TRP A 1 3  ? -0.502  10.528  5.078   1.00 34.35 ? 282  TRP A C   1 
ATOM   17   O O   . TRP A 1 3  ? -0.469  11.244  4.056   1.00 36.39 ? 282  TRP A O   1 
ATOM   18   C CB  . TRP A 1 3  ? 1.884   10.161  5.522   1.00 38.09 ? 282  TRP A CB  1 
ATOM   19   C CG  . TRP A 1 3  ? 1.884   8.628   5.279   1.00 38.82 ? 282  TRP A CG  1 
ATOM   20   C CD1 . TRP A 1 3  ? 2.408   7.689   6.118   1.00 40.09 ? 282  TRP A CD1 1 
ATOM   21   C CD2 . TRP A 1 3  ? 1.302   7.882   4.176   1.00 39.93 ? 282  TRP A CD2 1 
ATOM   22   N NE1 . TRP A 1 3  ? 2.201   6.420   5.624   1.00 39.01 ? 282  TRP A NE1 1 
ATOM   23   C CE2 . TRP A 1 3  ? 1.533   6.505   4.436   1.00 39.05 ? 282  TRP A CE2 1 
ATOM   24   C CE3 . TRP A 1 3  ? 0.615   8.237   3.005   1.00 40.88 ? 282  TRP A CE3 1 
ATOM   25   C CZ2 . TRP A 1 3  ? 1.120   5.495   3.568   1.00 38.71 ? 282  TRP A CZ2 1 
ATOM   26   C CZ3 . TRP A 1 3  ? 0.216   7.227   2.134   1.00 40.84 ? 282  TRP A CZ3 1 
ATOM   27   C CH2 . TRP A 1 3  ? 0.457   5.868   2.431   1.00 40.59 ? 282  TRP A CH2 1 
ATOM   28   N N   A TYR A 1 4  ? -1.450  9.566   5.249   0.80 34.62 ? 283  TYR A N   1 
ATOM   29   N N   B TYR A 1 4  ? -1.368  9.580   5.289   0.20 26.36 ? 283  TYR A N   1 
ATOM   30   C CA  A TYR A 1 4  ? -2.515  9.220   4.217   0.80 31.32 ? 283  TYR A CA  1 
ATOM   31   C CA  B TYR A 1 4  ? -2.309  9.255   4.321   0.20 19.51 ? 283  TYR A CA  1 
ATOM   32   C C   A TYR A 1 4  ? -3.867  9.954   4.399   0.80 30.65 ? 283  TYR A C   1 
ATOM   33   C C   B TYR A 1 4  ? -3.335  10.337  4.292   0.20 18.95 ? 283  TYR A C   1 
ATOM   34   O O   A TYR A 1 4  ? -4.502  9.859   5.432   0.80 23.26 ? 283  TYR A O   1 
ATOM   35   O O   B TYR A 1 4  ? -3.040  11.517  4.518   0.20 17.29 ? 283  TYR A O   1 
ATOM   36   C CB  A TYR A 1 4  ? -2.740  7.697   4.187   0.80 35.08 ? 283  TYR A CB  1 
ATOM   37   C CB  B TYR A 1 4  ? -2.884  7.920   4.694   0.20 14.10 ? 283  TYR A CB  1 
ATOM   38   C CG  A TYR A 1 4  ? -3.902  7.242   3.334   0.80 35.30 ? 283  TYR A CG  1 
ATOM   39   C CG  B TYR A 1 4  ? -3.297  7.029   3.589   0.20 10.61 ? 283  TYR A CG  1 
ATOM   40   C CD1 A TYR A 1 4  ? -3.911  7.452   1.960   0.80 38.43 ? 283  TYR A CD1 1 
ATOM   41   C CD1 B TYR A 1 4  ? -2.925  7.252   2.237   0.20 10.52 ? 283  TYR A CD1 1 
ATOM   42   C CD2 A TYR A 1 4  ? -4.993  6.595   3.886   0.80 37.87 ? 283  TYR A CD2 1 
ATOM   43   C CD2 B TYR A 1 4  ? -3.964  5.871   3.901   0.20 10.69 ? 283  TYR A CD2 1 
ATOM   44   C CE1 A TYR A 1 4  ? -5.008  7.029   1.165   0.80 36.54 ? 283  TYR A CE1 1 
ATOM   45   C CE1 B TYR A 1 4  ? -3.301  6.364   1.271   0.20 10.34 ? 283  TYR A CE1 1 
ATOM   46   C CE2 A TYR A 1 4  ? -6.073  6.162   3.062   0.80 35.40 ? 283  TYR A CE2 1 
ATOM   47   C CE2 B TYR A 1 4  ? -4.334  4.988   2.954   0.20 9.01  ? 283  TYR A CE2 1 
ATOM   48   C CZ  A TYR A 1 4  ? -6.069  6.391   1.756   0.80 35.24 ? 283  TYR A CZ  1 
ATOM   49   C CZ  B TYR A 1 4  ? -4.011  5.233   1.644   0.20 10.98 ? 283  TYR A CZ  1 
ATOM   50   O OH  A TYR A 1 4  ? -7.157  5.940   1.088   0.80 37.70 ? 283  TYR A OH  1 
ATOM   51   O OH  B TYR A 1 4  ? -4.401  4.321   0.734   0.20 8.67  ? 283  TYR A OH  1 
ATOM   52   N N   A TYR A 1 5  ? -4.348  10.654  3.392   0.80 26.50 ? 284  TYR A N   1 
ATOM   53   N N   B TYR A 1 5  ? -4.552  9.949   4.026   0.20 17.78 ? 284  TYR A N   1 
ATOM   54   C CA  A TYR A 1 5  ? -5.523  11.467  3.621   0.80 27.32 ? 284  TYR A CA  1 
ATOM   55   C CA  B TYR A 1 5  ? -5.597  10.897  3.960   0.20 18.86 ? 284  TYR A CA  1 
ATOM   56   C C   A TYR A 1 5  ? -6.757  10.599  3.504   0.80 23.48 ? 284  TYR A C   1 
ATOM   57   C C   B TYR A 1 5  ? -6.602  10.329  3.016   0.20 19.07 ? 284  TYR A C   1 
ATOM   58   O O   A TYR A 1 5  ? -7.490  10.430  4.476   0.80 27.09 ? 284  TYR A O   1 
ATOM   59   O O   B TYR A 1 5  ? -6.325  10.108  1.848   0.20 27.29 ? 284  TYR A O   1 
ATOM   60   C CB  A TYR A 1 5  ? -5.545  12.628  2.649   0.80 25.69 ? 284  TYR A CB  1 
ATOM   61   C CB  B TYR A 1 5  ? -5.080  12.265  3.480   0.20 17.18 ? 284  TYR A CB  1 
ATOM   62   C CG  A TYR A 1 5  ? -6.626  13.599  2.825   0.80 24.76 ? 284  TYR A CG  1 
ATOM   63   C CG  B TYR A 1 5  ? -6.174  13.273  3.213   0.20 15.76 ? 284  TYR A CG  1 
ATOM   64   C CD1 A TYR A 1 5  ? -7.856  13.408  2.213   0.80 21.71 ? 284  TYR A CD1 1 
ATOM   65   C CD1 B TYR A 1 5  ? -6.461  14.292  4.126   0.20 13.40 ? 284  TYR A CD1 1 
ATOM   66   C CD2 A TYR A 1 5  ? -6.418  14.772  3.559   0.80 21.40 ? 284  TYR A CD2 1 
ATOM   67   C CD2 B TYR A 1 5  ? -6.933  13.211  2.040   0.20 15.66 ? 284  TYR A CD2 1 
ATOM   68   C CE1 A TYR A 1 5  ? -8.835  14.331  2.327   0.80 24.74 ? 284  TYR A CE1 1 
ATOM   69   C CE1 B TYR A 1 5  ? -7.483  15.210  3.865   0.20 17.13 ? 284  TYR A CE1 1 
ATOM   70   C CE2 A TYR A 1 5  ? -7.415  15.723  3.675   0.80 26.02 ? 284  TYR A CE2 1 
ATOM   71   C CE2 B TYR A 1 5  ? -7.941  14.109  1.782   0.20 17.00 ? 284  TYR A CE2 1 
ATOM   72   C CZ  A TYR A 1 5  ? -8.620  15.478  3.065   0.80 28.16 ? 284  TYR A CZ  1 
ATOM   73   C CZ  B TYR A 1 5  ? -8.211  15.105  2.679   0.20 16.10 ? 284  TYR A CZ  1 
ATOM   74   O OH  A TYR A 1 5  ? -9.633  16.409  3.188   0.80 28.79 ? 284  TYR A OH  1 
ATOM   75   O OH  B TYR A 1 5  ? -9.222  15.985  2.367   0.20 17.80 ? 284  TYR A OH  1 
ATOM   76   N N   A GLY A 1 6  ? -6.931  10.012  2.334   0.80 19.60 ? 285  GLY A N   1 
ATOM   77   N N   B GLY A 1 6  ? -7.774  10.080  3.552   0.20 19.18 ? 285  GLY A N   1 
ATOM   78   C CA  A GLY A 1 6  ? -8.081  9.200   2.007   0.80 14.25 ? 285  GLY A CA  1 
ATOM   79   C CA  B GLY A 1 6  ? -8.864  9.570   2.787   0.20 15.60 ? 285  GLY A CA  1 
ATOM   80   C C   A GLY A 1 6  ? -8.192  8.839   0.590   0.80 25.05 ? 285  GLY A C   1 
ATOM   81   C C   B GLY A 1 6  ? -8.513  8.795   1.542   0.20 10.84 ? 285  GLY A C   1 
ATOM   82   O O   A GLY A 1 6  ? -7.495  9.395   -0.223  0.80 25.90 ? 285  GLY A O   1 
ATOM   83   O O   B GLY A 1 6  ? -7.335  8.554   1.213   0.20 16.01 ? 285  GLY A O   1 
ATOM   84   N N   A LYS A 1 7  ? -8.979  7.803   0.306   0.80 27.52 ? 286  LYS A N   1 
ATOM   85   N N   B LYS A 1 7  ? -9.617  8.396   0.921   0.20 13.00 ? 286  LYS A N   1 
ATOM   86   C CA  A LYS A 1 7  ? -9.370  7.431   -1.047  0.80 31.03 ? 286  LYS A CA  1 
ATOM   87   C CA  B LYS A 1 7  ? -9.817  7.689   -0.337  0.20 15.36 ? 286  LYS A CA  1 
ATOM   88   C C   A LYS A 1 7  ? -10.384 8.421   -1.542  0.80 30.22 ? 286  LYS A C   1 
ATOM   89   C C   B LYS A 1 7  ? -10.496 8.506   -1.428  0.20 22.91 ? 286  LYS A C   1 
ATOM   90   O O   A LYS A 1 7  ? -11.609 8.209   -1.474  0.80 24.32 ? 286  LYS A O   1 
ATOM   91   O O   B LYS A 1 7  ? -11.603 8.153   -1.841  0.20 23.27 ? 286  LYS A O   1 
ATOM   92   C CB  A LYS A 1 7  ? -9.914  6.032   -1.081  0.80 28.13 ? 286  LYS A CB  1 
ATOM   93   C CB  B LYS A 1 7  ? -8.765  6.699   -0.819  0.20 9.67  ? 286  LYS A CB  1 
ATOM   94   C CG  A LYS A 1 7  ? -10.310 5.522   -2.401  0.80 28.95 ? 286  LYS A CG  1 
ATOM   95   C CG  B LYS A 1 7  ? -9.200  6.061   -2.171  0.20 7.99  ? 286  LYS A CG  1 
ATOM   96   C CD  A LYS A 1 7  ? -10.719 4.116   -2.290  0.80 29.37 ? 286  LYS A CD  1 
ATOM   97   C CD  B LYS A 1 7  ? -10.464 5.178   -2.066  0.20 6.28  ? 286  LYS A CD  1 
ATOM   98   C CE  A LYS A 1 7  ? -11.256 3.584   -3.604  0.80 28.04 ? 286  LYS A CE  1 
ATOM   99   C CE  B LYS A 1 7  ? -10.104 3.785   -1.656  0.20 10.54 ? 286  LYS A CE  1 
ATOM   100  N NZ  A LYS A 1 7  ? -11.435 2.105   -3.434  0.80 29.88 ? 286  LYS A NZ  1 
ATOM   101  N NZ  B LYS A 1 7  ? -9.617  3.005   -2.818  0.20 13.78 ? 286  LYS A NZ  1 
ATOM   102  N N   . VAL A 1 8  ? -9.848  9.575   -1.910  1.00 31.53 ? 287  VAL A N   1 
ATOM   103  C CA  . VAL A 1 8  ? -10.561 10.588  -2.644  1.00 29.66 ? 287  VAL A CA  1 
ATOM   104  C C   . VAL A 1 8  ? -10.059 10.598  -4.066  1.00 22.27 ? 287  VAL A C   1 
ATOM   105  O O   . VAL A 1 8  ? -8.894  10.262  -4.351  1.00 22.65 ? 287  VAL A O   1 
ATOM   106  C CB  . VAL A 1 8  ? -10.430 12.033  -1.996  1.00 33.13 ? 287  VAL A CB  1 
ATOM   107  C CG1 . VAL A 1 8  ? -11.011 12.068  -0.524  1.00 32.35 ? 287  VAL A CG1 1 
ATOM   108  C CG2 . VAL A 1 8  ? -9.020  12.514  -2.030  1.00 35.56 ? 287  VAL A CG2 1 
ATOM   109  N N   . THR A 1 9  ? -10.960 10.979  -4.970  1.00 22.46 ? 288  THR A N   1 
ATOM   110  C CA  . THR A 1 9  ? -10.648 11.051  -6.372  1.00 16.08 ? 288  THR A CA  1 
ATOM   111  C C   . THR A 1 9  ? -9.818  12.290  -6.640  1.00 18.82 ? 288  THR A C   1 
ATOM   112  O O   . THR A 1 9  ? -9.677  13.143  -5.777  1.00 17.33 ? 288  THR A O   1 
ATOM   113  C CB  . THR A 1 9  ? -11.913 11.159  -7.230  1.00 18.38 ? 288  THR A CB  1 
ATOM   114  O OG1 . THR A 1 9  ? -12.631 12.334  -6.850  1.00 20.57 ? 288  THR A OG1 1 
ATOM   115  C CG2 . THR A 1 9  ? -12.827 9.926   -7.019  1.00 21.97 ? 288  THR A CG2 1 
ATOM   116  N N   . ARG A 1 10 ? -9.281  12.386  -7.840  1.00 19.10 ? 289  ARG A N   1 
ATOM   117  C CA  . ARG A 1 10 ? -8.492  13.578  -8.230  1.00 18.51 ? 289  ARG A CA  1 
ATOM   118  C C   . ARG A 1 10 ? -9.365  14.845  -8.063  1.00 19.99 ? 289  ARG A C   1 
ATOM   119  O O   . ARG A 1 10 ? -8.935  15.849  -7.499  1.00 17.39 ? 289  ARG A O   1 
ATOM   120  C CB  . ARG A 1 10 ? -8.069  13.435  -9.662  1.00 19.05 ? 289  ARG A CB  1 
ATOM   121  C CG  . ARG A 1 10 ? -7.146  14.488  -10.165 1.00 23.02 ? 289  ARG A CG  1 
ATOM   122  C CD  . ARG A 1 10 ? -6.789  14.105  -11.588 1.00 28.99 ? 289  ARG A CD  1 
ATOM   123  N NE  . ARG A 1 10 ? -5.930  15.068  -12.238 1.00 33.93 ? 289  ARG A NE  1 
ATOM   124  C CZ  . ARG A 1 10 ? -4.628  14.901  -12.530 1.00 34.44 ? 289  ARG A CZ  1 
ATOM   125  N NH1 . ARG A 1 10 ? -3.955  13.785  -12.238 1.00 33.23 ? 289  ARG A NH1 1 
ATOM   126  N NH2 . ARG A 1 10 ? -3.994  15.890  -13.137 1.00 36.70 ? 289  ARG A NH2 1 
ATOM   127  N N   . HIS A 1 11 ? -10.589 14.770  -8.577  1.00 21.69 ? 290  HIS A N   1 
ATOM   128  C CA  . HIS A 1 11 ? -11.569 15.847  -8.478  1.00 20.79 ? 290  HIS A CA  1 
ATOM   129  C C   . HIS A 1 11 ? -11.887 16.180  -7.041  1.00 22.46 ? 290  HIS A C   1 
ATOM   130  O O   . HIS A 1 11 ? -11.897 17.357  -6.684  1.00 19.45 ? 290  HIS A O   1 
ATOM   131  C CB  . HIS A 1 11 ? -12.821 15.461  -9.253  1.00 25.38 ? 290  HIS A CB  1 
ATOM   132  C CG  A HIS A 1 11 ? -13.937 16.450  -9.112  0.50 24.77 ? 290  HIS A CG  1 
ATOM   133  C CG  B HIS A 1 11 ? -13.923 16.464  -9.184  0.50 23.87 ? 290  HIS A CG  1 
ATOM   134  N ND1 A HIS A 1 11 ? -14.918 16.328  -8.148  0.50 27.86 ? 290  HIS A ND1 1 
ATOM   135  N ND1 B HIS A 1 11 ? -13.817 17.722  -9.730  0.50 22.76 ? 290  HIS A ND1 1 
ATOM   136  C CD2 A HIS A 1 11 ? -14.211 17.587  -9.789  0.50 24.58 ? 290  HIS A CD2 1 
ATOM   137  C CD2 B HIS A 1 11 ? -15.172 16.375  -8.673  0.50 26.73 ? 290  HIS A CD2 1 
ATOM   138  C CE1 A HIS A 1 11 ? -15.760 17.340  -8.252  0.50 26.36 ? 290  HIS A CE1 1 
ATOM   139  C CE1 B HIS A 1 11 ? -14.947 18.376  -9.537  0.50 25.15 ? 290  HIS A CE1 1 
ATOM   140  N NE2 A HIS A 1 11 ? -15.350 18.120  -9.238  0.50 26.78 ? 290  HIS A NE2 1 
ATOM   141  N NE2 B HIS A 1 11 ? -15.787 17.578  -8.900  0.50 25.74 ? 290  HIS A NE2 1 
ATOM   142  N N   . GLN A 1 12 ? -12.090 15.155  -6.191  1.00 17.42 ? 291  GLN A N   1 
ATOM   143  C CA  . GLN A 1 12 ? -12.384 15.422  -4.763  1.00 18.32 ? 291  GLN A CA  1 
ATOM   144  C C   . GLN A 1 12 ? -11.190 16.052  -4.054  1.00 17.98 ? 291  GLN A C   1 
ATOM   145  O O   . GLN A 1 12 ? -11.362 16.896  -3.173  1.00 19.76 ? 291  GLN A O   1 
ATOM   146  C CB  . GLN A 1 12 ? -12.796 14.153  -4.055  1.00 21.15 ? 291  GLN A CB  1 
ATOM   147  C CG  . GLN A 1 12 ? -14.188 13.698  -4.397  1.00 24.49 ? 291  GLN A CG  1 
ATOM   148  C CD  . GLN A 1 12 ? -14.466 12.253  -4.033  1.00 21.18 ? 291  GLN A CD  1 
ATOM   149  O OE1 . GLN A 1 12 ? -13.546 11.445  -3.869  1.00 22.69 ? 291  GLN A OE1 1 
ATOM   150  N NE2 . GLN A 1 12 ? -15.766 11.901  -3.933  1.00 23.74 ? 291  GLN A NE2 1 
ATOM   151  N N   . ALA A 1 13 ? -9.985  15.641  -4.427  1.00 17.23 ? 292  ALA A N   1 
ATOM   152  C CA  . ALA A 1 13 ? -8.740  16.276  -3.870  1.00 15.39 ? 292  ALA A CA  1 
ATOM   153  C C   . ALA A 1 13 ? -8.704  17.747  -4.210  1.00 17.80 ? 292  ALA A C   1 
ATOM   154  O O   . ALA A 1 13 ? -8.434  18.601  -3.329  1.00 21.34 ? 292  ALA A O   1 
ATOM   155  C CB  . ALA A 1 13 ? -7.520  15.555  -4.383  1.00 17.07 ? 292  ALA A CB  1 
ATOM   156  N N   . GLU A 1 14 ? -9.007  18.078  -5.462  1.00 18.14 ? 293  GLU A N   1 
ATOM   157  C CA  . GLU A 1 14 ? -9.099  19.493  -5.878  1.00 15.85 ? 293  GLU A CA  1 
ATOM   158  C C   . GLU A 1 14 ? -10.132 20.279  -5.122  1.00 16.67 ? 293  GLU A C   1 
ATOM   159  O O   . GLU A 1 14 ? -9.869  21.414  -4.693  1.00 17.01 ? 293  GLU A O   1 
ATOM   160  C CB  . GLU A 1 14 ? -9.292  19.588  -7.355  1.00 16.87 ? 293  GLU A CB  1 
ATOM   161  C CG  . GLU A 1 14 ? -8.062  19.025  -8.115  1.00 20.68 ? 293  GLU A CG  1 
ATOM   162  C CD  . GLU A 1 14 ? -7.743  19.725  -9.352  1.00 29.38 ? 293  GLU A CD  1 
ATOM   163  O OE1 . GLU A 1 14 ? -8.102  20.933  -9.479  1.00 31.26 ? 293  GLU A OE1 1 
ATOM   164  O OE2 . GLU A 1 14 ? -7.079  19.104  -10.202 1.00 27.45 ? 293  GLU A OE2 1 
ATOM   165  N N   . MET A 1 15 ? -11.292 19.686  -4.892  1.00 18.37 ? 294  MET A N   1 
ATOM   166  C CA  . MET A 1 15 ? -12.355 20.375  -4.157  1.00 19.54 ? 294  MET A CA  1 
ATOM   167  C C   . MET A 1 15 ? -11.917 20.708  -2.741  1.00 19.56 ? 294  MET A C   1 
ATOM   168  O O   . MET A 1 15 ? -12.178 21.836  -2.247  1.00 21.16 ? 294  MET A O   1 
ATOM   169  C CB  . MET A 1 15 ? -13.647 19.530  -4.131  1.00 23.43 ? 294  MET A CB  1 
ATOM   170  C CG  . MET A 1 15 ? -14.308 19.280  -5.496  1.00 29.48 ? 294  MET A CG  1 
ATOM   171  S SD  . MET A 1 15 ? -14.661 20.700  -6.519  1.00 31.93 ? 294  MET A SD  1 
ATOM   172  C CE  . MET A 1 15 ? -13.177 20.830  -7.506  1.00 33.18 ? 294  MET A CE  1 
ATOM   173  N N   . ALA A 1 16 ? -11.202 19.767  -2.091  1.00 19.56 ? 295  ALA A N   1 
ATOM   174  C CA  . ALA A 1 16 ? -10.716 19.976  -0.732  1.00 18.95 ? 295  ALA A CA  1 
ATOM   175  C C   . ALA A 1 16 ? -9.659  21.062  -0.731  1.00 17.31 ? 295  ALA A C   1 
ATOM   176  O O   . ALA A 1 16 ? -9.724  21.959  0.095   1.00 18.50 ? 295  ALA A O   1 
ATOM   177  C CB  . ALA A 1 16 ? -10.170 18.667  -0.132  1.00 23.43 ? 295  ALA A CB  1 
ATOM   178  N N   . LEU A 1 17 ? -8.717  20.998  -1.675  1.00 16.77 ? 296  LEU A N   1 
ATOM   179  C CA  . LEU A 1 17 ? -7.660  22.035  -1.750  1.00 15.77 ? 296  LEU A CA  1 
ATOM   180  C C   . LEU A 1 17 ? -8.271  23.416  -2.073  1.00 19.34 ? 296  LEU A C   1 
ATOM   181  O O   . LEU A 1 17 ? -7.834  24.426  -1.497  1.00 20.03 ? 296  LEU A O   1 
ATOM   182  C CB  . LEU A 1 17 ? -6.595  21.649  -2.739  1.00 16.18 ? 296  LEU A CB  1 
ATOM   183  C CG  . LEU A 1 17 ? -5.704  20.441  -2.361  1.00 18.22 ? 296  LEU A CG  1 
ATOM   184  C CD1 . LEU A 1 17 ? -4.991  19.871  -3.651  1.00 18.65 ? 296  LEU A CD1 1 
ATOM   185  C CD2 . LEU A 1 17 ? -4.777  20.876  -1.260  1.00 18.33 ? 296  LEU A CD2 1 
ATOM   186  N N   . ASN A 1 18 ? -9.284  23.455  -2.934  1.00 17.79 ? 297  ASN A N   1 
ATOM   187  C CA  . ASN A 1 18 ? -9.950  24.735  -3.275  1.00 17.74 ? 297  ASN A CA  1 
ATOM   188  C C   . ASN A 1 18 ? -10.712 25.329  -2.093  1.00 22.10 ? 297  ASN A C   1 
ATOM   189  O O   . ASN A 1 18 ? -10.756 26.550  -1.945  1.00 24.44 ? 297  ASN A O   1 
ATOM   190  C CB  . ASN A 1 18 ? -10.916 24.602  -4.419  1.00 19.94 ? 297  ASN A CB  1 
ATOM   191  C CG  . ASN A 1 18 ? -10.260 24.234  -5.714  1.00 21.05 ? 297  ASN A CG  1 
ATOM   192  O OD1 . ASN A 1 18 ? -9.059  24.389  -5.878  1.00 22.60 ? 297  ASN A OD1 1 
ATOM   193  N ND2 . ASN A 1 18 ? -11.067 23.754  -6.660  1.00 18.38 ? 297  ASN A ND2 1 
ATOM   194  N N   . GLU A 1 19 ? -11.308 24.472  -1.281  1.00 21.40 ? 298  GLU A N   1 
ATOM   195  C CA  . GLU A 1 19 ? -12.111 24.898  -0.158  1.00 23.03 ? 298  GLU A CA  1 
ATOM   196  C C   . GLU A 1 19 ? -11.311 25.423  1.009   1.00 26.50 ? 298  GLU A C   1 
ATOM   197  O O   . GLU A 1 19 ? -11.686 26.439  1.613   1.00 27.04 ? 298  GLU A O   1 
ATOM   198  C CB  . GLU A 1 19 ? -12.960 23.748  0.314   1.00 25.56 ? 298  GLU A CB  1 
ATOM   199  C CG  . GLU A 1 19 ? -13.952 24.111  1.415   1.00 29.72 ? 298  GLU A CG  1 
ATOM   200  C CD  . GLU A 1 19 ? -14.662 22.898  1.913   1.00 30.85 ? 298  GLU A CD  1 
ATOM   201  O OE1 . GLU A 1 19 ? -14.025 22.076  2.584   1.00 41.25 ? 298  GLU A OE1 1 
ATOM   202  O OE2 . GLU A 1 19 ? -15.858 22.771  1.658   1.00 39.04 ? 298  GLU A OE2 1 
ATOM   203  N N   . ARG A 1 20 ? -10.236 24.726  1.379   1.00 23.21 ? 299  ARG A N   1 
ATOM   204  C CA  . ARG A 1 20 ? -9.513  25.112  2.591   1.00 27.00 ? 299  ARG A CA  1 
ATOM   205  C C   . ARG A 1 20 ? -7.989  24.992  2.533   1.00 27.25 ? 299  ARG A C   1 
ATOM   206  O O   . ARG A 1 20 ? -7.314  25.154  3.555   1.00 25.72 ? 299  ARG A O   1 
ATOM   207  C CB  . ARG A 1 20 ? -10.055 24.307  3.735   1.00 30.34 ? 299  ARG A CB  1 
ATOM   208  C CG  . ARG A 1 20 ? -9.780  22.871  3.656   1.00 29.50 ? 299  ARG A CG  1 
ATOM   209  C CD  . ARG A 1 20 ? -10.795 22.125  4.433   1.00 34.15 ? 299  ARG A CD  1 
ATOM   210  N NE  . ARG A 1 20 ? -10.381 20.747  4.548   1.00 31.97 ? 299  ARG A NE  1 
ATOM   211  C CZ  . ARG A 1 20 ? -10.834 19.723  3.821   1.00 38.98 ? 299  ARG A CZ  1 
ATOM   212  N NH1 . ARG A 1 20 ? -11.811 19.830  2.891   1.00 40.15 ? 299  ARG A NH1 1 
ATOM   213  N NH2 . ARG A 1 20 ? -10.317 18.554  4.039   1.00 37.99 ? 299  ARG A NH2 1 
ATOM   214  N N   . GLY A 1 21 ? -7.462  24.735  1.337   1.00 21.02 ? 300  GLY A N   1 
ATOM   215  C CA  . GLY A 1 21 ? -6.039  24.625  1.127   1.00 20.86 ? 300  GLY A CA  1 
ATOM   216  C C   . GLY A 1 21 ? -5.405  25.964  0.858   1.00 22.65 ? 300  GLY A C   1 
ATOM   217  O O   . GLY A 1 21 ? -6.048  26.916  0.408   1.00 25.66 ? 300  GLY A O   1 
ATOM   218  N N   . HIS A 1 22 ? -4.124  26.027  1.203   1.00 25.31 ? 301  HIS A N   1 
ATOM   219  C CA  . HIS A 1 22 ? -3.312  27.186  1.034   1.00 23.82 ? 301  HIS A CA  1 
ATOM   220  C C   . HIS A 1 22 ? -2.007  26.734  0.401   1.00 26.53 ? 301  HIS A C   1 
ATOM   221  O O   . HIS A 1 22 ? -1.744  25.524  0.332   1.00 25.22 ? 301  HIS A O   1 
ATOM   222  C CB  . HIS A 1 22 ? -3.103  27.813  2.399   1.00 27.56 ? 301  HIS A CB  1 
ATOM   223  C CG  A HIS A 1 22 ? -4.377  28.279  3.033   0.50 27.42 ? 301  HIS A CG  1 
ATOM   224  C CG  B HIS A 1 22 ? -4.331  28.458  2.959   0.50 27.46 ? 301  HIS A CG  1 
ATOM   225  N ND1 A HIS A 1 22 ? -5.028  27.547  4.003   0.50 30.78 ? 301  HIS A ND1 1 
ATOM   226  N ND1 B HIS A 1 22 ? -4.792  29.676  2.510   0.50 29.91 ? 301  HIS A ND1 1 
ATOM   227  C CD2 A HIS A 1 22 ? -5.145  29.365  2.799   0.50 30.62 ? 301  HIS A CD2 1 
ATOM   228  C CD2 B HIS A 1 22 ? -5.171  28.078  3.948   0.50 31.34 ? 301  HIS A CD2 1 
ATOM   229  C CE1 A HIS A 1 22 ? -6.131  28.183  4.363   0.50 30.33 ? 301  HIS A CE1 1 
ATOM   230  C CE1 B HIS A 1 22 ? -5.873  30.014  3.190   0.50 30.30 ? 301  HIS A CE1 1 
ATOM   231  N NE2 A HIS A 1 22 ? -6.227  29.287  3.643   0.50 31.33 ? 301  HIS A NE2 1 
ATOM   232  N NE2 B HIS A 1 22 ? -6.123  29.061  4.071   0.50 31.65 ? 301  HIS A NE2 1 
ATOM   233  N N   A GLU A 1 23 ? -1.315  27.643  -0.349  0.70 26.38 ? 302  GLU A N   1 
ATOM   234  N N   B GLU A 1 23 ? -1.105  27.671  0.306   0.70 25.78 ? 302  GLU A N   1 
ATOM   235  C CA  A GLU A 1 23 ? 0.130   27.417  -0.871  0.70 25.58 ? 302  GLU A CA  1 
ATOM   236  C CA  B GLU A 1 23 ? 0.067   27.426  -0.555  0.30 24.29 ? 302  GLU A CA  1 
ATOM   237  C C   A GLU A 1 23 ? 0.921   26.425  0.014   0.70 23.51 ? 302  GLU A C   1 
ATOM   238  C C   B GLU A 1 23 ? 0.986   26.413  0.113   0.30 23.22 ? 302  GLU A C   1 
ATOM   239  O O   A GLU A 1 23 ? 1.173   26.676  1.204   0.70 24.72 ? 302  GLU A O   1 
ATOM   240  O O   B GLU A 1 23 ? 1.379   26.601  1.277   0.30 21.38 ? 302  GLU A O   1 
ATOM   241  C CB  A GLU A 1 23 ? 0.948   28.767  -0.900  0.70 28.68 ? 302  GLU A CB  1 
ATOM   242  C CB  B GLU A 1 23 ? 0.805   28.738  -0.891  0.30 25.37 ? 302  GLU A CB  1 
ATOM   243  C CG  A GLU A 1 23 ? 2.365   28.699  -1.506  0.70 28.98 ? 302  GLU A CG  1 
ATOM   244  C CG  B GLU A 1 23 ? 1.495   28.738  -2.272  0.30 24.22 ? 302  GLU A CG  1 
ATOM   245  C CD  A GLU A 1 23 ? 2.393   28.857  -3.011  0.70 32.09 ? 302  GLU A CD  1 
ATOM   246  C CD  B GLU A 1 23 ? 0.524   28.946  -3.456  0.30 25.70 ? 302  GLU A CD  1 
ATOM   247  O OE1 A GLU A 1 23 ? 1.341   28.751  -3.645  0.70 31.32 ? 302  GLU A OE1 1 
ATOM   248  O OE1 B GLU A 1 23 ? 1.012   29.323  -4.538  0.30 27.44 ? 302  GLU A OE1 1 
ATOM   249  O OE2 A GLU A 1 23 ? 3.497   29.112  -3.572  0.70 37.47 ? 302  GLU A OE2 1 
ATOM   250  O OE2 B GLU A 1 23 ? -0.710  28.730  -3.319  0.30 26.41 ? 302  GLU A OE2 1 
ATOM   251  N N   . GLY A 1 24 ? 1.314   25.317  -0.590  1.00 21.47 ? 303  GLY A N   1 
ATOM   252  C CA  . GLY A 1 24 ? 2.134   24.285  0.026   1.00 21.92 ? 303  GLY A CA  1 
ATOM   253  C C   . GLY A 1 24 ? 1.388   23.153  0.751   1.00 24.39 ? 303  GLY A C   1 
ATOM   254  O O   . GLY A 1 24 ? 1.996   22.167  1.186   1.00 25.93 ? 303  GLY A O   1 
ATOM   255  N N   . ASP A 1 25 ? 0.076   23.292  0.902   1.00 23.40 ? 304  ASP A N   1 
ATOM   256  C CA  . ASP A 1 25 ? -0.730  22.261  1.542   1.00 14.92 ? 304  ASP A CA  1 
ATOM   257  C C   . ASP A 1 25 ? -0.831  21.073  0.563   1.00 18.29 ? 304  ASP A C   1 
ATOM   258  O O   . ASP A 1 25 ? -0.974  21.314  -0.618  1.00 19.76 ? 304  ASP A O   1 
ATOM   259  C CB  . ASP A 1 25 ? -2.159  22.763  1.804   1.00 19.29 ? 304  ASP A CB  1 
ATOM   260  C CG  . ASP A 1 25 ? -2.279  23.645  3.067   1.00 22.21 ? 304  ASP A CG  1 
ATOM   261  O OD1 . ASP A 1 25 ? -1.337  23.651  3.855   1.00 21.71 ? 304  ASP A OD1 1 
ATOM   262  O OD2 . ASP A 1 25 ? -3.387  24.230  3.282   1.00 20.65 ? 304  ASP A OD2 1 
ATOM   263  N N   . PHE A 1 26 ? -0.815  19.855  1.092   1.00 21.92 ? 305  PHE A N   1 
ATOM   264  C CA  . PHE A 1 26 ? -0.902  18.658  0.236   1.00 20.51 ? 305  PHE A CA  1 
ATOM   265  C C   . PHE A 1 26 ? -1.633  17.536  0.914   1.00 21.84 ? 305  PHE A C   1 
ATOM   266  O O   . PHE A 1 26 ? -1.881  17.546  2.124   1.00 19.89 ? 305  PHE A O   1 
ATOM   267  C CB  . PHE A 1 26 ? 0.501   18.178  -0.156  1.00 19.28 ? 305  PHE A CB  1 
ATOM   268  C CG  . PHE A 1 26 ? 1.292   17.644  0.994   1.00 20.99 ? 305  PHE A CG  1 
ATOM   269  C CD1 . PHE A 1 26 ? 1.981   18.497  1.833   1.00 21.96 ? 305  PHE A CD1 1 
ATOM   270  C CD2 . PHE A 1 26 ? 1.336   16.311  1.265   1.00 18.94 ? 305  PHE A CD2 1 
ATOM   271  C CE1 . PHE A 1 26 ? 2.682   17.988  2.922   1.00 20.71 ? 305  PHE A CE1 1 
ATOM   272  C CE2 . PHE A 1 26 ? 2.028   15.823  2.334   1.00 24.03 ? 305  PHE A CE2 1 
ATOM   273  C CZ  . PHE A 1 26 ? 2.695   16.680  3.177   1.00 22.95 ? 305  PHE A CZ  1 
ATOM   274  N N   . LEU A 1 27 ? -2.003  16.549  0.115   1.00 20.02 ? 306  LEU A N   1 
ATOM   275  C CA  . LEU A 1 27 ? -2.615  15.368  0.626   1.00 21.49 ? 306  LEU A CA  1 
ATOM   276  C C   . LEU A 1 27 ? -2.142  14.212  -0.222  1.00 21.35 ? 306  LEU A C   1 
ATOM   277  O O   . LEU A 1 27 ? -1.725  14.417  -1.381  1.00 18.99 ? 306  LEU A O   1 
ATOM   278  C CB  . LEU A 1 27 ? -4.138  15.522  0.663   1.00 22.49 ? 306  LEU A CB  1 
ATOM   279  C CG  . LEU A 1 27 ? -4.910  15.738  -0.651  1.00 20.19 ? 306  LEU A CG  1 
ATOM   280  C CD1 . LEU A 1 27 ? -5.269  14.405  -1.268  1.00 21.73 ? 306  LEU A CD1 1 
ATOM   281  C CD2 . LEU A 1 27 ? -6.133  16.549  -0.425  1.00 22.58 ? 306  LEU A CD2 1 
ATOM   282  N N   . ILE A 1 28 ? -2.126  13.028  0.377   1.00 19.88 ? 307  ILE A N   1 
ATOM   283  C CA  . ILE A 1 28 ? -1.709  11.791  -0.297  1.00 19.13 ? 307  ILE A CA  1 
ATOM   284  C C   . ILE A 1 28 ? -2.925  10.874  -0.328  1.00 19.27 ? 307  ILE A C   1 
ATOM   285  O O   . ILE A 1 28 ? -3.504  10.601  0.708   1.00 18.85 ? 307  ILE A O   1 
ATOM   286  C CB  . ILE A 1 28 ? -0.504  11.127  0.380   1.00 22.68 ? 307  ILE A CB  1 
ATOM   287  C CG1 . ILE A 1 28 ? 0.710   12.122  0.428   1.00 25.18 ? 307  ILE A CG1 1 
ATOM   288  C CG2 . ILE A 1 28 ? -0.120  9.878   -0.376  1.00 18.57 ? 307  ILE A CG2 1 
ATOM   289  C CD1 . ILE A 1 28 ? 1.935   11.554  1.109   1.00 28.57 ? 307  ILE A CD1 1 
ATOM   290  N N   . ARG A 1 29 ? -3.277  10.422  -1.524  1.00 21.39 ? 308  ARG A N   1 
ATOM   291  C CA  . ARG A 1 29 ? -4.509  9.644   -1.777  1.00 21.32 ? 308  ARG A CA  1 
ATOM   292  C C   . ARG A 1 29 ? -4.189  8.507   -2.686  1.00 19.11 ? 308  ARG A C   1 
ATOM   293  O O   . ARG A 1 29 ? -3.170  8.486   -3.357  1.00 21.43 ? 308  ARG A O   1 
ATOM   294  C CB  . ARG A 1 29 ? -5.563  10.540  -2.428  1.00 22.01 ? 308  ARG A CB  1 
ATOM   295  C CG  . ARG A 1 29 ? -5.108  11.174  -3.710  1.00 21.00 ? 308  ARG A CG  1 
ATOM   296  C CD  . ARG A 1 29 ? -6.050  12.245  -4.256  1.00 20.33 ? 308  ARG A CD  1 
ATOM   297  N NE  . ARG A 1 29 ? -5.459  12.774  -5.480  1.00 18.99 ? 308  ARG A NE  1 
ATOM   298  C CZ  . ARG A 1 29 ? -5.506  12.193  -6.668  1.00 22.28 ? 308  ARG A CZ  1 
ATOM   299  N NH1 . ARG A 1 29 ? -6.189  11.069  -6.858  1.00 22.34 ? 308  ARG A NH1 1 
ATOM   300  N NH2 . ARG A 1 29 ? -4.889  12.767  -7.697  1.00 21.87 ? 308  ARG A NH2 1 
ATOM   301  N N   . ASP A 1 30 ? -5.082  7.538   -2.735  1.00 20.47 ? 309  ASP A N   1 
ATOM   302  C CA  . ASP A 1 30 ? -4.915  6.488   -3.688  1.00 20.48 ? 309  ASP A CA  1 
ATOM   303  C C   . ASP A 1 30 ? -5.094  7.054   -5.082  1.00 22.67 ? 309  ASP A C   1 
ATOM   304  O O   . ASP A 1 30 ? -5.902  7.957   -5.294  1.00 26.19 ? 309  ASP A O   1 
ATOM   305  C CB  . ASP A 1 30 ? -5.948  5.422   -3.489  1.00 26.11 ? 309  ASP A CB  1 
ATOM   306  C CG  . ASP A 1 30 ? -5.755  4.636   -2.198  1.00 32.27 ? 309  ASP A CG  1 
ATOM   307  O OD1 . ASP A 1 30 ? -4.686  4.751   -1.572  1.00 33.74 ? 309  ASP A OD1 1 
ATOM   308  O OD2 . ASP A 1 30 ? -6.664  3.859   -1.848  1.00 30.81 ? 309  ASP A OD2 1 
ATOM   309  N N   . SER A 1 31 ? -4.328  6.524   -6.014  1.00 24.18 ? 310  SER A N   1 
ATOM   310  C CA  . SER A 1 31 ? -4.458  6.924   -7.404  1.00 25.88 ? 310  SER A CA  1 
ATOM   311  C C   . SER A 1 31 ? -5.708  6.304   -8.016  1.00 30.99 ? 310  SER A C   1 
ATOM   312  O O   . SER A 1 31 ? -5.993  5.138   -7.785  1.00 26.90 ? 310  SER A O   1 
ATOM   313  C CB  . SER A 1 31 ? -3.241  6.489   -8.196  1.00 28.84 ? 310  SER A CB  1 
ATOM   314  O OG  . SER A 1 31 ? -3.455  6.649   -9.584  1.00 28.57 ? 310  SER A OG  1 
ATOM   315  N N   . GLU A 1 32 ? -6.477  7.104   -8.750  1.00 29.64 ? 311  GLU A N   1 
ATOM   316  C CA  . GLU A 1 32 ? -7.630  6.596   -9.486  1.00 32.98 ? 311  GLU A CA  1 
ATOM   317  C C   . GLU A 1 32 ? -7.186  5.845   -10.716 1.00 34.59 ? 311  GLU A C   1 
ATOM   318  O O   . GLU A 1 32 ? -7.672  4.745   -11.008 1.00 37.87 ? 311  GLU A O   1 
ATOM   319  C CB  . GLU A 1 32 ? -8.503  7.738   -9.996  1.00 32.78 ? 311  GLU A CB  1 
ATOM   320  C CG  . GLU A 1 32 ? -9.365  8.363   -9.021  1.00 34.68 ? 311  GLU A CG  1 
ATOM   321  C CD  . GLU A 1 32 ? -10.281 9.311   -9.706  1.00 35.40 ? 311  GLU A CD  1 
ATOM   322  O OE1 . GLU A 1 32 ? -9.837  10.459  -9.989  1.00 28.58 ? 311  GLU A OE1 1 
ATOM   323  O OE2 . GLU A 1 32 ? -11.425 8.902   -9.980  1.00 33.10 ? 311  GLU A OE2 1 
ATOM   324  N N   . SER A 1 33 ? -6.289  6.474   -11.459 1.00 36.26 ? 312  SER A N   1 
ATOM   325  C CA  . SER A 1 33 ? -5.783  5.921   -12.699 1.00 36.75 ? 312  SER A CA  1 
ATOM   326  C C   . SER A 1 33 ? -5.003  4.613   -12.521 1.00 40.20 ? 312  SER A C   1 
ATOM   327  O O   . SER A 1 33 ? -4.991  3.761   -13.435 1.00 37.15 ? 312  SER A O   1 
ATOM   328  C CB  . SER A 1 33 ? -4.952  6.972   -13.433 1.00 36.16 ? 312  SER A CB  1 
ATOM   329  O OG  . SER A 1 33 ? -3.924  7.492   -12.607 1.00 40.35 ? 312  SER A OG  1 
ATOM   330  N N   . SER A 1 34 ? -4.386  4.444   -11.344 1.00 36.45 ? 313  SER A N   1 
ATOM   331  C CA  . SER A 1 34 ? -3.624  3.251   -11.008 1.00 39.61 ? 313  SER A CA  1 
ATOM   332  C C   . SER A 1 34 ? -3.875  2.889   -9.507  1.00 38.49 ? 313  SER A C   1 
ATOM   333  O O   . SER A 1 34 ? -3.044  3.159   -8.668  1.00 36.31 ? 313  SER A O   1 
ATOM   334  C CB  . SER A 1 34 ? -2.159  3.538   -11.295 1.00 41.11 ? 313  SER A CB  1 
ATOM   335  O OG  . SER A 1 34 ? -1.373  2.380   -11.164 1.00 46.79 ? 313  SER A OG  1 
ATOM   336  N N   . PRO A 1 35 ? -5.034  2.254   -9.187  1.00 38.88 ? 314  PRO A N   1 
ATOM   337  C CA  . PRO A 1 35 ? -5.567  1.957   -7.828  1.00 37.91 ? 314  PRO A CA  1 
ATOM   338  C C   . PRO A 1 35 ? -4.646  1.449   -6.709  1.00 37.83 ? 314  PRO A C   1 
ATOM   339  O O   . PRO A 1 35 ? -4.965  1.635   -5.522  1.00 38.98 ? 314  PRO A O   1 
ATOM   340  C CB  . PRO A 1 35 ? -6.674  0.927   -8.106  1.00 40.44 ? 314  PRO A CB  1 
ATOM   341  C CG  . PRO A 1 35 ? -7.132  1.235   -9.441  1.00 41.38 ? 314  PRO A CG  1 
ATOM   342  C CD  . PRO A 1 35 ? -5.948  1.738   -10.226 1.00 40.68 ? 314  PRO A CD  1 
ATOM   343  N N   . ASN A 1 36 ? -3.543  0.808   -7.071  1.00 36.27 ? 315  ASN A N   1 
ATOM   344  C CA  . ASN A 1 36 ? -2.550  0.301   -6.086  1.00 36.88 ? 315  ASN A CA  1 
ATOM   345  C C   . ASN A 1 36 ? -1.415  1.300   -5.781  1.00 35.23 ? 315  ASN A C   1 
ATOM   346  O O   . ASN A 1 36 ? -0.559  1.055   -4.922  1.00 33.77 ? 315  ASN A O   1 
ATOM   347  C CB  A ASN A 1 36 ? -1.995  -1.031  -6.570  0.70 38.69 ? 315  ASN A CB  1 
ATOM   348  C CB  B ASN A 1 36 ? -1.971  -1.055  -6.536  0.30 38.42 ? 315  ASN A CB  1 
ATOM   349  C CG  A ASN A 1 36 ? -3.082  -2.090  -6.714  0.70 39.09 ? 315  ASN A CG  1 
ATOM   350  C CG  B ASN A 1 36 ? -1.352  -1.007  -7.924  0.30 39.48 ? 315  ASN A CG  1 
ATOM   351  O OD1 A ASN A 1 36 ? -3.857  -2.332  -5.782  0.70 41.80 ? 315  ASN A OD1 1 
ATOM   352  O OD1 B ASN A 1 36 ? -1.662  -0.119  -8.719  0.30 40.72 ? 315  ASN A OD1 1 
ATOM   353  N ND2 A ASN A 1 36 ? -3.141  -2.727  -7.877  0.70 41.59 ? 315  ASN A ND2 1 
ATOM   354  N ND2 B ASN A 1 36 ? -0.496  -1.981  -8.231  0.30 41.00 ? 315  ASN A ND2 1 
ATOM   355  N N   . ASP A 1 37 ? -1.433  2.433   -6.477  1.00 28.93 ? 316  ASP A N   1 
ATOM   356  C CA  . ASP A 1 37 ? -0.455  3.484   -6.316  1.00 27.14 ? 316  ASP A CA  1 
ATOM   357  C C   . ASP A 1 37 ? -1.122  4.674   -5.675  1.00 25.26 ? 316  ASP A C   1 
ATOM   358  O O   . ASP A 1 37 ? -2.328  4.632   -5.368  1.00 23.10 ? 316  ASP A O   1 
ATOM   359  C CB  . ASP A 1 37 ? 0.127   3.837   -7.663  1.00 26.90 ? 316  ASP A CB  1 
ATOM   360  C CG  . ASP A 1 37 ? 0.893   2.697   -8.270  1.00 31.88 ? 316  ASP A CG  1 
ATOM   361  O OD1 . ASP A 1 37 ? 1.439   1.849   -7.496  1.00 31.45 ? 316  ASP A OD1 1 
ATOM   362  O OD2 . ASP A 1 37 ? 0.965   2.680   -9.501  1.00 30.37 ? 316  ASP A OD2 1 
ATOM   363  N N   . PHE A 1 38 ? -0.311  5.709   -5.438  1.00 27.19 ? 317  PHE A N   1 
ATOM   364  C CA  . PHE A 1 38 ? -0.748  6.901   -4.785  1.00 25.27 ? 317  PHE A CA  1 
ATOM   365  C C   . PHE A 1 38 ? -0.522  8.121   -5.619  1.00 19.12 ? 317  PHE A C   1 
ATOM   366  O O   . PHE A 1 38 ? 0.158   8.086   -6.665  1.00 20.79 ? 317  PHE A O   1 
ATOM   367  C CB  . PHE A 1 38 ? -0.056  7.065   -3.426  1.00 28.36 ? 317  PHE A CB  1 
ATOM   368  C CG  A PHE A 1 38 ? -0.179  5.875   -2.538  0.50 30.40 ? 317  PHE A CG  1 
ATOM   369  C CG  B PHE A 1 38 ? -0.475  6.029   -2.399  0.50 29.38 ? 317  PHE A CG  1 
ATOM   370  C CD1 A PHE A 1 38 ? -1.334  5.637   -1.818  0.50 29.43 ? 317  PHE A CD1 1 
ATOM   371  C CD1 B PHE A 1 38 ? -1.502  6.311   -1.485  0.50 27.21 ? 317  PHE A CD1 1 
ATOM   372  C CD2 A PHE A 1 38 ? 0.885   4.968   -2.434  0.50 31.23 ? 317  PHE A CD2 1 
ATOM   373  C CD2 B PHE A 1 38 ? 0.124   4.782   -2.353  0.50 31.32 ? 317  PHE A CD2 1 
ATOM   374  C CE1 A PHE A 1 38 ? -1.433  4.520   -1.004  0.50 33.67 ? 317  PHE A CE1 1 
ATOM   375  C CE1 B PHE A 1 38 ? -1.892  5.386   -0.543  0.50 29.72 ? 317  PHE A CE1 1 
ATOM   376  C CE2 A PHE A 1 38 ? 0.786   3.856   -1.631  0.50 32.61 ? 317  PHE A CE2 1 
ATOM   377  C CE2 B PHE A 1 38 ? -0.272  3.836   -1.418  0.50 30.87 ? 317  PHE A CE2 1 
ATOM   378  C CZ  A PHE A 1 38 ? -0.365  3.628   -0.911  0.50 32.12 ? 317  PHE A CZ  1 
ATOM   379  C CZ  B PHE A 1 38 ? -1.284  4.138   -0.508  0.50 31.53 ? 317  PHE A CZ  1 
ATOM   380  N N   . SER A 1 39 ? -1.126  9.205   -5.160  1.00 20.70 ? 318  SER A N   1 
ATOM   381  C CA  . SER A 1 39 ? -0.908  10.529  -5.755  1.00 18.90 ? 318  SER A CA  1 
ATOM   382  C C   . SER A 1 39 ? -0.723  11.533  -4.648  1.00 17.60 ? 318  SER A C   1 
ATOM   383  O O   . SER A 1 39 ? -1.432  11.468  -3.659  1.00 19.07 ? 318  SER A O   1 
ATOM   384  C CB  . SER A 1 39 ? -2.133  10.955  -6.483  1.00 22.11 ? 318  SER A CB  1 
ATOM   385  O OG  A SER A 1 39 ? -2.034  10.722  -7.887  0.50 24.84 ? 318  SER A OG  1 
ATOM   386  O OG  B SER A 1 39 ? -1.854  12.033  -7.349  0.50 15.13 ? 318  SER A OG  1 
ATOM   387  N N   . VAL A 1 40 ? 0.229   12.437  -4.833  1.00 17.19 ? 319  VAL A N   1 
ATOM   388  C CA  . VAL A 1 40 ? 0.422   13.572  -3.920  1.00 17.11 ? 319  VAL A CA  1 
ATOM   389  C C   . VAL A 1 40 ? -0.257  14.780  -4.600  1.00 14.83 ? 319  VAL A C   1 
ATOM   390  O O   . VAL A 1 40 ? 0.083   15.112  -5.712  1.00 20.34 ? 319  VAL A O   1 
ATOM   391  C CB  . VAL A 1 40 ? 1.919   13.886  -3.750  1.00 19.61 ? 319  VAL A CB  1 
ATOM   392  C CG1 . VAL A 1 40 ? 2.082   15.221  -2.936  1.00 22.08 ? 319  VAL A CG1 1 
ATOM   393  C CG2 . VAL A 1 40 ? 2.626   12.725  -3.064  1.00 21.46 ? 319  VAL A CG2 1 
ATOM   394  N N   . SER A 1 41 ? -1.251  15.400  -3.966  1.00 14.24 ? 320  SER A N   1 
ATOM   395  C CA  . SER A 1 41 ? -2.018  16.501  -4.561  1.00 14.27 ? 320  SER A CA  1 
ATOM   396  C C   . SER A 1 41 ? -1.624  17.737  -3.746  1.00 18.62 ? 320  SER A C   1 
ATOM   397  O O   . SER A 1 41 ? -1.731  17.718  -2.533  1.00 18.18 ? 320  SER A O   1 
ATOM   398  C CB  . SER A 1 41 ? -3.521  16.262  -4.503  1.00 19.00 ? 320  SER A CB  1 
ATOM   399  O OG  . SER A 1 41 ? -3.874  15.113  -5.301  1.00 18.92 ? 320  SER A OG  1 
ATOM   400  N N   . LEU A 1 42 ? -1.126  18.747  -4.459  1.00 18.23 ? 321  LEU A N   1 
ATOM   401  C CA  . LEU A 1 42 ? -0.479  19.917  -3.879  1.00 18.79 ? 321  LEU A CA  1 
ATOM   402  C C   . LEU A 1 42 ? -1.111  21.164  -4.412  1.00 16.81 ? 321  LEU A C   1 
ATOM   403  O O   . LEU A 1 42 ? -1.343  21.279  -5.596  1.00 20.38 ? 321  LEU A O   1 
ATOM   404  C CB  . LEU A 1 42 ? 1.031   19.900  -4.266  1.00 20.68 ? 321  LEU A CB  1 
ATOM   405  C CG  . LEU A 1 42 ? 1.892   21.129  -3.877  1.00 23.04 ? 321  LEU A CG  1 
ATOM   406  C CD1 . LEU A 1 42 ? 1.982   21.228  -2.402  1.00 21.00 ? 321  LEU A CD1 1 
ATOM   407  C CD2 . LEU A 1 42 ? 3.301   21.115  -4.526  1.00 24.63 ? 321  LEU A CD2 1 
ATOM   408  N N   . LYS A 1 43 ? -1.338  22.150  -3.512  1.00 15.79 ? 322  LYS A N   1 
ATOM   409  C CA  . LYS A 1 43 ? -1.786  23.477  -3.917  1.00 21.90 ? 322  LYS A CA  1 
ATOM   410  C C   . LYS A 1 43 ? -0.509  24.370  -3.991  1.00 17.77 ? 322  LYS A C   1 
ATOM   411  O O   . LYS A 1 43 ? 0.214   24.427  -3.049  1.00 21.71 ? 322  LYS A O   1 
ATOM   412  C CB  . LYS A 1 43 ? -2.756  24.043  -2.888  1.00 25.42 ? 322  LYS A CB  1 
ATOM   413  C CG  . LYS A 1 43 ? -3.337  25.396  -3.339  1.00 25.83 ? 322  LYS A CG  1 
ATOM   414  C CD  . LYS A 1 43 ? -4.471  25.818  -2.460  1.00 29.60 ? 322  LYS A CD  1 
ATOM   415  C CE  . LYS A 1 43 ? -5.206  27.049  -3.017  1.00 32.85 ? 322  LYS A CE  1 
ATOM   416  N NZ  . LYS A 1 43 ? -6.612  27.062  -2.572  1.00 33.97 ? 322  LYS A NZ  1 
ATOM   417  N N   . ALA A 1 44 ? -0.267  24.950  -5.156  1.00 23.49 ? 323  ALA A N   1 
ATOM   418  C CA  . ALA A 1 44 ? 0.903   25.793  -5.427  1.00 29.79 ? 323  ALA A CA  1 
ATOM   419  C C   . ALA A 1 44 ? 0.569   26.822  -6.537  1.00 32.43 ? 323  ALA A C   1 
ATOM   420  O O   . ALA A 1 44 ? 0.025   26.462  -7.581  1.00 33.43 ? 323  ALA A O   1 
ATOM   421  C CB  . ALA A 1 44 ? 2.098   24.926  -5.825  1.00 29.99 ? 323  ALA A CB  1 
ATOM   422  N N   A GLN A 1 45 ? 0.899   28.098  -6.328  0.50 35.18 ? 324  GLN A N   1 
ATOM   423  N N   B GLN A 1 45 ? 0.949   28.077  -6.246  0.50 36.44 ? 324  GLN A N   1 
ATOM   424  C CA  A GLN A 1 45 ? 0.673   29.139  -7.361  0.50 33.84 ? 324  GLN A CA  1 
ATOM   425  C CA  B GLN A 1 45 ? 0.626   29.282  -7.015  0.50 36.45 ? 324  GLN A CA  1 
ATOM   426  C C   A GLN A 1 45 ? -0.813  29.307  -7.744  0.50 35.47 ? 324  GLN A C   1 
ATOM   427  C C   B GLN A 1 45 ? -0.748  29.293  -7.664  0.50 36.91 ? 324  GLN A C   1 
ATOM   428  O O   A GLN A 1 45 ? -1.126  29.577  -8.911  0.50 36.12 ? 324  GLN A O   1 
ATOM   429  O O   B GLN A 1 45 ? -0.911  29.406  -8.882  0.50 37.39 ? 324  GLN A O   1 
ATOM   430  C CB  A GLN A 1 45 ? 1.499   28.821  -8.638  0.50 33.90 ? 324  GLN A CB  1 
ATOM   431  C CB  B GLN A 1 45 ? 1.767   29.719  -7.935  0.50 38.89 ? 324  GLN A CB  1 
ATOM   432  C CG  A GLN A 1 45 ? 2.968   28.455  -8.377  0.50 33.14 ? 324  GLN A CG  1 
ATOM   433  C CG  B GLN A 1 45 ? 3.078   30.085  -7.168  0.50 40.43 ? 324  GLN A CG  1 
ATOM   434  C CD  A GLN A 1 45 ? 3.731   28.096  -9.641  0.50 33.12 ? 324  GLN A CD  1 
ATOM   435  C CD  B GLN A 1 45 ? 2.940   31.276  -6.182  0.50 40.65 ? 324  GLN A CD  1 
ATOM   436  O OE1 A GLN A 1 45 ? 3.332   27.202  -10.407 0.50 30.48 ? 324  GLN A OE1 1 
ATOM   437  O OE1 B GLN A 1 45 ? 2.050   32.120  -6.307  0.50 41.41 ? 324  GLN A OE1 1 
ATOM   438  N NE2 A GLN A 1 45 ? 4.852   28.771  -9.853  0.50 26.86 ? 324  GLN A NE2 1 
ATOM   439  N NE2 B GLN A 1 45 ? 3.831   31.329  -5.212  0.50 42.24 ? 324  GLN A NE2 1 
ATOM   440  N N   . GLY A 1 46 ? -1.730  29.144  -6.781  1.00 36.91 ? 325  GLY A N   1 
ATOM   441  C CA  . GLY A 1 46 ? -3.161  29.193  -7.100  1.00 36.75 ? 325  GLY A CA  1 
ATOM   442  C C   . GLY A 1 46 ? -3.734  28.020  -7.895  1.00 38.71 ? 325  GLY A C   1 
ATOM   443  O O   . GLY A 1 46 ? -4.894  28.072  -8.295  1.00 43.51 ? 325  GLY A O   1 
ATOM   444  N N   . LYS A 1 47 ? -2.935  26.959  -8.096  1.00 37.17 ? 326  LYS A N   1 
ATOM   445  C CA  . LYS A 1 47 ? -3.306  25.795  -8.935  1.00 35.25 ? 326  LYS A CA  1 
ATOM   446  C C   . LYS A 1 47 ? -3.090  24.516  -8.132  1.00 26.67 ? 326  LYS A C   1 
ATOM   447  O O   . LYS A 1 47 ? -2.349  24.510  -7.159  1.00 27.19 ? 326  LYS A O   1 
ATOM   448  C CB  . LYS A 1 47 ? -2.387  25.715  -10.165 1.00 40.71 ? 326  LYS A CB  1 
ATOM   449  C CG  . LYS A 1 47 ? -2.348  26.949  -11.058 1.00 44.00 ? 326  LYS A CG  1 
ATOM   450  C CD  . LYS A 1 47 ? -1.334  26.772  -12.194 1.00 44.22 ? 326  LYS A CD  1 
ATOM   451  C CE  . LYS A 1 47 ? -1.266  28.015  -13.115 1.00 46.38 ? 326  LYS A CE  1 
ATOM   452  N NZ  . LYS A 1 47 ? -0.379  27.808  -14.322 1.00 48.40 ? 326  LYS A NZ  1 
ATOM   453  N N   . ASN A 1 48 ? -3.718  23.426  -8.577  1.00 21.73 ? 327  ASN A N   1 
ATOM   454  C CA  . ASN A 1 48 ? -3.562  22.135  -7.919  1.00 19.43 ? 327  ASN A CA  1 
ATOM   455  C C   . ASN A 1 48 ? -2.713  21.285  -8.827  1.00 15.10 ? 327  ASN A C   1 
ATOM   456  O O   . ASN A 1 48 ? -2.911  21.331  -10.040 1.00 19.73 ? 327  ASN A O   1 
ATOM   457  C CB  . ASN A 1 48 ? -4.938  21.503  -7.683  1.00 21.30 ? 327  ASN A CB  1 
ATOM   458  C CG  . ASN A 1 48 ? -5.829  22.375  -6.805  1.00 23.16 ? 327  ASN A CG  1 
ATOM   459  O OD1 . ASN A 1 48 ? -5.398  22.859  -5.763  1.00 25.08 ? 327  ASN A OD1 1 
ATOM   460  N ND2 . ASN A 1 48 ? -7.078  22.594  -7.245  1.00 24.40 ? 327  ASN A ND2 1 
ATOM   461  N N   . LYS A 1 49 ? -1.723  20.604  -8.273  1.00 15.68 ? 328  LYS A N   1 
ATOM   462  C CA  . LYS A 1 49 ? -0.847  19.733  -9.049  1.00 18.21 ? 328  LYS A CA  1 
ATOM   463  C C   . LYS A 1 49 ? -0.910  18.349  -8.454  1.00 18.16 ? 328  LYS A C   1 
ATOM   464  O O   . LYS A 1 49 ? -1.029  18.211  -7.236  1.00 18.95 ? 328  LYS A O   1 
ATOM   465  C CB  . LYS A 1 49 ? 0.584   20.254  -9.099  1.00 25.07 ? 328  LYS A CB  1 
ATOM   466  C CG  . LYS A 1 49 ? 0.778   21.350  -10.191 1.00 28.95 ? 328  LYS A CG  1 
ATOM   467  C CD  . LYS A 1 49 ? 2.226   21.757  -10.435 1.00 30.59 ? 328  LYS A CD  1 
ATOM   468  C CE  . LYS A 1 49 ? 2.350   22.522  -11.763 1.00 33.16 ? 328  LYS A CE  1 
ATOM   469  N NZ  . LYS A 1 49 ? 1.326   23.641  -11.883 1.00 36.24 ? 328  LYS A NZ  1 
ATOM   470  N N   . HIS A 1 50 ? -0.734  17.320  -9.291  1.00 16.13 ? 329  HIS A N   1 
ATOM   471  C CA  . HIS A 1 50 ? -0.821  15.951  -8.814  1.00 15.83 ? 329  HIS A CA  1 
ATOM   472  C C   . HIS A 1 50 ? 0.396   15.207  -9.295  1.00 20.13 ? 329  HIS A C   1 
ATOM   473  O O   . HIS A 1 50 ? 0.748   15.332  -10.463 1.00 18.66 ? 329  HIS A O   1 
ATOM   474  C CB  . HIS A 1 50 ? -2.088  15.259  -9.315  1.00 18.13 ? 329  HIS A CB  1 
ATOM   475  C CG  . HIS A 1 50 ? -3.345  16.031  -9.079  1.00 15.80 ? 329  HIS A CG  1 
ATOM   476  N ND1 . HIS A 1 50 ? -4.090  15.906  -7.936  1.00 18.93 ? 329  HIS A ND1 1 
ATOM   477  C CD2 . HIS A 1 50 ? -4.002  16.934  -9.857  1.00 18.37 ? 329  HIS A CD2 1 
ATOM   478  C CE1 . HIS A 1 50 ? -5.149  16.699  -8.000  1.00 16.83 ? 329  HIS A CE1 1 
ATOM   479  N NE2 . HIS A 1 50 ? -5.139  17.312  -9.170  1.00 18.05 ? 329  HIS A NE2 1 
ATOM   480  N N   . PHE A 1 51 ? 1.037   14.483  -8.374  1.00 18.84 ? 330  PHE A N   1 
ATOM   481  C CA  . PHE A 1 51 ? 2.289   13.752  -8.652  1.00 20.00 ? 330  PHE A CA  1 
ATOM   482  C C   . PHE A 1 51 ? 2.092   12.300  -8.345  1.00 19.91 ? 330  PHE A C   1 
ATOM   483  O O   . PHE A 1 51 ? 1.699   11.963  -7.251  1.00 16.96 ? 330  PHE A O   1 
ATOM   484  C CB  . PHE A 1 51 ? 3.419   14.302  -7.808  1.00 20.19 ? 330  PHE A CB  1 
ATOM   485  C CG  . PHE A 1 51 ? 3.619   15.772  -7.977  1.00 20.38 ? 330  PHE A CG  1 
ATOM   486  C CD1 . PHE A 1 51 ? 4.325   16.276  -9.047  1.00 21.13 ? 330  PHE A CD1 1 
ATOM   487  C CD2 . PHE A 1 51 ? 3.056   16.661  -7.084  1.00 23.84 ? 330  PHE A CD2 1 
ATOM   488  C CE1 . PHE A 1 51 ? 4.493   17.652  -9.213  1.00 23.06 ? 330  PHE A CE1 1 
ATOM   489  C CE2 . PHE A 1 51 ? 3.201   18.045  -7.264  1.00 23.43 ? 330  PHE A CE2 1 
ATOM   490  C CZ  . PHE A 1 51 ? 3.913   18.530  -8.328  1.00 19.37 ? 330  PHE A CZ  1 
ATOM   491  N N   . LYS A 1 52 ? 2.397   11.423  -9.293  1.00 23.51 ? 331  LYS A N   1 
ATOM   492  C CA  A LYS A 1 52 ? 2.210   9.978   -9.092  0.70 26.71 ? 331  LYS A CA  1 
ATOM   493  C CA  B LYS A 1 52 ? 2.179   9.993   -9.052  0.30 24.24 ? 331  LYS A CA  1 
ATOM   494  C C   . LYS A 1 52 ? 3.309   9.397   -8.205  1.00 23.16 ? 331  LYS A C   1 
ATOM   495  O O   . LYS A 1 52 ? 4.483   9.707   -8.396  1.00 21.60 ? 331  LYS A O   1 
ATOM   496  C CB  A LYS A 1 52 ? 2.237   9.249   -10.458 0.70 29.56 ? 331  LYS A CB  1 
ATOM   497  C CB  B LYS A 1 52 ? 2.032   9.202   -10.363 0.30 25.03 ? 331  LYS A CB  1 
ATOM   498  C CG  A LYS A 1 52 ? 2.254   7.695   -10.385 0.70 32.71 ? 331  LYS A CG  1 
ATOM   499  C CG  B LYS A 1 52 ? 1.385   7.816   -10.143 0.30 25.36 ? 331  LYS A CG  1 
ATOM   500  C CD  A LYS A 1 52 ? 1.022   7.071   -9.665  0.70 37.09 ? 331  LYS A CD  1 
ATOM   501  C CD  B LYS A 1 52 ? 1.458   6.903   -11.377 0.30 25.16 ? 331  LYS A CD  1 
ATOM   502  C CE  A LYS A 1 52 ? -0.278  7.057   -10.486 0.70 38.50 ? 331  LYS A CE  1 
ATOM   503  C CE  B LYS A 1 52 ? 1.211   5.444   -10.981 0.30 24.54 ? 331  LYS A CE  1 
ATOM   504  N NZ  A LYS A 1 52 ? -1.090  8.312   -10.404 0.70 42.37 ? 331  LYS A NZ  1 
ATOM   505  N NZ  B LYS A 1 52 ? 1.231   4.505   -12.141 0.30 24.59 ? 331  LYS A NZ  1 
ATOM   506  N N   . VAL A 1 53 ? 2.933   8.536   -7.264  1.00 22.59 ? 332  VAL A N   1 
ATOM   507  C CA  . VAL A 1 53 ? 3.903   7.799   -6.450  1.00 23.11 ? 332  VAL A CA  1 
ATOM   508  C C   . VAL A 1 53 ? 3.590   6.297   -6.645  1.00 25.42 ? 332  VAL A C   1 
ATOM   509  O O   . VAL A 1 53 ? 2.505   5.823   -6.232  1.00 27.67 ? 332  VAL A O   1 
ATOM   510  C CB  . VAL A 1 53 ? 3.799   8.127   -4.978  1.00 21.94 ? 332  VAL A CB  1 
ATOM   511  C CG1 . VAL A 1 53 ? 4.811   7.265   -4.171  1.00 23.81 ? 332  VAL A CG1 1 
ATOM   512  C CG2 . VAL A 1 53 ? 4.056   9.597   -4.716  1.00 21.62 ? 332  VAL A CG2 1 
ATOM   513  N N   . GLN A 1 54 ? 4.525   5.569   -7.266  1.00 27.89 ? 333  GLN A N   1 
ATOM   514  C CA  . GLN A 1 54 ? 4.378   4.114   -7.513  1.00 31.41 ? 333  GLN A CA  1 
ATOM   515  C C   . GLN A 1 54 ? 4.809   3.340   -6.249  1.00 31.48 ? 333  GLN A C   1 
ATOM   516  O O   . GLN A 1 54 ? 5.843   3.635   -5.688  1.00 28.98 ? 333  GLN A O   1 
ATOM   517  C CB  . GLN A 1 54 ? 5.273   3.686   -8.681  1.00 32.88 ? 333  GLN A CB  1 
ATOM   518  C CG  . GLN A 1 54 ? 5.225   2.171   -9.018  1.00 36.76 ? 333  GLN A CG  1 
ATOM   519  C CD  . GLN A 1 54 ? 6.244   1.748   -10.118 1.00 40.46 ? 333  GLN A CD  1 
ATOM   520  O OE1 . GLN A 1 54 ? 6.943   2.582   -10.708 1.00 46.94 ? 333  GLN A OE1 1 
ATOM   521  N NE2 . GLN A 1 54 ? 6.317   0.444   -10.378 1.00 44.32 ? 333  GLN A NE2 1 
ATOM   522  N N   . LEU A 1 55 ? 4.007   2.363   -5.836  1.00 31.93 ? 334  LEU A N   1 
ATOM   523  C CA  . LEU A 1 55 ? 4.304   1.522   -4.680  1.00 33.55 ? 334  LEU A CA  1 
ATOM   524  C C   . LEU A 1 55 ? 4.709   0.138   -5.183  1.00 36.10 ? 334  LEU A C   1 
ATOM   525  O O   . LEU A 1 55 ? 3.991   -0.458  -5.985  1.00 36.01 ? 334  LEU A O   1 
ATOM   526  C CB  . LEU A 1 55 ? 3.055   1.339   -3.821  1.00 35.57 ? 334  LEU A CB  1 
ATOM   527  C CG  . LEU A 1 55 ? 3.170   0.947   -2.317  1.00 36.58 ? 334  LEU A CG  1 
ATOM   528  C CD1 . LEU A 1 55 ? 1.976   0.128   -1.969  1.00 36.31 ? 334  LEU A CD1 1 
ATOM   529  C CD2 . LEU A 1 55 ? 4.406   0.207   -1.903  1.00 36.38 ? 334  LEU A CD2 1 
ATOM   530  N N   . LYS A 1 56 ? 5.884   -0.334  -4.760  1.00 36.11 ? 335  LYS A N   1 
ATOM   531  C CA  . LYS A 1 56 ? 6.256   -1.750  -4.901  1.00 35.74 ? 335  LYS A CA  1 
ATOM   532  C C   A LYS A 1 56 ? 6.130   -2.249  -3.483  0.50 34.08 ? 335  LYS A C   1 
ATOM   533  O O   A LYS A 1 56 ? 6.960   -1.916  -2.649  0.50 31.88 ? 335  LYS A O   1 
ATOM   534  C CB  . LYS A 1 56 ? 7.681   -1.932  -5.384  1.00 37.33 ? 335  LYS A CB  1 
ATOM   535  C CG  A LYS A 1 56 ? 7.800   -1.759  -6.891  0.50 39.07 ? 335  LYS A CG  1 
ATOM   536  C CG  B LYS A 1 56 ? 7.879   -1.890  -6.888  0.50 40.41 ? 335  LYS A CG  1 
ATOM   537  C CD  A LYS A 1 56 ? 9.205   -1.440  -7.358  0.50 37.96 ? 335  LYS A CD  1 
ATOM   538  C CD  B LYS A 1 56 ? 9.254   -2.487  -7.261  0.50 40.22 ? 335  LYS A CD  1 
ATOM   539  C CE  A LYS A 1 56 ? 9.235   -1.312  -8.892  0.50 38.99 ? 335  LYS A CE  1 
ATOM   540  C CE  B LYS A 1 56 ? 9.215   -3.282  -8.566  0.50 41.82 ? 335  LYS A CE  1 
ATOM   541  N NZ  A LYS A 1 56 ? 10.477  -0.664  -9.394  0.50 38.15 ? 335  LYS A NZ  1 
ATOM   542  N NZ  B LYS A 1 56 ? 10.458  -4.095  -8.717  0.50 41.44 ? 335  LYS A NZ  1 
ATOM   543  N N   . GLU A 1 57 ? 5.051   -2.972  -3.180  1.00 32.29 ? 336  GLU A N   1 
ATOM   544  C CA  A GLU A 1 57 ? 4.846   -3.393  -1.801  0.70 32.76 ? 336  GLU A CA  1 
ATOM   545  C CA  B GLU A 1 57 ? 4.573   -3.848  -2.124  0.50 32.17 ? 336  GLU A CA  1 
ATOM   546  C C   . GLU A 1 57 ? 5.773   -4.563  -1.444  1.00 29.46 ? 336  GLU A C   1 
ATOM   547  O O   . GLU A 1 57 ? 6.614   -5.024  -2.184  1.00 30.83 ? 336  GLU A O   1 
ATOM   548  C CB  A GLU A 1 57 ? 3.308   -3.710  -1.505  0.30 34.77 ? 336  GLU A CB  1 
ATOM   549  C CB  B GLU A 1 57 ? 3.493   -4.883  -2.670  0.50 35.02 ? 336  GLU A CB  1 
ATOM   550  C CG  A GLU A 1 57 ? 2.611   -3.182  -0.072  0.70 37.21 ? 336  GLU A CG  1 
ATOM   551  C CG  B GLU A 1 57 ? 3.781   -5.626  -4.020  0.50 38.96 ? 336  GLU A CG  1 
ATOM   552  C CD  A GLU A 1 57 ? 2.908   -4.046  1.125   0.30 38.94 ? 336  GLU A CD  1 
ATOM   553  C CD  B GLU A 1 57 ? 3.470   -4.800  -5.300  0.50 40.70 ? 336  GLU A CD  1 
ATOM   554  O OE1 A GLU A 1 57 ? 2.418   -5.206  1.183   0.70 45.05 ? 336  GLU A OE1 1 
ATOM   555  O OE1 B GLU A 1 57 ? 3.610   -5.354  -6.412  0.50 42.69 ? 336  GLU A OE1 1 
ATOM   556  O OE2 A GLU A 1 57 ? 3.621   -3.553  2.024   0.30 38.68 ? 336  GLU A OE2 1 
ATOM   557  O OE2 B GLU A 1 57 ? 3.092   -3.607  -5.192  0.50 42.08 ? 336  GLU A OE2 1 
ATOM   558  N N   . THR A 1 58 ? 5.754   -4.797  -0.154  1.00 32.68 ? 337  THR A N   1 
ATOM   559  C CA  . THR A 1 58 ? 6.674   -5.719  0.469   1.00 31.24 ? 337  THR A CA  1 
ATOM   560  C C   . THR A 1 58 ? 6.529   -7.097  -0.200  1.00 30.14 ? 337  THR A C   1 
ATOM   561  O O   . THR A 1 58 ? 5.413   -7.508  -0.577  1.00 28.23 ? 337  THR A O   1 
ATOM   562  C CB  . THR A 1 58 ? 6.370   -5.883  2.003   1.00 34.43 ? 337  THR A CB  1 
ATOM   563  O OG1 . THR A 1 58 ? 5.033   -6.355  2.185   1.00 38.07 ? 337  THR A OG1 1 
ATOM   564  C CG2 . THR A 1 58 ? 6.528   -4.594  2.736   1.00 30.41 ? 337  THR A CG2 1 
ATOM   565  N N   . VAL A 1 59 ? 7.655   -7.795  -0.355  1.00 30.48 ? 338  VAL A N   1 
ATOM   566  C CA  . VAL A 1 59 ? 7.654   -9.175  -0.825  1.00 28.38 ? 338  VAL A CA  1 
ATOM   567  C C   . VAL A 1 59 ? 8.448   -9.972  0.210   1.00 26.92 ? 338  VAL A C   1 
ATOM   568  O O   . VAL A 1 59 ? 9.563   -9.615  0.518   1.00 26.85 ? 338  VAL A O   1 
ATOM   569  C CB  . VAL A 1 59 ? 8.333   -9.349  -2.219  1.00 30.30 ? 338  VAL A CB  1 
ATOM   570  C CG1 . VAL A 1 59 ? 8.214   -10.807 -2.713  1.00 31.63 ? 338  VAL A CG1 1 
ATOM   571  C CG2 . VAL A 1 59 ? 7.736   -8.398  -3.233  1.00 32.57 ? 338  VAL A CG2 1 
ATOM   572  N N   . TYR A 1 60 ? 7.822   -11.010 0.754   1.00 29.86 ? 339  TYR A N   1 
ATOM   573  C CA  . TYR A 1 60 ? 8.464   -11.978 1.653   1.00 29.30 ? 339  TYR A CA  1 
ATOM   574  C C   . TYR A 1 60 ? 8.705   -13.213 0.786   1.00 27.16 ? 339  TYR A C   1 
ATOM   575  O O   . TYR A 1 60 ? 7.723   -13.828 0.328   1.00 27.10 ? 339  TYR A O   1 
ATOM   576  C CB  . TYR A 1 60 ? 7.515   -12.322 2.811   1.00 31.17 ? 339  TYR A CB  1 
ATOM   577  C CG  . TYR A 1 60 ? 7.312   -11.169 3.737   1.00 29.89 ? 339  TYR A CG  1 
ATOM   578  C CD1 . TYR A 1 60 ? 8.156   -10.975 4.828   1.00 31.82 ? 339  TYR A CD1 1 
ATOM   579  C CD2 . TYR A 1 60 ? 6.320   -10.217 3.497   1.00 31.71 ? 339  TYR A CD2 1 
ATOM   580  C CE1 . TYR A 1 60 ? 7.989   -9.896  5.673   1.00 31.32 ? 339  TYR A CE1 1 
ATOM   581  C CE2 . TYR A 1 60 ? 6.157   -9.133  4.332   1.00 32.11 ? 339  TYR A CE2 1 
ATOM   582  C CZ  . TYR A 1 60 ? 7.007   -8.981  5.423   1.00 32.64 ? 339  TYR A CZ  1 
ATOM   583  O OH  . TYR A 1 60 ? 6.884   -7.923  6.294   1.00 34.72 ? 339  TYR A OH  1 
ATOM   584  N N   . CYS A 1 61 ? 9.987   -13.549 0.538   1.00 31.21 ? 340  CYS A N   1 
ATOM   585  C CA  . CYS A 1 61 ? 10.377  -14.713 -0.271  1.00 29.33 ? 340  CYS A CA  1 
ATOM   586  C C   . CYS A 1 61 ? 10.967  -15.835 0.609   1.00 27.00 ? 340  CYS A C   1 
ATOM   587  O O   . CYS A 1 61 ? 11.865  -15.607 1.398   1.00 28.25 ? 340  CYS A O   1 
ATOM   588  C CB  . CYS A 1 61 ? 11.378  -14.346 -1.414  1.00 31.71 ? 340  CYS A CB  1 
ATOM   589  S SG  A CYS A 1 61 ? 11.052  -12.676 -1.972  0.60 32.41 ? 340  CYS A SG  1 
ATOM   590  S SG  B CYS A 1 61 ? 12.208  -15.840 -1.995  0.40 32.85 ? 340  CYS A SG  1 
ATOM   591  N N   . ILE A 1 62 ? 10.450  -17.039 0.419   1.00 26.19 ? 341  ILE A N   1 
ATOM   592  C CA  . ILE A 1 62 ? 10.916  -18.223 1.119   1.00 25.08 ? 341  ILE A CA  1 
ATOM   593  C C   . ILE A 1 62 ? 10.911  -19.322 0.086   1.00 24.21 ? 341  ILE A C   1 
ATOM   594  O O   . ILE A 1 62 ? 9.890   -19.568 -0.582  1.00 25.99 ? 341  ILE A O   1 
ATOM   595  C CB  . ILE A 1 62 ? 10.042  -18.558 2.332   1.00 25.94 ? 341  ILE A CB  1 
ATOM   596  C CG1 . ILE A 1 62 ? 10.550  -19.808 3.032   1.00 22.77 ? 341  ILE A CG1 1 
ATOM   597  C CG2 . ILE A 1 62 ? 8.603   -18.646 1.941   1.00 23.81 ? 341  ILE A CG2 1 
ATOM   598  C CD1 . ILE A 1 62 ? 9.815   -20.163 4.291   1.00 20.18 ? 341  ILE A CD1 1 
ATOM   599  N N   . GLY A 1 63 ? 12.051  -19.975 -0.069  1.00 29.40 ? 342  GLY A N   1 
ATOM   600  C CA  . GLY A 1 63 ? 12.182  -20.989 -1.121  1.00 28.99 ? 342  GLY A CA  1 
ATOM   601  C C   . GLY A 1 63 ? 11.813  -20.359 -2.453  1.00 25.60 ? 342  GLY A C   1 
ATOM   602  O O   . GLY A 1 63 ? 12.357  -19.303 -2.802  1.00 27.78 ? 342  GLY A O   1 
ATOM   603  N N   . GLN A 1 64 ? 10.875  -20.996 -3.151  1.00 24.56 ? 343  GLN A N   1 
ATOM   604  C CA  . GLN A 1 64 ? 10.392  -20.587 -4.471  1.00 27.43 ? 343  GLN A CA  1 
ATOM   605  C C   . GLN A 1 64 ? 9.095   -19.793 -4.431  1.00 33.48 ? 343  GLN A C   1 
ATOM   606  O O   . GLN A 1 64 ? 8.514   -19.532 -5.485  1.00 33.62 ? 343  GLN A O   1 
ATOM   607  C CB  . GLN A 1 64 ? 10.167  -21.844 -5.343  1.00 28.97 ? 343  GLN A CB  1 
ATOM   608  C CG  . GLN A 1 64 ? 11.414  -22.658 -5.633  1.00 27.51 ? 343  GLN A CG  1 
ATOM   609  C CD  . GLN A 1 64 ? 12.364  -21.928 -6.533  1.00 27.28 ? 343  GLN A CD  1 
ATOM   610  O OE1 . GLN A 1 64 ? 11.991  -21.503 -7.611  1.00 30.79 ? 343  GLN A OE1 1 
ATOM   611  N NE2 . GLN A 1 64 ? 13.569  -21.721 -6.068  1.00 24.10 ? 343  GLN A NE2 1 
ATOM   612  N N   . ARG A 1 65 ? 8.618   -19.386 -3.244  1.00 31.61 ? 344  ARG A N   1 
ATOM   613  C CA  . ARG A 1 65 ? 7.346   -18.681 -3.182  1.00 31.79 ? 344  ARG A CA  1 
ATOM   614  C C   . ARG A 1 65 ? 7.523   -17.274 -2.658  1.00 30.70 ? 344  ARG A C   1 
ATOM   615  O O   . ARG A 1 65 ? 8.536   -16.953 -2.043  1.00 25.35 ? 344  ARG A O   1 
ATOM   616  C CB  . ARG A 1 65 ? 6.303   -19.518 -2.417  1.00 34.59 ? 344  ARG A CB  1 
ATOM   617  C CG  . ARG A 1 65 ? 6.187   -20.922 -3.071  1.00 38.23 ? 344  ARG A CG  1 
ATOM   618  C CD  A ARG A 1 65 ? 4.952   -21.710 -2.626  0.50 39.84 ? 344  ARG A CD  1 
ATOM   619  C CD  B ARG A 1 65 ? 4.943   -21.711 -2.749  0.50 40.38 ? 344  ARG A CD  1 
ATOM   620  N NE  A ARG A 1 65 ? 3.819   -21.683 -3.578  0.50 39.75 ? 344  ARG A NE  1 
ATOM   621  N NE  B ARG A 1 65 ? 4.639   -22.677 -3.831  0.50 40.72 ? 344  ARG A NE  1 
ATOM   622  C CZ  A ARG A 1 65 ? 2.766   -20.852 -3.557  0.50 40.27 ? 344  ARG A CZ  1 
ATOM   623  C CZ  B ARG A 1 65 ? 5.263   -23.844 -4.041  0.50 41.25 ? 344  ARG A CZ  1 
ATOM   624  N NH1 A ARG A 1 65 ? 2.629   -19.891 -2.641  0.50 40.46 ? 344  ARG A NH1 1 
ATOM   625  N NH1 B ARG A 1 65 ? 4.889   -24.616 -5.063  0.50 42.28 ? 344  ARG A NH1 1 
ATOM   626  N NH2 A ARG A 1 65 ? 1.829   -20.983 -4.494  0.50 39.85 ? 344  ARG A NH2 1 
ATOM   627  N NH2 B ARG A 1 65 ? 6.265   -24.253 -3.254  0.50 41.61 ? 344  ARG A NH2 1 
ATOM   628  N N   . LYS A 1 66 ? 6.552   -16.426 -2.978  1.00 31.30 ? 345  LYS A N   1 
ATOM   629  C CA  . LYS A 1 66 ? 6.562   -15.010 -2.626  1.00 31.48 ? 345  LYS A CA  1 
ATOM   630  C C   . LYS A 1 66 ? 5.189   -14.697 -2.029  1.00 29.27 ? 345  LYS A C   1 
ATOM   631  O O   . LYS A 1 66 ? 4.158   -15.202 -2.515  1.00 28.59 ? 345  LYS A O   1 
ATOM   632  C CB  . LYS A 1 66 ? 6.781   -14.146 -3.861  1.00 36.27 ? 345  LYS A CB  1 
ATOM   633  C CG  . LYS A 1 66 ? 8.122   -14.294 -4.538  1.00 39.72 ? 345  LYS A CG  1 
ATOM   634  C CD  . LYS A 1 66 ? 8.125   -13.528 -5.876  1.00 40.08 ? 345  LYS A CD  1 
ATOM   635  C CE  . LYS A 1 66 ? 9.539   -13.303 -6.427  1.00 41.84 ? 345  LYS A CE  1 
ATOM   636  N NZ  . LYS A 1 66 ? 9.520   -12.567 -7.726  1.00 43.74 ? 345  LYS A NZ  1 
ATOM   637  N N   . PHE A 1 67 ? 5.183   -13.887 -0.971  1.00 28.74 ? 346  PHE A N   1 
ATOM   638  C CA  . PHE A 1 67 ? 3.956   -13.505 -0.268  1.00 27.29 ? 346  PHE A CA  1 
ATOM   639  C C   . PHE A 1 67 ? 4.016   -12.025 0.001   1.00 26.70 ? 346  PHE A C   1 
ATOM   640  O O   . PHE A 1 67 ? 5.097   -11.473 0.125   1.00 25.79 ? 346  PHE A O   1 
ATOM   641  C CB  . PHE A 1 67 ? 3.877   -14.293 1.056   1.00 25.40 ? 346  PHE A CB  1 
ATOM   642  C CG  . PHE A 1 67 ? 3.810   -15.755 0.875   1.00 23.97 ? 346  PHE A CG  1 
ATOM   643  C CD1 . PHE A 1 67 ? 2.596   -16.398 0.688   1.00 26.01 ? 346  PHE A CD1 1 
ATOM   644  C CD2 . PHE A 1 67 ? 4.966   -16.525 0.878   1.00 22.90 ? 346  PHE A CD2 1 
ATOM   645  C CE1 . PHE A 1 67 ? 2.548   -17.781 0.485   1.00 27.12 ? 346  PHE A CE1 1 
ATOM   646  C CE2 . PHE A 1 67 ? 4.899   -17.914 0.696   1.00 25.65 ? 346  PHE A CE2 1 
ATOM   647  C CZ  . PHE A 1 67 ? 3.714   -18.520 0.499   1.00 23.06 ? 346  PHE A CZ  1 
ATOM   648  N N   . SER A 1 68 ? 2.853   -11.349 0.046   1.00 31.79 ? 347  SER A N   1 
ATOM   649  C CA  . SER A 1 68 ? 2.830   -9.899  0.278   1.00 29.91 ? 347  SER A CA  1 
ATOM   650  C C   . SER A 1 68 ? 2.857   -9.571  1.763   1.00 30.06 ? 347  SER A C   1 
ATOM   651  O O   . SER A 1 68 ? 3.196   -8.474  2.119   1.00 32.37 ? 347  SER A O   1 
ATOM   652  C CB  . SER A 1 68 ? 1.607   -9.204  -0.383  1.00 32.89 ? 347  SER A CB  1 
ATOM   653  O OG  A SER A 1 68 ? 0.571   -10.140 -0.194  0.80 33.97 ? 347  SER A OG  1 
ATOM   654  O OG  B SER A 1 68 ? 2.147   -7.931  -0.712  0.20 33.07 ? 347  SER A OG  1 
ATOM   655  N N   . THR A 1 69 ? 2.497   -10.530 2.614   1.00 28.99 ? 348  THR A N   1 
ATOM   656  C CA  . THR A 1 69 ? 2.535   -10.325 4.049   1.00 28.88 ? 348  THR A CA  1 
ATOM   657  C C   . THR A 1 69 ? 3.045   -11.589 4.741   1.00 28.01 ? 348  THR A C   1 
ATOM   658  O O   . THR A 1 69 ? 2.887   -12.715 4.234   1.00 26.76 ? 348  THR A O   1 
ATOM   659  C CB  . THR A 1 69 ? 1.143   -10.029 4.612   1.00 29.01 ? 348  THR A CB  1 
ATOM   660  O OG1 . THR A 1 69 ? 0.324   -11.182 4.477   1.00 34.64 ? 348  THR A OG1 1 
ATOM   661  C CG2 . THR A 1 69 ? 0.482   -8.856  3.918   1.00 32.66 ? 348  THR A CG2 1 
ATOM   662  N N   . MET A 1 70 ? 3.575   -11.414 5.946   1.00 32.05 ? 349  MET A N   1 
ATOM   663  C CA  . MET A 1 70 ? 3.997   -12.556 6.748   1.00 28.46 ? 349  MET A CA  1 
ATOM   664  C C   . MET A 1 70 ? 2.797   -13.414 7.194   1.00 29.50 ? 349  MET A C   1 
ATOM   665  O O   . MET A 1 70 ? 2.922   -14.641 7.288   1.00 28.98 ? 349  MET A O   1 
ATOM   666  C CB  . MET A 1 70 ? 4.838   -12.096 7.951   1.00 33.09 ? 349  MET A CB  1 
ATOM   667  C CG  . MET A 1 70 ? 5.611   -13.233 8.627   1.00 33.55 ? 349  MET A CG  1 
ATOM   668  S SD  . MET A 1 70 ? 6.945   -13.883 7.655   1.00 32.73 ? 349  MET A SD  1 
ATOM   669  C CE  . MET A 1 70 ? 8.248   -12.669 7.863   1.00 31.02 ? 349  MET A CE  1 
ATOM   670  N N   . GLU A 1 71 ? 1.626   -12.795 7.436   1.00 29.63 ? 350  GLU A N   1 
ATOM   671  C CA  . GLU A 1 71 ? 0.446   -13.571 7.810   1.00 31.31 ? 350  GLU A CA  1 
ATOM   672  C C   . GLU A 1 71 ? 0.089   -14.559 6.723   1.00 31.01 ? 350  GLU A C   1 
ATOM   673  O O   . GLU A 1 71 ? -0.173  -15.727 7.015   1.00 27.57 ? 350  GLU A O   1 
ATOM   674  C CB  . GLU A 1 71 ? -0.761  -12.697 8.165   1.00 38.38 ? 350  GLU A CB  1 
ATOM   675  C CG  . GLU A 1 71 ? -0.605  -11.885 9.462   1.00 40.93 ? 350  GLU A CG  1 
ATOM   676  C CD  . GLU A 1 71 ? 0.020   -10.491 9.271   1.00 43.23 ? 350  GLU A CD  1 
ATOM   677  O OE1 . GLU A 1 71 ? 0.733   -10.234 8.264   1.00 39.94 ? 350  GLU A OE1 1 
ATOM   678  O OE2 . GLU A 1 71 ? -0.196  -9.643  10.179  1.00 47.42 ? 350  GLU A OE2 1 
ATOM   679  N N   . GLU A 1 72 ? 0.122   -14.117 5.461   1.00 32.25 ? 351  GLU A N   1 
ATOM   680  C CA  . GLU A 1 72 ? -0.127  -15.031 4.315   1.00 32.88 ? 351  GLU A CA  1 
ATOM   681  C C   . GLU A 1 72 ? 0.856   -16.171 4.245   1.00 31.17 ? 351  GLU A C   1 
ATOM   682  O O   . GLU A 1 72 ? 0.474   -17.332 4.000   1.00 27.25 ? 351  GLU A O   1 
ATOM   683  C CB  . GLU A 1 72 ? -0.062  -14.287 2.982   1.00 36.66 ? 351  GLU A CB  1 
ATOM   684  C CG  A GLU A 1 72 ? -1.277  -13.462 2.620   0.70 40.13 ? 351  GLU A CG  1 
ATOM   685  C CG  B GLU A 1 72 ? -1.241  -13.353 2.731   0.30 36.27 ? 351  GLU A CG  1 
ATOM   686  C CD  A GLU A 1 72 ? -1.297  -13.096 1.126   0.70 40.27 ? 351  GLU A CD  1 
ATOM   687  C CD  B GLU A 1 72 ? -0.915  -12.213 1.756   0.30 35.21 ? 351  GLU A CD  1 
ATOM   688  O OE1 A GLU A 1 72 ? -2.288  -12.487 0.673   0.70 45.17 ? 351  GLU A OE1 1 
ATOM   689  O OE1 B GLU A 1 72 ? -0.012  -12.366 0.900   0.30 34.77 ? 351  GLU A OE1 1 
ATOM   690  O OE2 A GLU A 1 72 ? -0.325  -13.431 0.402   0.70 45.54 ? 351  GLU A OE2 1 
ATOM   691  O OE2 B GLU A 1 72 ? -1.565  -11.154 1.859   0.30 36.14 ? 351  GLU A OE2 1 
ATOM   692  N N   . LEU A 1 73 ? 2.131   -15.843 4.437   1.00 27.25 ? 352  LEU A N   1 
ATOM   693  C CA  . LEU A 1 73 ? 3.193   -16.846 4.493   1.00 25.54 ? 352  LEU A CA  1 
ATOM   694  C C   . LEU A 1 73 ? 2.848   -17.909 5.541   1.00 23.58 ? 352  LEU A C   1 
ATOM   695  O O   . LEU A 1 73 ? 2.725   -19.106 5.237   1.00 25.93 ? 352  LEU A O   1 
ATOM   696  C CB  . LEU A 1 73 ? 4.541   -16.139 4.775   1.00 23.06 ? 352  LEU A CB  1 
ATOM   697  C CG  . LEU A 1 73 ? 5.838   -16.960 4.745   1.00 23.68 ? 352  LEU A CG  1 
ATOM   698  C CD1 . LEU A 1 73 ? 7.068   -16.069 4.422   1.00 24.13 ? 352  LEU A CD1 1 
ATOM   699  C CD2 . LEU A 1 73 ? 6.038   -17.680 6.101   1.00 23.79 ? 352  LEU A CD2 1 
ATOM   700  N N   . VAL A 1 74 ? 2.581   -17.453 6.765   1.00 27.91 ? 353  VAL A N   1 
ATOM   701  C CA  . VAL A 1 74 ? 2.251   -18.371 7.863   1.00 28.66 ? 353  VAL A CA  1 
ATOM   702  C C   . VAL A 1 74 ? 1.064   -19.319 7.545   1.00 30.36 ? 353  VAL A C   1 
ATOM   703  O O   . VAL A 1 74 ? 1.197   -20.549 7.628   1.00 28.32 ? 353  VAL A O   1 
ATOM   704  C CB  . VAL A 1 74 ? 2.021   -17.590 9.174   1.00 27.83 ? 353  VAL A CB  1 
ATOM   705  C CG1 . VAL A 1 74 ? 1.335   -18.487 10.227  1.00 27.96 ? 353  VAL A CG1 1 
ATOM   706  C CG2 . VAL A 1 74 ? 3.358   -17.037 9.701   1.00 29.54 ? 353  VAL A CG2 1 
ATOM   707  N N   . GLU A 1 75 ? -0.059  -18.751 7.123   1.00 32.14 ? 354  GLU A N   1 
ATOM   708  C CA  . GLU A 1 75 ? -1.234  -19.578 6.750   1.00 33.92 ? 354  GLU A CA  1 
ATOM   709  C C   . GLU A 1 75 ? -0.942  -20.588 5.656   1.00 33.79 ? 354  GLU A C   1 
ATOM   710  O O   . GLU A 1 75 ? -1.350  -21.740 5.733   1.00 30.90 ? 354  GLU A O   1 
ATOM   711  C CB  . GLU A 1 75 ? -2.413  -18.697 6.344   1.00 38.68 ? 354  GLU A CB  1 
ATOM   712  C CG  . GLU A 1 75 ? -2.991  -17.875 7.497   1.00 41.96 ? 354  GLU A CG  1 
ATOM   713  C CD  . GLU A 1 75 ? -3.441  -18.753 8.676   1.00 43.48 ? 354  GLU A CD  1 
ATOM   714  O OE1 . GLU A 1 75 ? -4.028  -19.839 8.419   1.00 41.07 ? 354  GLU A OE1 1 
ATOM   715  O OE2 . GLU A 1 75 ? -3.181  -18.362 9.843   1.00 41.06 ? 354  GLU A OE2 1 
ATOM   716  N N   . HIS A 1 76 ? -0.223  -20.164 4.628   1.00 32.92 ? 355  HIS A N   1 
ATOM   717  C CA  . HIS A 1 76 ? 0.138   -21.051 3.564   1.00 30.73 ? 355  HIS A CA  1 
ATOM   718  C C   . HIS A 1 76 ? 0.872   -22.287 4.035   1.00 34.59 ? 355  HIS A C   1 
ATOM   719  O O   . HIS A 1 76 ? 0.594   -23.407 3.562   1.00 31.57 ? 355  HIS A O   1 
ATOM   720  C CB  . HIS A 1 76 ? 0.980   -20.294 2.544   1.00 34.70 ? 355  HIS A CB  1 
ATOM   721  C CG  . HIS A 1 76 ? 1.377   -21.119 1.381   1.00 35.53 ? 355  HIS A CG  1 
ATOM   722  N ND1 . HIS A 1 76 ? 0.596   -21.229 0.259   1.00 37.62 ? 355  HIS A ND1 1 
ATOM   723  C CD2 . HIS A 1 76 ? 2.454   -21.904 1.174   1.00 38.13 ? 355  HIS A CD2 1 
ATOM   724  C CE1 . HIS A 1 76 ? 1.187   -22.027 -0.601  1.00 37.64 ? 355  HIS A CE1 1 
ATOM   725  N NE2 . HIS A 1 76 ? 2.317   -22.451 -0.070  1.00 39.54 ? 355  HIS A NE2 1 
ATOM   726  N N   . TYR A 1 77 ? 1.809   -22.094 4.977   1.00 29.22 ? 356  TYR A N   1 
ATOM   727  C CA  . TYR A 1 77 ? 2.589   -23.187 5.481   1.00 25.91 ? 356  TYR A CA  1 
ATOM   728  C C   . TYR A 1 77 ? 1.982   -24.016 6.620   1.00 26.00 ? 356  TYR A C   1 
ATOM   729  O O   . TYR A 1 77 ? 2.609   -24.972 7.091   1.00 24.95 ? 356  TYR A O   1 
ATOM   730  C CB  . TYR A 1 77 ? 4.001   -22.720 5.738   1.00 29.46 ? 356  TYR A CB  1 
ATOM   731  C CG  . TYR A 1 77 ? 4.688   -22.426 4.432   1.00 29.16 ? 356  TYR A CG  1 
ATOM   732  C CD1 . TYR A 1 77 ? 5.025   -23.462 3.572   1.00 30.99 ? 356  TYR A CD1 1 
ATOM   733  C CD2 . TYR A 1 77 ? 5.013   -21.137 4.054   1.00 30.96 ? 356  TYR A CD2 1 
ATOM   734  C CE1 . TYR A 1 77 ? 5.675   -23.220 2.338   1.00 33.26 ? 356  TYR A CE1 1 
ATOM   735  C CE2 . TYR A 1 77 ? 5.685   -20.890 2.835   1.00 32.30 ? 356  TYR A CE2 1 
ATOM   736  C CZ  . TYR A 1 77 ? 5.998   -21.944 1.989   1.00 33.77 ? 356  TYR A CZ  1 
ATOM   737  O OH  . TYR A 1 77 ? 6.642   -21.722 0.774   1.00 33.35 ? 356  TYR A OH  1 
ATOM   738  N N   . LYS A 1 78 ? 0.761   -23.666 6.998   1.00 30.91 ? 357  LYS A N   1 
ATOM   739  C CA  . LYS A 1 78 ? -0.088  -24.488 7.862   1.00 33.26 ? 357  LYS A CA  1 
ATOM   740  C C   . LYS A 1 78 ? -0.859  -25.527 7.023   1.00 36.07 ? 357  LYS A C   1 
ATOM   741  O O   . LYS A 1 78 ? -1.201  -26.604 7.534   1.00 36.57 ? 357  LYS A O   1 
ATOM   742  C CB  . LYS A 1 78 ? -1.068  -23.621 8.641   1.00 32.85 ? 357  LYS A CB  1 
ATOM   743  C CG  . LYS A 1 78 ? -0.435  -22.814 9.760   1.00 31.57 ? 357  LYS A CG  1 
ATOM   744  C CD  . LYS A 1 78 ? -1.439  -21.898 10.444  1.00 32.42 ? 357  LYS A CD  1 
ATOM   745  C CE  . LYS A 1 78 ? -0.792  -21.138 11.605  1.00 34.29 ? 357  LYS A CE  1 
ATOM   746  N NZ  . LYS A 1 78 ? -1.709  -20.194 12.250  1.00 36.29 ? 357  LYS A NZ  1 
ATOM   747  N N   . LYS A 1 79 ? -1.115  -25.207 5.744   1.00 40.14 ? 358  LYS A N   1 
ATOM   748  C CA  . LYS A 1 79 ? -1.834  -26.111 4.798   1.00 39.68 ? 358  LYS A CA  1 
ATOM   749  C C   . LYS A 1 79 ? -0.897  -26.844 3.817   1.00 41.03 ? 358  LYS A C   1 
ATOM   750  O O   . LYS A 1 79 ? -1.198  -27.967 3.422   1.00 43.31 ? 358  LYS A O   1 
ATOM   751  C CB  . LYS A 1 79 ? -2.899  -25.343 4.014   1.00 43.94 ? 358  LYS A CB  1 
ATOM   752  C CG  . LYS A 1 79 ? -4.094  -24.831 4.862   1.00 46.77 ? 358  LYS A CG  1 
ATOM   753  C CD  . LYS A 1 79 ? -3.740  -23.591 5.666   1.00 48.29 ? 358  LYS A CD  1 
ATOM   754  C CE  . LYS A 1 79 ? -4.903  -22.955 6.399   1.00 49.57 ? 358  LYS A CE  1 
ATOM   755  N NZ  . LYS A 1 79 ? -4.396  -21.792 7.255   1.00 48.23 ? 358  LYS A NZ  1 
ATOM   756  N N   . ALA A 1 80 ? 0.200   -26.201 3.395   1.00 32.19 ? 359  ALA A N   1 
ATOM   757  C CA  . ALA A 1 80 ? 1.194   -26.831 2.531   1.00 36.18 ? 359  ALA A CA  1 
ATOM   758  C C   . ALA A 1 80 ? 2.466   -26.980 3.349   1.00 32.25 ? 359  ALA A C   1 
ATOM   759  O O   . ALA A 1 80 ? 2.679   -26.204 4.254   1.00 33.66 ? 359  ALA A O   1 
ATOM   760  C CB  . ALA A 1 80 ? 1.445   -25.978 1.312   1.00 35.39 ? 359  ALA A CB  1 
ATOM   761  N N   . PRO A 1 81 ? 3.298   -27.981 3.051   1.00 32.96 ? 360  PRO A N   1 
ATOM   762  C CA  . PRO A 1 81 ? 4.505   -28.171 3.837   1.00 32.15 ? 360  PRO A CA  1 
ATOM   763  C C   . PRO A 1 81 ? 5.601   -27.122 3.603   1.00 32.79 ? 360  PRO A C   1 
ATOM   764  O O   . PRO A 1 81 ? 5.886   -26.726 2.447   1.00 28.70 ? 360  PRO A O   1 
ATOM   765  C CB  . PRO A 1 81 ? 5.000   -29.529 3.381   1.00 34.18 ? 360  PRO A CB  1 
ATOM   766  C CG  . PRO A 1 81 ? 4.485   -29.666 1.991   1.00 34.74 ? 360  PRO A CG  1 
ATOM   767  C CD  . PRO A 1 81 ? 3.157   -29.024 2.017   1.00 33.76 ? 360  PRO A CD  1 
ATOM   768  N N   . ILE A 1 82 ? 6.233   -26.706 4.689   1.00 28.31 ? 361  ILE A N   1 
ATOM   769  C CA  . ILE A 1 82 ? 7.337   -25.721 4.613   1.00 24.70 ? 361  ILE A CA  1 
ATOM   770  C C   . ILE A 1 82 ? 8.636   -26.469 4.279   1.00 28.06 ? 361  ILE A C   1 
ATOM   771  O O   . ILE A 1 82 ? 9.599   -25.874 3.799   1.00 28.03 ? 361  ILE A O   1 
ATOM   772  C CB  . ILE A 1 82 ? 7.425   -24.935 5.927   1.00 25.51 ? 361  ILE A CB  1 
ATOM   773  C CG1 . ILE A 1 82 ? 8.278   -23.666 5.777   1.00 26.75 ? 361  ILE A CG1 1 
ATOM   774  C CG2 . ILE A 1 82 ? 7.965   -25.820 6.996   1.00 24.44 ? 361  ILE A CG2 1 
ATOM   775  C CD1 . ILE A 1 82 ? 8.304   -22.786 7.058   1.00 23.60 ? 361  ILE A CD1 1 
ATOM   776  N N   . PHE A 1 83 ? 8.648   -27.789 4.521   1.00 28.10 ? 362  PHE A N   1 
ATOM   777  C CA  . PHE A 1 83 ? 9.749   -28.666 4.206   1.00 29.59 ? 362  PHE A CA  1 
ATOM   778  C C   . PHE A 1 83 ? 9.220   -30.093 3.984   1.00 31.90 ? 362  PHE A C   1 
ATOM   779  O O   . PHE A 1 83 ? 8.389   -30.600 4.758   1.00 29.91 ? 362  PHE A O   1 
ATOM   780  C CB  . PHE A 1 83 ? 10.723  -28.699 5.346   1.00 32.85 ? 362  PHE A CB  1 
ATOM   781  C CG  . PHE A 1 83 ? 11.910  -29.559 5.109   1.00 31.07 ? 362  PHE A CG  1 
ATOM   782  C CD1 . PHE A 1 83 ? 12.882  -29.175 4.208   1.00 31.85 ? 362  PHE A CD1 1 
ATOM   783  C CD2 . PHE A 1 83 ? 12.078  -30.746 5.807   1.00 34.87 ? 362  PHE A CD2 1 
ATOM   784  C CE1 . PHE A 1 83 ? 13.995  -29.965 3.984   1.00 35.70 ? 362  PHE A CE1 1 
ATOM   785  C CE2 . PHE A 1 83 ? 13.184  -31.538 5.598   1.00 35.54 ? 362  PHE A CE2 1 
ATOM   786  C CZ  . PHE A 1 83 ? 14.150  -31.150 4.682   1.00 34.83 ? 362  PHE A CZ  1 
ATOM   787  N N   . THR A 1 84 ? 9.708   -30.718 2.922   1.00 34.86 ? 363  THR A N   1 
ATOM   788  C CA  . THR A 1 84 ? 9.455   -32.150 2.660   1.00 35.54 ? 363  THR A CA  1 
ATOM   789  C C   . THR A 1 84 ? 10.816  -32.798 2.718   1.00 37.34 ? 363  THR A C   1 
ATOM   790  O O   . THR A 1 84 ? 11.742  -32.356 2.029   1.00 35.67 ? 363  THR A O   1 
ATOM   791  C CB  . THR A 1 84 ? 8.848   -32.371 1.297   1.00 38.93 ? 363  THR A CB  1 
ATOM   792  O OG1 . THR A 1 84 ? 7.635   -31.620 1.190   1.00 38.12 ? 363  THR A OG1 1 
ATOM   793  C CG2 . THR A 1 84 ? 8.549   -33.849 1.084   1.00 37.55 ? 363  THR A CG2 1 
ATOM   794  N N   . SER A 1 85 ? 10.973  -33.805 3.556   1.00 36.35 ? 364  SER A N   1 
ATOM   795  C CA  . SER A 1 85 ? 12.238  -34.513 3.627   1.00 43.62 ? 364  SER A CA  1 
ATOM   796  C C   . SER A 1 85 ? 12.352  -35.387 2.387   1.00 45.14 ? 364  SER A C   1 
ATOM   797  O O   . SER A 1 85 ? 11.418  -35.484 1.585   1.00 45.26 ? 364  SER A O   1 
ATOM   798  C CB  . SER A 1 85 ? 12.311  -35.404 4.866   1.00 44.76 ? 364  SER A CB  1 
ATOM   799  O OG  . SER A 1 85 ? 11.546  -36.579 4.681   1.00 49.17 ? 364  SER A OG  1 
ATOM   800  N N   . GLU A 1 86 ? 13.497  -36.024 2.243   1.00 48.52 ? 365  GLU A N   1 
ATOM   801  C CA  . GLU A 1 86 ? 13.711  -36.960 1.154   1.00 53.01 ? 365  GLU A CA  1 
ATOM   802  C C   . GLU A 1 86 ? 13.020  -38.313 1.391   1.00 54.85 ? 365  GLU A C   1 
ATOM   803  O O   . GLU A 1 86 ? 12.914  -39.113 0.459   1.00 57.43 ? 365  GLU A O   1 
ATOM   804  C CB  . GLU A 1 86 ? 15.186  -37.121 0.900   1.00 53.62 ? 365  GLU A CB  1 
ATOM   805  C CG  . GLU A 1 86 ? 15.779  -35.844 0.371   1.00 54.23 ? 365  GLU A CG  1 
ATOM   806  C CD  . GLU A 1 86 ? 17.259  -35.845 0.361   1.00 53.97 ? 365  GLU A CD  1 
ATOM   807  O OE1 . GLU A 1 86 ? 17.867  -36.921 0.568   1.00 56.13 ? 365  GLU A OE1 1 
ATOM   808  O OE2 . GLU A 1 86 ? 17.820  -34.754 0.138   1.00 54.18 ? 365  GLU A OE2 1 
ATOM   809  N N   . GLN A 1 87 ? 12.545  -38.561 2.627   1.00 56.46 ? 366  GLN A N   1 
ATOM   810  C CA  . GLN A 1 87 ? 11.716  -39.742 2.926   1.00 54.99 ? 366  GLN A CA  1 
ATOM   811  C C   . GLN A 1 87 ? 10.233  -39.370 2.618   1.00 53.92 ? 366  GLN A C   1 
ATOM   812  O O   . GLN A 1 87 ? 9.335   -40.200 2.792   1.00 57.46 ? 366  GLN A O   1 
ATOM   813  C CB  . GLN A 1 87 ? 11.956  -40.267 4.395   1.00 57.75 ? 366  GLN A CB  1 
ATOM   814  C CG  A GLN A 1 87 ? 13.353  -40.957 4.477   0.50 58.54 ? 366  GLN A CG  1 
ATOM   815  C CG  B GLN A 1 87 ? 10.822  -39.842 5.436   0.50 58.39 ? 366  GLN A CG  1 
ATOM   816  C CD  A GLN A 1 87 ? 14.450  -40.039 5.011   0.50 59.67 ? 366  GLN A CD  1 
ATOM   817  C CD  B GLN A 1 87 ? 9.839   -40.971 5.826   0.50 58.79 ? 366  GLN A CD  1 
ATOM   818  O OE1 A GLN A 1 87 ? 14.783  -40.087 6.199   0.50 60.18 ? 366  GLN A OE1 1 
ATOM   819  O OE1 B GLN A 1 87 ? 8.643   -40.897 5.547   0.50 61.12 ? 366  GLN A OE1 1 
ATOM   820  N NE2 A GLN A 1 87 ? 14.997  -39.186 4.147   0.50 59.97 ? 366  GLN A NE2 1 
ATOM   821  N NE2 B GLN A 1 87 ? 10.352  -42.002 6.495   0.50 59.52 ? 366  GLN A NE2 1 
ATOM   822  N N   . GLY A 1 88 ? 9.990   -38.133 2.146   1.00 49.15 ? 367  GLY A N   1 
ATOM   823  C CA  . GLY A 1 88 ? 8.645   -37.646 1.830   1.00 49.25 ? 367  GLY A CA  1 
ATOM   824  C C   . GLY A 1 88 ? 7.887   -37.096 3.031   1.00 49.02 ? 367  GLY A C   1 
ATOM   825  O O   . GLY A 1 88 ? 6.689   -36.769 2.924   1.00 47.39 ? 367  GLY A O   1 
ATOM   826  N N   . GLU A 1 89 ? 8.587   -36.968 4.163   1.00 48.14 ? 368  GLU A N   1 
ATOM   827  C CA  . GLU A 1 89 ? 7.989   -36.504 5.418   1.00 48.96 ? 368  GLU A CA  1 
ATOM   828  C C   . GLU A 1 89 ? 7.740   -35.023 5.297   1.00 43.71 ? 368  GLU A C   1 
ATOM   829  O O   . GLU A 1 89 ? 8.696   -34.242 5.136   1.00 40.15 ? 368  GLU A O   1 
ATOM   830  C CB  . GLU A 1 89 ? 8.918   -36.780 6.618   1.00 51.59 ? 368  GLU A CB  1 
ATOM   831  C CG  A GLU A 1 89 ? 8.385   -37.822 7.606   0.60 53.09 ? 368  GLU A CG  1 
ATOM   832  C CG  B GLU A 1 89 ? 8.237   -37.455 7.821   0.40 52.85 ? 368  GLU A CG  1 
ATOM   833  C CD  A GLU A 1 89 ? 9.486   -38.510 8.419   0.60 52.70 ? 368  GLU A CD  1 
ATOM   834  C CD  B GLU A 1 89 ? 8.926   -37.131 9.153   0.40 52.82 ? 368  GLU A CD  1 
ATOM   835  O OE1 A GLU A 1 89 ? 10.663  -38.074 8.372   0.60 54.37 ? 368  GLU A OE1 1 
ATOM   836  O OE1 B GLU A 1 89 ? 10.177  -37.151 9.208   0.40 55.04 ? 368  GLU A OE1 1 
ATOM   837  O OE2 A GLU A 1 89 ? 9.163   -39.499 9.107   0.60 52.22 ? 368  GLU A OE2 1 
ATOM   838  O OE2 B GLU A 1 89 ? 8.211   -36.862 10.145  0.40 53.00 ? 368  GLU A OE2 1 
ATOM   839  N N   . LYS A 1 90 ? 6.463   -34.653 5.336   1.00 39.40 ? 369  LYS A N   1 
ATOM   840  C CA  . LYS A 1 90 ? 6.024   -33.283 5.221   1.00 38.90 ? 369  LYS A CA  1 
ATOM   841  C C   . LYS A 1 90 ? 5.937   -32.624 6.602   1.00 39.39 ? 369  LYS A C   1 
ATOM   842  O O   . LYS A 1 90 ? 5.256   -33.142 7.493   1.00 37.78 ? 369  LYS A O   1 
ATOM   843  C CB  . LYS A 1 90 ? 4.649   -33.233 4.580   1.00 41.60 ? 369  LYS A CB  1 
ATOM   844  C CG  . LYS A 1 90 ? 4.600   -33.789 3.164   1.00 42.07 ? 369  LYS A CG  1 
ATOM   845  C CD  . LYS A 1 90 ? 3.215   -33.594 2.558   1.00 42.45 ? 369  LYS A CD  1 
ATOM   846  C CE  . LYS A 1 90 ? 3.088   -34.226 1.184   1.00 44.47 ? 369  LYS A CE  1 
ATOM   847  N NZ  . LYS A 1 90 ? 1.728   -33.974 0.596   1.00 45.30 ? 369  LYS A NZ  1 
ATOM   848  N N   . LEU A 1 91 ? 6.620   -31.487 6.755   1.00 32.92 ? 370  LEU A N   1 
ATOM   849  C CA  . LEU A 1 91 ? 6.597   -30.704 7.996   1.00 33.03 ? 370  LEU A CA  1 
ATOM   850  C C   . LEU A 1 91 ? 5.779   -29.450 7.740   1.00 30.76 ? 370  LEU A C   1 
ATOM   851  O O   . LEU A 1 91 ? 5.995   -28.776 6.739   1.00 32.13 ? 370  LEU A O   1 
ATOM   852  C CB  . LEU A 1 91 ? 8.013   -30.316 8.401   1.00 32.79 ? 370  LEU A CB  1 
ATOM   853  C CG  . LEU A 1 91 ? 9.067   -31.429 8.428   1.00 35.81 ? 370  LEU A CG  1 
ATOM   854  C CD1 . LEU A 1 91 ? 10.380  -30.881 9.000   1.00 36.77 ? 370  LEU A CD1 1 
ATOM   855  C CD2 . LEU A 1 91 ? 8.567   -32.640 9.246   1.00 32.68 ? 370  LEU A CD2 1 
ATOM   856  N N   . TYR A 1 92 ? 4.822   -29.156 8.627   1.00 24.68 ? 371  TYR A N   1 
ATOM   857  C CA  . TYR A 1 92 ? 3.954   -28.016 8.542   1.00 25.13 ? 371  TYR A CA  1 
ATOM   858  C C   . TYR A 1 92 ? 4.100   -27.164 9.802   1.00 26.23 ? 371  TYR A C   1 
ATOM   859  O O   . TYR A 1 92 ? 4.512   -27.655 10.844  1.00 24.95 ? 371  TYR A O   1 
ATOM   860  C CB  . TYR A 1 92 ? 2.493   -28.450 8.494   1.00 30.76 ? 371  TYR A CB  1 
ATOM   861  C CG  . TYR A 1 92 ? 2.139   -29.391 7.366   1.00 29.92 ? 371  TYR A CG  1 
ATOM   862  C CD1 . TYR A 1 92 ? 2.493   -30.731 7.428   1.00 33.12 ? 371  TYR A CD1 1 
ATOM   863  C CD2 . TYR A 1 92 ? 1.432   -28.954 6.268   1.00 32.01 ? 371  TYR A CD2 1 
ATOM   864  C CE1 . TYR A 1 92 ? 2.171   -31.601 6.402   1.00 34.52 ? 371  TYR A CE1 1 
ATOM   865  C CE2 . TYR A 1 92 ? 1.090   -29.829 5.242   1.00 32.06 ? 371  TYR A CE2 1 
ATOM   866  C CZ  . TYR A 1 92 ? 1.471   -31.131 5.310   1.00 33.05 ? 371  TYR A CZ  1 
ATOM   867  O OH  . TYR A 1 92 ? 1.144   -32.017 4.292   1.00 34.86 ? 371  TYR A OH  1 
ATOM   868  N N   . LEU A 1 93 ? 3.742   -25.896 9.670   1.00 23.56 ? 372  LEU A N   1 
ATOM   869  C CA  . LEU A 1 93 ? 3.636   -24.983 10.780  1.00 22.72 ? 372  LEU A CA  1 
ATOM   870  C C   . LEU A 1 93 ? 2.284   -25.367 11.428  1.00 26.78 ? 372  LEU A C   1 
ATOM   871  O O   . LEU A 1 93 ? 1.378   -25.717 10.718  1.00 26.11 ? 372  LEU A O   1 
ATOM   872  C CB  . LEU A 1 93 ? 3.547   -23.538 10.303  1.00 22.68 ? 372  LEU A CB  1 
ATOM   873  C CG  . LEU A 1 93 ? 4.779   -22.963 9.529   1.00 20.97 ? 372  LEU A CG  1 
ATOM   874  C CD1 . LEU A 1 93 ? 4.689   -21.469 9.314   1.00 23.14 ? 372  LEU A CD1 1 
ATOM   875  C CD2 . LEU A 1 93 ? 6.028   -23.311 10.206  1.00 23.53 ? 372  LEU A CD2 1 
ATOM   876  N N   . VAL A 1 94 ? 2.171   -25.279 12.739  1.00 24.67 ? 373  VAL A N   1 
ATOM   877  C CA  . VAL A 1 94 ? 0.872   -25.585 13.437  1.00 28.05 ? 373  VAL A CA  1 
ATOM   878  C C   . VAL A 1 94 ? 0.390   -24.321 14.190  1.00 28.14 ? 373  VAL A C   1 
ATOM   879  O O   . VAL A 1 94 ? -0.691  -23.777 13.869  1.00 28.08 ? 373  VAL A O   1 
ATOM   880  C CB  . VAL A 1 94 ? 0.979   -26.888 14.275  1.00 26.67 ? 373  VAL A CB  1 
ATOM   881  C CG1 . VAL A 1 94 ? -0.305  -27.154 15.065  1.00 29.20 ? 373  VAL A CG1 1 
ATOM   882  C CG2 . VAL A 1 94 ? 1.296   -28.085 13.353  1.00 30.07 ? 373  VAL A CG2 1 
ATOM   883  N N   . LYS A 1 95 ? 1.174   -23.800 15.156  1.00 25.83 ? 374  LYS A N   1 
ATOM   884  C CA  . LYS A 1 95 ? 0.831   -22.507 15.796  1.00 27.99 ? 374  LYS A CA  1 
ATOM   885  C C   . LYS A 1 95 ? 2.040   -21.788 16.382  1.00 24.93 ? 374  LYS A C   1 
ATOM   886  O O   . LYS A 1 95 ? 3.068   -22.394 16.598  1.00 23.72 ? 374  LYS A O   1 
ATOM   887  C CB  . LYS A 1 95 ? -0.218  -22.697 16.906  1.00 32.32 ? 374  LYS A CB  1 
ATOM   888  C CG  . LYS A 1 95 ? 0.221   -23.648 17.993  1.00 32.81 ? 374  LYS A CG  1 
ATOM   889  C CD  . LYS A 1 95 ? -0.762  -23.625 19.167  1.00 35.21 ? 374  LYS A CD  1 
ATOM   890  C CE  . LYS A 1 95 ? -0.223  -24.390 20.333  1.00 34.81 ? 374  LYS A CE  1 
ATOM   891  N NZ  . LYS A 1 95 ? 1.025   -23.780 20.895  1.00 37.38 ? 374  LYS A NZ  1 
ATOM   892  N N   . HIS A 1 96 ? 1.858   -20.517 16.679  1.00 24.11 ? 375  HIS A N   1 
ATOM   893  C CA  . HIS A 1 96 ? 2.911   -19.661 17.244  1.00 27.47 ? 375  HIS A CA  1 
ATOM   894  C C   . HIS A 1 96 ? 3.321   -20.179 18.633  1.00 31.31 ? 375  HIS A C   1 
ATOM   895  O O   . HIS A 1 96 ? 2.471   -20.681 19.383  1.00 26.96 ? 375  HIS A O   1 
ATOM   896  C CB  . HIS A 1 96 ? 2.467   -18.179 17.309  1.00 29.83 ? 375  HIS A CB  1 
ATOM   897  C CG  A HIS A 1 96 ? 2.679   -17.462 15.998  0.75 32.12 ? 375  HIS A CG  1 
ATOM   898  C CG  B HIS A 1 96 ? 1.787   -17.829 18.619  0.25 28.40 ? 375  HIS A CG  1 
ATOM   899  N ND1 A HIS A 1 96 ? 3.927   -17.105 15.529  0.75 35.04 ? 375  HIS A ND1 1 
ATOM   900  N ND1 B HIS A 1 96 ? 0.460   -18.112 18.872  0.25 26.15 ? 375  HIS A ND1 1 
ATOM   901  C CD2 A HIS A 1 96 ? 1.791   -16.996 15.077  0.75 35.97 ? 375  HIS A CD2 1 
ATOM   902  C CD2 B HIS A 1 96 ? 2.242   -17.182 19.721  0.25 28.08 ? 375  HIS A CD2 1 
ATOM   903  C CE1 A HIS A 1 96 ? 3.798   -16.450 14.386  0.75 32.90 ? 375  HIS A CE1 1 
ATOM   904  C CE1 B HIS A 1 96 ? 0.137   -17.681 20.079  0.25 28.17 ? 375  HIS A CE1 1 
ATOM   905  N NE2 A HIS A 1 96 ? 2.511   -16.383 14.082  0.75 33.47 ? 375  HIS A NE2 1 
ATOM   906  N NE2 B HIS A 1 96 ? 1.201   -17.114 20.617  0.25 27.85 ? 375  HIS A NE2 1 
ATOM   907  N N   . LEU A 1 97 ? 4.628   -20.135 18.923  1.00 26.36 ? 376  LEU A N   1 
ATOM   908  C CA  . LEU A 1 97 ? 5.139   -20.402 20.272  1.00 28.60 ? 376  LEU A CA  1 
ATOM   909  C C   . LEU A 1 97 ? 4.716   -19.204 21.128  1.00 31.41 ? 376  LEU A C   1 
ATOM   910  O O   . LEU A 1 97 ? 5.054   -18.060 20.816  1.00 30.41 ? 376  LEU A O   1 
ATOM   911  C CB  . LEU A 1 97 ? 6.668   -20.480 20.300  1.00 27.12 ? 376  LEU A CB  1 
ATOM   912  C CG  . LEU A 1 97 ? 7.317   -20.935 21.645  1.00 25.97 ? 376  LEU A CG  1 
ATOM   913  C CD1 . LEU A 1 97 ? 7.124   -22.421 21.863  1.00 25.45 ? 376  LEU A CD1 1 
ATOM   914  C CD2 . LEU A 1 97 ? 8.728   -20.617 21.700  1.00 23.63 ? 376  LEU A CD2 1 
ATOM   915  N N   . SER A 1 98 ? 3.972   -19.468 22.199  1.00 38.11 ? 377  SER A N   1 
ATOM   916  C CA  . SER A 1 98 ? 3.495   -18.392 23.068  1.00 43.37 ? 377  SER A CA  1 
ATOM   917  C C   . SER A 1 98 ? 4.693   -17.756 23.751  1.00 46.50 ? 377  SER A C   1 
ATOM   918  O O   . SER A 1 98 ? 5.550   -18.485 24.257  1.00 48.43 ? 377  SER A O   1 
ATOM   919  C CB  . SER A 1 98 ? 2.543   -18.930 24.140  1.00 45.47 ? 377  SER A CB  1 
ATOM   920  O OG  . SER A 1 98 ? 3.245   -19.751 25.061  1.00 48.61 ? 377  SER A OG  1 
ATOM   921  N N   . SER A 1 99 ? 4.808   -16.534 23.805  1.00 47.94 ? 378  SER A N   1 
HETATM 922  S S   . SO4 B 2 .  ? -4.950  10.105  -10.391 1.00 34.28 ? 381  SO4 A S   1 
HETATM 923  O O1  . SO4 B 2 .  ? -4.495  11.452  -10.211 1.00 32.87 ? 381  SO4 A O1  1 
HETATM 924  O O2  . SO4 B 2 .  ? -5.648  10.082  -11.640 1.00 37.91 ? 381  SO4 A O2  1 
HETATM 925  O O3  . SO4 B 2 .  ? -3.808  9.211   -10.361 1.00 37.87 ? 381  SO4 A O3  1 
HETATM 926  O O4  . SO4 B 2 .  ? -5.925  9.734   -9.396  1.00 36.57 ? 381  SO4 A O4  1 
HETATM 927  S S   . SO4 C 2 .  ? -17.872 9.639   -6.807  1.00 78.46 ? 382  SO4 A S   1 
HETATM 928  O O1  . SO4 C 2 .  ? -16.752 10.057  -7.656  1.00 75.42 ? 382  SO4 A O1  1 
HETATM 929  O O2  . SO4 C 2 .  ? -18.967 9.170   -7.660  1.00 76.55 ? 382  SO4 A O2  1 
HETATM 930  O O3  . SO4 C 2 .  ? -17.457 8.555   -5.901  1.00 76.28 ? 382  SO4 A O3  1 
HETATM 931  O O4  . SO4 C 2 .  ? -18.321 10.791  -6.021  1.00 75.75 ? 382  SO4 A O4  1 
HETATM 932  S S   . SO4 D 2 .  ? -2.704  30.622  -0.020  0.50 26.29 ? 383  SO4 A S   1 
HETATM 933  O O1  . SO4 D 2 .  ? -1.494  30.256  0.693   0.50 32.43 ? 383  SO4 A O1  1 
HETATM 934  O O2  . SO4 D 2 .  ? -2.676  32.022  -0.401  0.50 33.34 ? 383  SO4 A O2  1 
HETATM 935  O O3  . SO4 D 2 .  ? -2.855  29.833  -1.234  0.50 32.59 ? 383  SO4 A O3  1 
HETATM 936  O O4  . SO4 D 2 .  ? -3.831  30.422  0.884   0.50 31.09 ? 383  SO4 A O4  1 
HETATM 937  S S   . SO4 E 2 .  ? -1.356  -19.004 15.529  1.00 62.87 ? 384  SO4 A S   1 
HETATM 938  O O1  . SO4 E 2 .  ? -1.536  -17.580 15.294  1.00 61.27 ? 384  SO4 A O1  1 
HETATM 939  O O2  . SO4 E 2 .  ? -0.391  -19.513 14.558  1.00 63.58 ? 384  SO4 A O2  1 
HETATM 940  O O3  . SO4 E 2 .  ? -0.864  -19.226 16.882  1.00 59.34 ? 384  SO4 A O3  1 
HETATM 941  O O4  . SO4 E 2 .  ? -2.650  -19.674 15.345  1.00 61.21 ? 384  SO4 A O4  1 
HETATM 942  O OH2 . 1PE F 3 .  ? -6.846  9.897   7.467   0.50 36.87 ? 482  1PE A OH2 1 
HETATM 943  C C12 . 1PE F 3 .  ? -6.405  8.544   7.465   0.50 34.56 ? 482  1PE A C12 1 
HETATM 944  C C22 . 1PE F 3 .  ? -5.077  8.370   8.169   0.50 34.53 ? 482  1PE A C22 1 
HETATM 945  O OH3 . 1PE F 3 .  ? -4.417  7.195   7.657   0.50 32.47 ? 482  1PE A OH3 1 
HETATM 946  C C13 . 1PE F 3 .  ? -4.081  4.839   7.916   0.50 28.26 ? 482  1PE A C13 1 
HETATM 947  C C23 . 1PE F 3 .  ? -5.066  5.979   8.038   0.50 28.80 ? 482  1PE A C23 1 
HETATM 948  O OH4 . 1PE F 3 .  ? -4.055  4.376   6.558   0.50 28.55 ? 482  1PE A OH4 1 
HETATM 949  C C14 . 1PE F 3 .  ? -3.528  2.629   5.028   0.50 30.69 ? 482  1PE A C14 1 
HETATM 950  C C24 . 1PE F 3 .  ? -4.003  2.975   6.437   0.50 28.91 ? 482  1PE A C24 1 
HETATM 951  O OH5 . 1PE F 3 .  ? -4.498  1.806   4.399   0.50 31.96 ? 482  1PE A OH5 1 
HETATM 952  C C15 . 1PE F 3 .  ? -6.391  1.370   3.128   0.50 32.12 ? 482  1PE A C15 1 
HETATM 953  C C25 . 1PE F 3 .  ? -5.231  2.351   3.290   0.50 30.73 ? 482  1PE A C25 1 
HETATM 954  O OH6 . 1PE F 3 .  ? -7.159  1.398   1.918   0.50 25.88 ? 482  1PE A OH6 1 
HETATM 955  C C16 . 1PE F 3 .  ? -8.254  2.132   0.126   0.50 32.32 ? 482  1PE A C16 1 
HETATM 956  C C26 . 1PE F 3 .  ? -7.404  2.543   1.069   0.50 31.89 ? 482  1PE A C26 1 
HETATM 957  O O   . HOH G 4 .  ? -0.143  -30.171 10.672  0.50 26.45 ? 2001 HOH A O   1 
HETATM 958  O O   . HOH G 4 .  ? 12.023  -23.672 1.034   0.50 30.45 ? 2002 HOH A O   1 
HETATM 959  O O   . HOH G 4 .  ? 1.602   -31.286 11.126  0.50 30.87 ? 2003 HOH A O   1 
HETATM 960  O O   . HOH G 4 .  ? -15.012 14.874  -12.431 0.50 37.07 ? 2004 HOH A O   1 
HETATM 961  O O   . HOH G 4 .  ? -3.554  13.404  6.786   1.00 34.08 ? 2005 HOH A O   1 
HETATM 962  O O   . HOH G 4 .  ? -4.723  2.199   -0.567  1.00 46.67 ? 2006 HOH A O   1 
HETATM 963  O O   . HOH G 4 .  ? -2.316  12.827  3.194   0.70 20.25 ? 2007 HOH A O   1 
HETATM 964  O O   . HOH G 4 .  ? -11.906 16.312  2.193   1.00 27.44 ? 2008 HOH A O   1 
HETATM 965  O O   . HOH G 4 .  ? -14.130 8.973   -2.617  1.00 34.51 ? 2009 HOH A O   1 
HETATM 966  O O   . HOH G 4 .  ? -7.552  2.529   -4.392  1.00 36.33 ? 2010 HOH A O   1 
HETATM 967  O O   . HOH G 4 .  ? -10.415 0.605   -1.447  1.00 42.45 ? 2011 HOH A O   1 
HETATM 968  O O   . HOH G 4 .  ? -8.669  7.869   -5.229  1.00 49.43 ? 2012 HOH A O   1 
HETATM 969  O O   . HOH G 4 .  ? -15.065 12.625  -8.080  1.00 24.39 ? 2013 HOH A O   1 
HETATM 970  O O   . HOH G 4 .  ? -0.908  15.405  -13.662 1.00 41.92 ? 2014 HOH A O   1 
HETATM 971  O O   . HOH G 4 .  ? -10.183 16.571  -11.680 1.00 39.81 ? 2015 HOH A O   1 
HETATM 972  O O   . HOH G 4 .  ? -16.852 15.035  -7.062  0.50 28.56 ? 2016 HOH A O   1 
HETATM 973  O O   . HOH G 4 .  ? -11.373 18.680  -10.965 1.00 47.82 ? 2017 HOH A O   1 
HETATM 974  O O   . HOH G 4 .  ? -12.971 16.497  -1.020  1.00 24.88 ? 2018 HOH A O   1 
HETATM 975  O O   . HOH G 4 .  ? -7.737  17.748  -12.308 1.00 41.61 ? 2019 HOH A O   1 
HETATM 976  O O   . HOH G 4 .  ? -9.903  22.916  -9.197  1.00 25.95 ? 2020 HOH A O   1 
HETATM 977  O O   . HOH G 4 .  ? -7.720  21.955  -11.970 1.00 43.42 ? 2021 HOH A O   1 
HETATM 978  O O   . HOH G 4 .  ? -14.200 23.451  -2.972  1.00 21.98 ? 2022 HOH A O   1 
HETATM 979  O O   . HOH G 4 .  ? 3.221   28.429  2.043   1.00 35.59 ? 2023 HOH A O   1 
HETATM 980  O O   . HOH G 4 .  ? 5.661   27.152  -1.433  0.50 39.58 ? 2024 HOH A O   1 
HETATM 981  O O   . HOH G 4 .  ? 5.377   30.743  -2.012  1.00 45.22 ? 2025 HOH A O   1 
HETATM 982  O O   . HOH G 4 .  ? 0.902   25.436  3.406   1.00 25.73 ? 2026 HOH A O   1 
HETATM 983  O O   . HOH G 4 .  ? -4.781  24.721  5.242   1.00 38.58 ? 2027 HOH A O   1 
HETATM 984  O O   . HOH G 4 .  ? -8.221  4.222   -6.432  1.00 35.25 ? 2028 HOH A O   1 
HETATM 985  O O   . HOH G 4 .  ? -11.507 12.581  -10.410 1.00 21.73 ? 2029 HOH A O   1 
HETATM 986  O O   . HOH G 4 .  ? -3.650  2.690   -3.434  1.00 42.58 ? 2030 HOH A O   1 
HETATM 987  O O   . HOH G 4 .  ? -1.913  0.642   -2.271  1.00 48.20 ? 2031 HOH A O   1 
HETATM 988  O O   . HOH G 4 .  ? -2.722  -0.033  -9.581  0.70 31.99 ? 2032 HOH A O   1 
HETATM 989  O O   . HOH G 4 .  ? -1.312  11.403  -9.761  1.00 31.87 ? 2033 HOH A O   1 
HETATM 990  O O   . HOH G 4 .  ? -5.547  23.729  -10.856 1.00 42.65 ? 2034 HOH A O   1 
HETATM 991  O O   . HOH G 4 .  ? -6.637  25.042  -4.778  1.00 26.23 ? 2035 HOH A O   1 
HETATM 992  O O   . HOH G 4 .  ? -0.283  12.844  -12.013 1.00 43.09 ? 2036 HOH A O   1 
HETATM 993  O O   . HOH G 4 .  ? 5.792   10.841  -10.227 1.00 46.50 ? 2037 HOH A O   1 
HETATM 994  O O   . HOH G 4 .  ? 4.226   12.866  -11.819 1.00 38.33 ? 2038 HOH A O   1 
HETATM 995  O O   . HOH G 4 .  ? 4.579   -0.873  -9.009  0.50 31.24 ? 2039 HOH A O   1 
HETATM 996  O O   . HOH G 4 .  ? 3.974   -4.167  -6.315  0.50 32.87 ? 2040 HOH A O   1 
HETATM 997  O O   . HOH G 4 .  ? 6.889   -5.722  -5.014  1.00 42.79 ? 2041 HOH A O   1 
HETATM 998  O O   . HOH G 4 .  ? 9.592   -4.503  -3.198  0.50 36.36 ? 2042 HOH A O   1 
HETATM 999  O O   . HOH G 4 .  ? 4.169   -8.523  -2.810  0.50 22.75 ? 2043 HOH A O   1 
HETATM 1000 O O   . HOH G 4 .  ? 14.593  -16.503 1.314   0.50 37.36 ? 2044 HOH A O   1 
HETATM 1001 O O   . HOH G 4 .  ? 15.045  -18.384 0.951   0.50 43.34 ? 2045 HOH A O   1 
HETATM 1002 O O   . HOH G 4 .  ? 13.300  -19.630 -9.113  1.00 22.00 ? 2046 HOH A O   1 
HETATM 1003 O O   . HOH G 4 .  ? 14.214  -22.512 -3.412  1.00 37.87 ? 2047 HOH A O   1 
HETATM 1004 O O   . HOH G 4 .  ? 4.609   -17.429 -5.345  1.00 43.84 ? 2048 HOH A O   1 
HETATM 1005 O O   . HOH G 4 .  ? 3.491   -8.974  7.079   1.00 41.65 ? 2049 HOH A O   1 
HETATM 1006 O O   . HOH G 4 .  ? -1.581  -16.288 10.077  1.00 48.22 ? 2050 HOH A O   1 
HETATM 1007 O O   . HOH G 4 .  ? -0.763  -27.294 10.019  1.00 32.18 ? 2051 HOH A O   1 
HETATM 1008 O O   . HOH G 4 .  ? 10.396  -23.627 2.453   0.50 23.64 ? 2052 HOH A O   1 
HETATM 1009 O O   . HOH G 4 .  ? 5.562   -32.178 -0.654  1.00 41.77 ? 2053 HOH A O   1 
HETATM 1010 O O   . HOH G 4 .  ? 10.788  -28.893 0.810   1.00 38.86 ? 2054 HOH A O   1 
HETATM 1011 O O   . HOH G 4 .  ? -13.373 16.671  5.401   0.50 26.07 ? 2055 HOH A O   1 
HETATM 1012 O O   . HOH G 4 .  ? -10.403 6.424   -6.168  1.00 48.43 ? 2056 HOH A O   1 
HETATM 1013 O O   . HOH G 4 .  ? -14.523 12.439  -10.679 1.00 33.23 ? 2057 HOH A O   1 
HETATM 1014 O O   . HOH G 4 .  ? -10.521 14.275  -12.616 1.00 41.25 ? 2058 HOH A O   1 
HETATM 1015 O O   . HOH G 4 .  ? 3.298   -34.718 8.192   1.00 48.60 ? 2059 HOH A O   1 
HETATM 1016 O O   . HOH G 4 .  ? 5.965   -29.694 12.097  0.50 23.06 ? 2060 HOH A O   1 
HETATM 1017 O O   . HOH G 4 .  ? 4.489   -31.198 10.953  0.50 23.30 ? 2061 HOH A O   1 
HETATM 1018 O O   . HOH G 4 .  ? 0.458   -26.094 22.892  1.00 34.25 ? 2062 HOH A O   1 
HETATM 1019 O O   . HOH G 4 .  ? 0.510   -20.923 20.894  1.00 42.84 ? 2063 HOH A O   1 
HETATM 1020 O O   . HOH G 4 .  ? 3.221   -22.076 22.655  1.00 41.73 ? 2064 HOH A O   1 
HETATM 1021 O O   . HOH G 4 .  ? -8.147  10.668  -12.176 1.00 39.39 ? 2065 HOH A O   1 
HETATM 1022 O O   . HOH G 4 .  ? 9.981   -5.221  -4.895  0.50 27.15 ? 2066 HOH A O   1 
HETATM 1023 O O   . HOH G 4 .  ? -18.151 13.788  -5.138  1.00 46.01 ? 2067 HOH A O   1 
# 
_database_PDB_caveat.id     1 
_database_PDB_caveat.text   'LYS A 286 HAS WRONG CHIRALITY AT ATOM CA' 
# 
loop_
_pdbx_poly_seq_scheme.asym_id 
_pdbx_poly_seq_scheme.entity_id 
_pdbx_poly_seq_scheme.seq_id 
_pdbx_poly_seq_scheme.mon_id 
_pdbx_poly_seq_scheme.ndb_seq_num 
_pdbx_poly_seq_scheme.pdb_seq_num 
_pdbx_poly_seq_scheme.auth_seq_num 
_pdbx_poly_seq_scheme.pdb_mon_id 
_pdbx_poly_seq_scheme.auth_mon_id 
_pdbx_poly_seq_scheme.pdb_strand_id 
_pdbx_poly_seq_scheme.pdb_ins_code 
_pdbx_poly_seq_scheme.hetero 
A 1 1  SER 1  280 280 SER SER A . n 
A 1 2  PRO 2  281 281 PRO PRO A . n 
A 1 3  TRP 3  282 282 TRP TRP A . n 
A 1 4  TYR 4  283 283 TYR TYR A . n 
A 1 5  TYR 5  284 284 TYR TYR A . n 
A 1 6  GLY 6  285 285 GLY GLY A . n 
A 1 7  LYS 7  286 286 LYS LYS A . n 
A 1 8  VAL 8  287 287 VAL VAL A . n 
A 1 9  THR 9  288 288 THR THR A . n 
A 1 10 ARG 10 289 289 ARG ARG A . n 
A 1 11 HIS 11 290 290 HIS HIS A . n 
A 1 12 GLN 12 291 291 GLN GLN A . n 
A 1 13 ALA 13 292 292 ALA ALA A . n 
A 1 14 GLU 14 293 293 GLU GLU A . n 
A 1 15 MET 15 294 294 MET MET A . n 
A 1 16 ALA 16 295 295 ALA ALA A . n 
A 1 17 LEU 17 296 296 LEU LEU A . n 
A 1 18 ASN 18 297 297 ASN ASN A . n 
A 1 19 GLU 19 298 298 GLU GLU A . n 
A 1 20 ARG 20 299 299 ARG ARG A . n 
A 1 21 GLY 21 300 300 GLY GLY A . n 
A 1 22 HIS 22 301 301 HIS HIS A . n 
A 1 23 GLU 23 302 302 GLU GLU A . n 
A 1 24 GLY 24 303 303 GLY GLY A . n 
A 1 25 ASP 25 304 304 ASP ASP A . n 
A 1 26 PHE 26 305 305 PHE PHE A . n 
A 1 27 LEU 27 306 306 LEU LEU A . n 
A 1 28 ILE 28 307 307 ILE ILE A . n 
A 1 29 ARG 29 308 308 ARG ARG A . n 
A 1 30 ASP 30 309 309 ASP ASP A . n 
A 1 31 SER 31 310 310 SER SER A . n 
A 1 32 GLU 32 311 311 GLU GLU A . n 
A 1 33 SER 33 312 312 SER SER A . n 
A 1 34 SER 34 313 313 SER SER A . n 
A 1 35 PRO 35 314 314 PRO PRO A . n 
A 1 36 ASN 36 315 315 ASN ASN A . n 
A 1 37 ASP 37 316 316 ASP ASP A . n 
A 1 38 PHE 38 317 317 PHE PHE A . n 
A 1 39 SER 39 318 318 SER SER A . n 
A 1 40 VAL 40 319 319 VAL VAL A . n 
A 1 41 SER 41 320 320 SER SER A . n 
A 1 42 LEU 42 321 321 LEU LEU A . n 
A 1 43 LYS 43 322 322 LYS LYS A . n 
A 1 44 ALA 44 323 323 ALA ALA A . n 
A 1 45 GLN 45 324 324 GLN GLN A . n 
A 1 46 GLY 46 325 325 GLY GLY A . n 
A 1 47 LYS 47 326 326 LYS LYS A . n 
A 1 48 ASN 48 327 327 ASN ASN A . n 
A 1 49 LYS 49 328 328 LYS LYS A . n 
A 1 50 HIS 50 329 329 HIS HIS A . n 
A 1 51 PHE 51 330 330 PHE PHE A . n 
A 1 52 LYS 52 331 331 LYS LYS A . n 
A 1 53 VAL 53 332 332 VAL VAL A . n 
A 1 54 GLN 54 333 333 GLN GLN A . n 
A 1 55 LEU 55 334 334 LEU LEU A . n 
A 1 56 LYS 56 335 335 LYS LYS A . n 
A 1 57 GLU 57 336 336 GLU GLU A . n 
A 1 58 THR 58 337 337 THR THR A . n 
A 1 59 VAL 59 338 338 VAL VAL A . n 
A 1 60 TYR 60 339 339 TYR TYR A . n 
A 1 61 CYS 61 340 340 CYS CYS A . n 
A 1 62 ILE 62 341 341 ILE ILE A . n 
A 1 63 GLY 63 342 342 GLY GLY A . n 
A 1 64 GLN 64 343 343 GLN GLN A . n 
A 1 65 ARG 65 344 344 ARG ARG A . n 
A 1 66 LYS 66 345 345 LYS LYS A . n 
A 1 67 PHE 67 346 346 PHE PHE A . n 
A 1 68 SER 68 347 347 SER SER A . n 
A 1 69 THR 69 348 348 THR THR A . n 
A 1 70 MET 70 349 349 MET MET A . n 
A 1 71 GLU 71 350 350 GLU GLU A . n 
A 1 72 GLU 72 351 351 GLU GLU A . n 
A 1 73 LEU 73 352 352 LEU LEU A . n 
A 1 74 VAL 74 353 353 VAL VAL A . n 
A 1 75 GLU 75 354 354 GLU GLU A . n 
A 1 76 HIS 76 355 355 HIS HIS A . n 
A 1 77 TYR 77 356 356 TYR TYR A . n 
A 1 78 LYS 78 357 357 LYS LYS A . n 
A 1 79 LYS 79 358 358 LYS LYS A . n 
A 1 80 ALA 80 359 359 ALA ALA A . n 
A 1 81 PRO 81 360 360 PRO PRO A . n 
A 1 82 ILE 82 361 361 ILE ILE A . n 
A 1 83 PHE 83 362 362 PHE PHE A . n 
A 1 84 THR 84 363 363 THR THR A . n 
A 1 85 SER 85 364 364 SER SER A . n 
A 1 86 GLU 86 365 365 GLU GLU A . n 
A 1 87 GLN 87 366 366 GLN GLN A . n 
A 1 88 GLY 88 367 367 GLY GLY A . n 
A 1 89 GLU 89 368 368 GLU GLU A . n 
A 1 90 LYS 90 369 369 LYS LYS A . n 
A 1 91 LEU 91 370 370 LEU LEU A . n 
A 1 92 TYR 92 371 371 TYR TYR A . n 
A 1 93 LEU 93 372 372 LEU LEU A . n 
A 1 94 VAL 94 373 373 VAL VAL A . n 
A 1 95 LYS 95 374 374 LYS LYS A . n 
A 1 96 HIS 96 375 375 HIS HIS A . n 
A 1 97 LEU 97 376 376 LEU LEU A . n 
A 1 98 SER 98 377 377 SER SER A . n 
A 1 99 SER 99 378 378 SER SER A . n 
# 
loop_
_pdbx_nonpoly_scheme.asym_id 
_pdbx_nonpoly_scheme.entity_id 
_pdbx_nonpoly_scheme.mon_id 
_pdbx_nonpoly_scheme.ndb_seq_num 
_pdbx_nonpoly_scheme.pdb_seq_num 
_pdbx_nonpoly_scheme.auth_seq_num 
_pdbx_nonpoly_scheme.pdb_mon_id 
_pdbx_nonpoly_scheme.auth_mon_id 
_pdbx_nonpoly_scheme.pdb_strand_id 
_pdbx_nonpoly_scheme.pdb_ins_code 
B 2 SO4 1  381  381  SO4 SO4 A . 
C 2 SO4 1  382  382  SO4 SO4 A . 
D 2 SO4 1  383  383  SO4 SO4 A . 
E 2 SO4 1  384  384  SO4 SO4 A . 
F 3 1PE 1  482  482  1PE 1PE A . 
G 4 HOH 1  2001 2001 HOH HOH A . 
G 4 HOH 2  2002 2002 HOH HOH A . 
G 4 HOH 3  2003 2003 HOH HOH A . 
G 4 HOH 4  2004 2004 HOH HOH A . 
G 4 HOH 5  2005 2005 HOH HOH A . 
G 4 HOH 6  2006 2006 HOH HOH A . 
G 4 HOH 7  2007 2007 HOH HOH A . 
G 4 HOH 8  2008 2008 HOH HOH A . 
G 4 HOH 9  2009 2009 HOH HOH A . 
G 4 HOH 10 2010 2010 HOH HOH A . 
G 4 HOH 11 2011 2011 HOH HOH A . 
G 4 HOH 12 2012 2012 HOH HOH A . 
G 4 HOH 13 2013 2013 HOH HOH A . 
G 4 HOH 14 2014 2014 HOH HOH A . 
G 4 HOH 15 2015 2015 HOH HOH A . 
G 4 HOH 16 2016 2016 HOH HOH A . 
G 4 HOH 17 2017 2017 HOH HOH A . 
G 4 HOH 18 2018 2018 HOH HOH A . 
G 4 HOH 19 2019 2019 HOH HOH A . 
G 4 HOH 20 2020 2020 HOH HOH A . 
G 4 HOH 21 2021 2021 HOH HOH A . 
G 4 HOH 22 2022 2022 HOH HOH A . 
G 4 HOH 23 2023 2023 HOH HOH A . 
G 4 HOH 24 2024 2024 HOH HOH A . 
G 4 HOH 25 2025 2025 HOH HOH A . 
G 4 HOH 26 2026 2026 HOH HOH A . 
G 4 HOH 27 2027 2027 HOH HOH A . 
G 4 HOH 28 2028 2028 HOH HOH A . 
G 4 HOH 29 2029 2029 HOH HOH A . 
G 4 HOH 30 2030 2030 HOH HOH A . 
G 4 HOH 31 2031 2031 HOH HOH A . 
G 4 HOH 32 2032 2032 HOH HOH A . 
G 4 HOH 33 2033 2033 HOH HOH A . 
G 4 HOH 34 2034 2034 HOH HOH A . 
G 4 HOH 35 2035 2035 HOH HOH A . 
G 4 HOH 36 2036 2036 HOH HOH A . 
G 4 HOH 37 2037 2037 HOH HOH A . 
G 4 HOH 38 2038 2038 HOH HOH A . 
G 4 HOH 39 2039 2039 HOH HOH A . 
G 4 HOH 40 2040 2040 HOH HOH A . 
G 4 HOH 41 2041 2041 HOH HOH A . 
G 4 HOH 42 2042 2042 HOH HOH A . 
G 4 HOH 43 2043 2043 HOH HOH A . 
G 4 HOH 44 2044 2044 HOH HOH A . 
G 4 HOH 45 2045 2045 HOH HOH A . 
G 4 HOH 46 2046 2046 HOH HOH A . 
G 4 HOH 47 2047 2047 HOH HOH A . 
G 4 HOH 48 2048 2048 HOH HOH A . 
G 4 HOH 49 2049 2049 HOH HOH A . 
G 4 HOH 50 2050 2050 HOH HOH A . 
G 4 HOH 51 2051 2051 HOH HOH A . 
G 4 HOH 52 2052 2052 HOH HOH A . 
G 4 HOH 53 2053 2053 HOH HOH A . 
G 4 HOH 54 2054 2054 HOH HOH A . 
G 4 HOH 55 2055 2055 HOH HOH A . 
G 4 HOH 56 2056 2056 HOH HOH A . 
G 4 HOH 57 2057 2057 HOH HOH A . 
G 4 HOH 58 2058 2058 HOH HOH A . 
G 4 HOH 59 2059 2059 HOH HOH A . 
G 4 HOH 60 2060 2060 HOH HOH A . 
G 4 HOH 61 2061 2061 HOH HOH A . 
G 4 HOH 62 2062 2062 HOH HOH A . 
G 4 HOH 63 2063 2063 HOH HOH A . 
G 4 HOH 64 2064 2064 HOH HOH A . 
G 4 HOH 65 2065 2065 HOH HOH A . 
G 4 HOH 66 2066 2066 HOH HOH A . 
G 4 HOH 67 2067 2067 HOH HOH A . 
# 
_pdbx_struct_assembly.id                   1 
_pdbx_struct_assembly.details              author_and_software_defined_assembly 
_pdbx_struct_assembly.method_details       PISA 
_pdbx_struct_assembly.oligomeric_details   dimeric 
_pdbx_struct_assembly.oligomeric_count     2 
# 
_pdbx_struct_assembly_gen.assembly_id       1 
_pdbx_struct_assembly_gen.oper_expression   1,2 
_pdbx_struct_assembly_gen.asym_id_list      A,B,C,D,E,F,G 
# 
loop_
_pdbx_struct_assembly_prop.biol_id 
_pdbx_struct_assembly_prop.type 
_pdbx_struct_assembly_prop.value 
_pdbx_struct_assembly_prop.details 
1 'ABSA (A^2)' 5820   ? 
1 MORE         -122.6 ? 
1 'SSA (A^2)'  11960  ? 
# 
loop_
_pdbx_struct_oper_list.id 
_pdbx_struct_oper_list.type 
_pdbx_struct_oper_list.name 
_pdbx_struct_oper_list.symmetry_operation 
_pdbx_struct_oper_list.matrix[1][1] 
_pdbx_struct_oper_list.matrix[1][2] 
_pdbx_struct_oper_list.matrix[1][3] 
_pdbx_struct_oper_list.vector[1] 
_pdbx_struct_oper_list.matrix[2][1] 
_pdbx_struct_oper_list.matrix[2][2] 
_pdbx_struct_oper_list.matrix[2][3] 
_pdbx_struct_oper_list.vector[2] 
_pdbx_struct_oper_list.matrix[3][1] 
_pdbx_struct_oper_list.matrix[3][2] 
_pdbx_struct_oper_list.matrix[3][3] 
_pdbx_struct_oper_list.vector[3] 
1 'identity operation'         1_555 x,y,z       1.0000000000  0.0000000000  0.0000000000  0.0000000000  0.0000000000  1.0000000000  0.0000000000 0.0000000000  0.0000000000  0.0000000000 1.0000000000 0.0000000000 
2 'crystal symmetry operation' 3_656 -x+1,y,-z+1 -0.5109217059 -0.2167590893 -0.8318500511 10.8955948642 -0.2167590893 -0.9039325536 0.3686752443 -5.2857659754 -0.8318500511 0.3686752443 0.4148542595 7.7832979145 
# 
_pdbx_struct_special_symmetry.id              1 
_pdbx_struct_special_symmetry.PDB_model_num   1 
_pdbx_struct_special_symmetry.auth_asym_id    A 
_pdbx_struct_special_symmetry.auth_comp_id    HOH 
_pdbx_struct_special_symmetry.auth_seq_id     2042 
_pdbx_struct_special_symmetry.PDB_ins_code    ? 
_pdbx_struct_special_symmetry.label_asym_id   G 
_pdbx_struct_special_symmetry.label_comp_id   HOH 
_pdbx_struct_special_symmetry.label_seq_id    . 
# 
loop_
_pdbx_audit_revision_history.ordinal 
_pdbx_audit_revision_history.data_content_type 
_pdbx_audit_revision_history.major_revision 
_pdbx_audit_revision_history.minor_revision 
_pdbx_audit_revision_history.revision_date 
1 'Structure model' 1 0 2006-04-24 
2 'Structure model' 1 1 2011-07-13 
3 'Structure model' 1 2 2019-04-03 
4 'Structure model' 1 3 2019-05-15 
5 'Structure model' 1 4 2023-12-13 
# 
_pdbx_audit_revision_details.ordinal             1 
_pdbx_audit_revision_details.revision_ordinal    1 
_pdbx_audit_revision_details.data_content_type   'Structure model' 
_pdbx_audit_revision_details.provider            repository 
_pdbx_audit_revision_details.type                'Initial release' 
_pdbx_audit_revision_details.description         ? 
_pdbx_audit_revision_details.details             ? 
# 
loop_
_pdbx_audit_revision_group.ordinal 
_pdbx_audit_revision_group.revision_ordinal 
_pdbx_audit_revision_group.data_content_type 
_pdbx_audit_revision_group.group 
1  2 'Structure model' Advisory                    
2  2 'Structure model' 'Version format compliance' 
3  3 'Structure model' Advisory                    
4  3 'Structure model' 'Data collection'           
5  3 'Structure model' 'Derived calculations'      
6  3 'Structure model' 'Experimental preparation'  
7  3 'Structure model' Other                       
8  4 'Structure model' 'Data collection'           
9  4 'Structure model' 'Experimental preparation'  
10 5 'Structure model' 'Data collection'           
11 5 'Structure model' 'Database references'       
12 5 'Structure model' 'Derived calculations'      
13 5 'Structure model' Other                       
14 5 'Structure model' 'Refinement description'    
# 
loop_
_pdbx_audit_revision_category.ordinal 
_pdbx_audit_revision_category.revision_ordinal 
_pdbx_audit_revision_category.data_content_type 
_pdbx_audit_revision_category.category 
1  3 'Structure model' database_PDB_caveat           
2  3 'Structure model' database_PDB_rev              
3  3 'Structure model' database_PDB_rev_record       
4  3 'Structure model' exptl_crystal_grow            
5  3 'Structure model' pdbx_data_processing_status   
6  3 'Structure model' pdbx_database_proc            
7  3 'Structure model' pdbx_database_status          
8  3 'Structure model' struct_conn                   
9  3 'Structure model' struct_conn_type              
10 4 'Structure model' exptl_crystal_grow            
11 5 'Structure model' chem_comp_atom                
12 5 'Structure model' chem_comp_bond                
13 5 'Structure model' database_2                    
14 5 'Structure model' pdbx_database_status          
15 5 'Structure model' pdbx_initial_refinement_model 
16 5 'Structure model' struct_site                   
# 
loop_
_pdbx_audit_revision_item.ordinal 
_pdbx_audit_revision_item.revision_ordinal 
_pdbx_audit_revision_item.data_content_type 
_pdbx_audit_revision_item.item 
1 3 'Structure model' '_exptl_crystal_grow.temp'                    
2 3 'Structure model' '_pdbx_database_status.recvd_author_approval' 
3 4 'Structure model' '_exptl_crystal_grow.method'                  
4 5 'Structure model' '_database_2.pdbx_DOI'                        
5 5 'Structure model' '_database_2.pdbx_database_accession'         
6 5 'Structure model' '_pdbx_database_status.status_code_sf'        
7 5 'Structure model' '_struct_site.pdbx_auth_asym_id'              
8 5 'Structure model' '_struct_site.pdbx_auth_comp_id'              
9 5 'Structure model' '_struct_site.pdbx_auth_seq_id'               
# 
loop_
_pdbx_refine_tls.pdbx_refine_id 
_pdbx_refine_tls.id 
_pdbx_refine_tls.details 
_pdbx_refine_tls.method 
_pdbx_refine_tls.origin_x 
_pdbx_refine_tls.origin_y 
_pdbx_refine_tls.origin_z 
_pdbx_refine_tls.T[1][1] 
_pdbx_refine_tls.T[2][2] 
_pdbx_refine_tls.T[3][3] 
_pdbx_refine_tls.T[1][2] 
_pdbx_refine_tls.T[1][3] 
_pdbx_refine_tls.T[2][3] 
_pdbx_refine_tls.L[1][1] 
_pdbx_refine_tls.L[2][2] 
_pdbx_refine_tls.L[3][3] 
_pdbx_refine_tls.L[1][2] 
_pdbx_refine_tls.L[1][3] 
_pdbx_refine_tls.L[2][3] 
_pdbx_refine_tls.S[1][1] 
_pdbx_refine_tls.S[1][2] 
_pdbx_refine_tls.S[1][3] 
_pdbx_refine_tls.S[2][1] 
_pdbx_refine_tls.S[2][2] 
_pdbx_refine_tls.S[2][3] 
_pdbx_refine_tls.S[3][1] 
_pdbx_refine_tls.S[3][2] 
_pdbx_refine_tls.S[3][3] 
'X-RAY DIFFRACTION' 1 ? refined -3.3976 13.9588  -3.5876 -0.0251 -0.0714 -0.0400 -0.0572 0.0198 -0.0473 4.0392 2.2913 1.9872 -1.5678 0.1402 0.2608  0.1566 -0.2877 -0.0198 -0.1451 0.0284 0.0304 0.0852 0.0152  -0.1849 
'X-RAY DIFFRACTION' 2 ? refined 5.1827  -22.1683 5.3934  -0.0411 0.0446  -0.1107 -0.1425 0.0436 -0.0489 2.2137 2.6456 5.2760 -0.6167 0.7772 -1.8112 0.0054 0.1878  -0.0084 -0.3244 0.0430 0.1741 0.3224 -1.0932 -0.0483 
# 
loop_
_pdbx_refine_tls_group.pdbx_refine_id 
_pdbx_refine_tls_group.id 
_pdbx_refine_tls_group.refine_tls_id 
_pdbx_refine_tls_group.beg_auth_asym_id 
_pdbx_refine_tls_group.beg_auth_seq_id 
_pdbx_refine_tls_group.beg_label_asym_id 
_pdbx_refine_tls_group.beg_label_seq_id 
_pdbx_refine_tls_group.end_auth_asym_id 
_pdbx_refine_tls_group.end_auth_seq_id 
_pdbx_refine_tls_group.end_label_asym_id 
_pdbx_refine_tls_group.end_label_seq_id 
_pdbx_refine_tls_group.selection 
_pdbx_refine_tls_group.selection_details 
'X-RAY DIFFRACTION' 1 1 A 280 ? ? A 333 ? ? ? ? 
'X-RAY DIFFRACTION' 2 2 A 334 ? ? A 377 ? ? ? ? 
# 
loop_
_software.name 
_software.classification 
_software.version 
_software.citation_id 
_software.pdbx_ordinal 
REFMAC    refinement       5.2.0019 ? 1 
DENZO     'data reduction' .        ? 2 
SCALEPACK 'data scaling'   .        ? 3 
EPMR      phasing          .        ? 4 
# 
_pdbx_validate_close_contact.id               1 
_pdbx_validate_close_contact.PDB_model_num    1 
_pdbx_validate_close_contact.auth_atom_id_1   OG 
_pdbx_validate_close_contact.auth_asym_id_1   A 
_pdbx_validate_close_contact.auth_comp_id_1   SER 
_pdbx_validate_close_contact.auth_seq_id_1    318 
_pdbx_validate_close_contact.PDB_ins_code_1   ? 
_pdbx_validate_close_contact.label_alt_id_1   A 
_pdbx_validate_close_contact.auth_atom_id_2   O 
_pdbx_validate_close_contact.auth_asym_id_2   A 
_pdbx_validate_close_contact.auth_comp_id_2   HOH 
_pdbx_validate_close_contact.auth_seq_id_2    2033 
_pdbx_validate_close_contact.PDB_ins_code_2   ? 
_pdbx_validate_close_contact.label_alt_id_2   ? 
_pdbx_validate_close_contact.dist             2.12 
# 
_pdbx_validate_rmsd_bond.id                        1 
_pdbx_validate_rmsd_bond.PDB_model_num             1 
_pdbx_validate_rmsd_bond.auth_atom_id_1            CB 
_pdbx_validate_rmsd_bond.auth_asym_id_1            A 
_pdbx_validate_rmsd_bond.auth_comp_id_1            GLU 
_pdbx_validate_rmsd_bond.auth_seq_id_1             336 
_pdbx_validate_rmsd_bond.PDB_ins_code_1            ? 
_pdbx_validate_rmsd_bond.label_alt_id_1            A 
_pdbx_validate_rmsd_bond.auth_atom_id_2            CG 
_pdbx_validate_rmsd_bond.auth_asym_id_2            A 
_pdbx_validate_rmsd_bond.auth_comp_id_2            GLU 
_pdbx_validate_rmsd_bond.auth_seq_id_2             336 
_pdbx_validate_rmsd_bond.PDB_ins_code_2            ? 
_pdbx_validate_rmsd_bond.label_alt_id_2            A 
_pdbx_validate_rmsd_bond.bond_value                1.679 
_pdbx_validate_rmsd_bond.bond_target_value         1.517 
_pdbx_validate_rmsd_bond.bond_deviation            0.162 
_pdbx_validate_rmsd_bond.bond_standard_deviation   0.019 
_pdbx_validate_rmsd_bond.linker_flag               N 
# 
_pdbx_validate_rmsd_angle.id                         1 
_pdbx_validate_rmsd_angle.PDB_model_num              1 
_pdbx_validate_rmsd_angle.auth_atom_id_1             NE 
_pdbx_validate_rmsd_angle.auth_asym_id_1             A 
_pdbx_validate_rmsd_angle.auth_comp_id_1             ARG 
_pdbx_validate_rmsd_angle.auth_seq_id_1              299 
_pdbx_validate_rmsd_angle.PDB_ins_code_1             ? 
_pdbx_validate_rmsd_angle.label_alt_id_1             ? 
_pdbx_validate_rmsd_angle.auth_atom_id_2             CZ 
_pdbx_validate_rmsd_angle.auth_asym_id_2             A 
_pdbx_validate_rmsd_angle.auth_comp_id_2             ARG 
_pdbx_validate_rmsd_angle.auth_seq_id_2              299 
_pdbx_validate_rmsd_angle.PDB_ins_code_2             ? 
_pdbx_validate_rmsd_angle.label_alt_id_2             ? 
_pdbx_validate_rmsd_angle.auth_atom_id_3             NH1 
_pdbx_validate_rmsd_angle.auth_asym_id_3             A 
_pdbx_validate_rmsd_angle.auth_comp_id_3             ARG 
_pdbx_validate_rmsd_angle.auth_seq_id_3              299 
_pdbx_validate_rmsd_angle.PDB_ins_code_3             ? 
_pdbx_validate_rmsd_angle.label_alt_id_3             ? 
_pdbx_validate_rmsd_angle.angle_value                123.96 
_pdbx_validate_rmsd_angle.angle_target_value         120.30 
_pdbx_validate_rmsd_angle.angle_deviation            3.66 
_pdbx_validate_rmsd_angle.angle_standard_deviation   0.50 
_pdbx_validate_rmsd_angle.linker_flag                N 
# 
loop_
_pdbx_validate_torsion.id 
_pdbx_validate_torsion.PDB_model_num 
_pdbx_validate_torsion.auth_comp_id 
_pdbx_validate_torsion.auth_asym_id 
_pdbx_validate_torsion.auth_seq_id 
_pdbx_validate_torsion.PDB_ins_code 
_pdbx_validate_torsion.label_alt_id 
_pdbx_validate_torsion.phi 
_pdbx_validate_torsion.psi 
1 1 TYR A 283 ? B -73.56  -145.90 
2 1 TYR A 284 ? B 151.84  117.31  
3 1 LYS A 286 ? B -113.05 64.88   
4 1 GLU A 302 ? A -25.70  117.81  
5 1 GLN A 324 ? B 35.05   57.94   
# 
_pdbx_validate_chiral.id              1 
_pdbx_validate_chiral.PDB_model_num   1 
_pdbx_validate_chiral.auth_atom_id    CA 
_pdbx_validate_chiral.label_alt_id    B 
_pdbx_validate_chiral.auth_asym_id    A 
_pdbx_validate_chiral.auth_comp_id    LYS 
_pdbx_validate_chiral.auth_seq_id     286 
_pdbx_validate_chiral.PDB_ins_code    ? 
_pdbx_validate_chiral.details         'WRONG HAND' 
_pdbx_validate_chiral.omega           . 
# 
loop_
_pdbx_unobs_or_zero_occ_atoms.id 
_pdbx_unobs_or_zero_occ_atoms.PDB_model_num 
_pdbx_unobs_or_zero_occ_atoms.polymer_flag 
_pdbx_unobs_or_zero_occ_atoms.occupancy_flag 
_pdbx_unobs_or_zero_occ_atoms.auth_asym_id 
_pdbx_unobs_or_zero_occ_atoms.auth_comp_id 
_pdbx_unobs_or_zero_occ_atoms.auth_seq_id 
_pdbx_unobs_or_zero_occ_atoms.PDB_ins_code 
_pdbx_unobs_or_zero_occ_atoms.auth_atom_id 
_pdbx_unobs_or_zero_occ_atoms.label_alt_id 
_pdbx_unobs_or_zero_occ_atoms.label_asym_id 
_pdbx_unobs_or_zero_occ_atoms.label_comp_id 
_pdbx_unobs_or_zero_occ_atoms.label_seq_id 
_pdbx_unobs_or_zero_occ_atoms.label_atom_id 
1 1 Y 1 A SER 378 ? CA  ? A SER 99 CA  
2 1 Y 1 A SER 378 ? C   ? A SER 99 C   
3 1 Y 1 A SER 378 ? O   ? A SER 99 O   
4 1 Y 1 A SER 378 ? CB  ? A SER 99 CB  
5 1 Y 1 A SER 378 ? OG  ? A SER 99 OG  
6 1 N 1 A 1PE 482 ? OH7 ? F 1PE 1  OH7 
# 
loop_
_chem_comp_atom.comp_id 
_chem_comp_atom.atom_id 
_chem_comp_atom.type_symbol 
_chem_comp_atom.pdbx_aromatic_flag 
_chem_comp_atom.pdbx_stereo_config 
_chem_comp_atom.pdbx_ordinal 
1PE OH2  O N N 1   
1PE C12  C N N 2   
1PE C22  C N N 3   
1PE OH3  O N N 4   
1PE C13  C N N 5   
1PE C23  C N N 6   
1PE OH4  O N N 7   
1PE C14  C N N 8   
1PE C24  C N N 9   
1PE OH5  O N N 10  
1PE C15  C N N 11  
1PE C25  C N N 12  
1PE OH6  O N N 13  
1PE C16  C N N 14  
1PE C26  C N N 15  
1PE OH7  O N N 16  
1PE HO2  H N N 17  
1PE H121 H N N 18  
1PE H122 H N N 19  
1PE H221 H N N 20  
1PE H222 H N N 21  
1PE H131 H N N 22  
1PE H132 H N N 23  
1PE H231 H N N 24  
1PE H232 H N N 25  
1PE H141 H N N 26  
1PE H142 H N N 27  
1PE H241 H N N 28  
1PE H242 H N N 29  
1PE H151 H N N 30  
1PE H152 H N N 31  
1PE H251 H N N 32  
1PE H252 H N N 33  
1PE H161 H N N 34  
1PE H162 H N N 35  
1PE H261 H N N 36  
1PE H262 H N N 37  
1PE HO7  H N N 38  
ALA N    N N N 39  
ALA CA   C N S 40  
ALA C    C N N 41  
ALA O    O N N 42  
ALA CB   C N N 43  
ALA OXT  O N N 44  
ALA H    H N N 45  
ALA H2   H N N 46  
ALA HA   H N N 47  
ALA HB1  H N N 48  
ALA HB2  H N N 49  
ALA HB3  H N N 50  
ALA HXT  H N N 51  
ARG N    N N N 52  
ARG CA   C N S 53  
ARG C    C N N 54  
ARG O    O N N 55  
ARG CB   C N N 56  
ARG CG   C N N 57  
ARG CD   C N N 58  
ARG NE   N N N 59  
ARG CZ   C N N 60  
ARG NH1  N N N 61  
ARG NH2  N N N 62  
ARG OXT  O N N 63  
ARG H    H N N 64  
ARG H2   H N N 65  
ARG HA   H N N 66  
ARG HB2  H N N 67  
ARG HB3  H N N 68  
ARG HG2  H N N 69  
ARG HG3  H N N 70  
ARG HD2  H N N 71  
ARG HD3  H N N 72  
ARG HE   H N N 73  
ARG HH11 H N N 74  
ARG HH12 H N N 75  
ARG HH21 H N N 76  
ARG HH22 H N N 77  
ARG HXT  H N N 78  
ASN N    N N N 79  
ASN CA   C N S 80  
ASN C    C N N 81  
ASN O    O N N 82  
ASN CB   C N N 83  
ASN CG   C N N 84  
ASN OD1  O N N 85  
ASN ND2  N N N 86  
ASN OXT  O N N 87  
ASN H    H N N 88  
ASN H2   H N N 89  
ASN HA   H N N 90  
ASN HB2  H N N 91  
ASN HB3  H N N 92  
ASN HD21 H N N 93  
ASN HD22 H N N 94  
ASN HXT  H N N 95  
ASP N    N N N 96  
ASP CA   C N S 97  
ASP C    C N N 98  
ASP O    O N N 99  
ASP CB   C N N 100 
ASP CG   C N N 101 
ASP OD1  O N N 102 
ASP OD2  O N N 103 
ASP OXT  O N N 104 
ASP H    H N N 105 
ASP H2   H N N 106 
ASP HA   H N N 107 
ASP HB2  H N N 108 
ASP HB3  H N N 109 
ASP HD2  H N N 110 
ASP HXT  H N N 111 
CYS N    N N N 112 
CYS CA   C N R 113 
CYS C    C N N 114 
CYS O    O N N 115 
CYS CB   C N N 116 
CYS SG   S N N 117 
CYS OXT  O N N 118 
CYS H    H N N 119 
CYS H2   H N N 120 
CYS HA   H N N 121 
CYS HB2  H N N 122 
CYS HB3  H N N 123 
CYS HG   H N N 124 
CYS HXT  H N N 125 
GLN N    N N N 126 
GLN CA   C N S 127 
GLN C    C N N 128 
GLN O    O N N 129 
GLN CB   C N N 130 
GLN CG   C N N 131 
GLN CD   C N N 132 
GLN OE1  O N N 133 
GLN NE2  N N N 134 
GLN OXT  O N N 135 
GLN H    H N N 136 
GLN H2   H N N 137 
GLN HA   H N N 138 
GLN HB2  H N N 139 
GLN HB3  H N N 140 
GLN HG2  H N N 141 
GLN HG3  H N N 142 
GLN HE21 H N N 143 
GLN HE22 H N N 144 
GLN HXT  H N N 145 
GLU N    N N N 146 
GLU CA   C N S 147 
GLU C    C N N 148 
GLU O    O N N 149 
GLU CB   C N N 150 
GLU CG   C N N 151 
GLU CD   C N N 152 
GLU OE1  O N N 153 
GLU OE2  O N N 154 
GLU OXT  O N N 155 
GLU H    H N N 156 
GLU H2   H N N 157 
GLU HA   H N N 158 
GLU HB2  H N N 159 
GLU HB3  H N N 160 
GLU HG2  H N N 161 
GLU HG3  H N N 162 
GLU HE2  H N N 163 
GLU HXT  H N N 164 
GLY N    N N N 165 
GLY CA   C N N 166 
GLY C    C N N 167 
GLY O    O N N 168 
GLY OXT  O N N 169 
GLY H    H N N 170 
GLY H2   H N N 171 
GLY HA2  H N N 172 
GLY HA3  H N N 173 
GLY HXT  H N N 174 
HIS N    N N N 175 
HIS CA   C N S 176 
HIS C    C N N 177 
HIS O    O N N 178 
HIS CB   C N N 179 
HIS CG   C Y N 180 
HIS ND1  N Y N 181 
HIS CD2  C Y N 182 
HIS CE1  C Y N 183 
HIS NE2  N Y N 184 
HIS OXT  O N N 185 
HIS H    H N N 186 
HIS H2   H N N 187 
HIS HA   H N N 188 
HIS HB2  H N N 189 
HIS HB3  H N N 190 
HIS HD1  H N N 191 
HIS HD2  H N N 192 
HIS HE1  H N N 193 
HIS HE2  H N N 194 
HIS HXT  H N N 195 
HOH O    O N N 196 
HOH H1   H N N 197 
HOH H2   H N N 198 
ILE N    N N N 199 
ILE CA   C N S 200 
ILE C    C N N 201 
ILE O    O N N 202 
ILE CB   C N S 203 
ILE CG1  C N N 204 
ILE CG2  C N N 205 
ILE CD1  C N N 206 
ILE OXT  O N N 207 
ILE H    H N N 208 
ILE H2   H N N 209 
ILE HA   H N N 210 
ILE HB   H N N 211 
ILE HG12 H N N 212 
ILE HG13 H N N 213 
ILE HG21 H N N 214 
ILE HG22 H N N 215 
ILE HG23 H N N 216 
ILE HD11 H N N 217 
ILE HD12 H N N 218 
ILE HD13 H N N 219 
ILE HXT  H N N 220 
LEU N    N N N 221 
LEU CA   C N S 222 
LEU C    C N N 223 
LEU O    O N N 224 
LEU CB   C N N 225 
LEU CG   C N N 226 
LEU CD1  C N N 227 
LEU CD2  C N N 228 
LEU OXT  O N N 229 
LEU H    H N N 230 
LEU H2   H N N 231 
LEU HA   H N N 232 
LEU HB2  H N N 233 
LEU HB3  H N N 234 
LEU HG   H N N 235 
LEU HD11 H N N 236 
LEU HD12 H N N 237 
LEU HD13 H N N 238 
LEU HD21 H N N 239 
LEU HD22 H N N 240 
LEU HD23 H N N 241 
LEU HXT  H N N 242 
LYS N    N N N 243 
LYS CA   C N S 244 
LYS C    C N N 245 
LYS O    O N N 246 
LYS CB   C N N 247 
LYS CG   C N N 248 
LYS CD   C N N 249 
LYS CE   C N N 250 
LYS NZ   N N N 251 
LYS OXT  O N N 252 
LYS H    H N N 253 
LYS H2   H N N 254 
LYS HA   H N N 255 
LYS HB2  H N N 256 
LYS HB3  H N N 257 
LYS HG2  H N N 258 
LYS HG3  H N N 259 
LYS HD2  H N N 260 
LYS HD3  H N N 261 
LYS HE2  H N N 262 
LYS HE3  H N N 263 
LYS HZ1  H N N 264 
LYS HZ2  H N N 265 
LYS HZ3  H N N 266 
LYS HXT  H N N 267 
MET N    N N N 268 
MET CA   C N S 269 
MET C    C N N 270 
MET O    O N N 271 
MET CB   C N N 272 
MET CG   C N N 273 
MET SD   S N N 274 
MET CE   C N N 275 
MET OXT  O N N 276 
MET H    H N N 277 
MET H2   H N N 278 
MET HA   H N N 279 
MET HB2  H N N 280 
MET HB3  H N N 281 
MET HG2  H N N 282 
MET HG3  H N N 283 
MET HE1  H N N 284 
MET HE2  H N N 285 
MET HE3  H N N 286 
MET HXT  H N N 287 
PHE N    N N N 288 
PHE CA   C N S 289 
PHE C    C N N 290 
PHE O    O N N 291 
PHE CB   C N N 292 
PHE CG   C Y N 293 
PHE CD1  C Y N 294 
PHE CD2  C Y N 295 
PHE CE1  C Y N 296 
PHE CE2  C Y N 297 
PHE CZ   C Y N 298 
PHE OXT  O N N 299 
PHE H    H N N 300 
PHE H2   H N N 301 
PHE HA   H N N 302 
PHE HB2  H N N 303 
PHE HB3  H N N 304 
PHE HD1  H N N 305 
PHE HD2  H N N 306 
PHE HE1  H N N 307 
PHE HE2  H N N 308 
PHE HZ   H N N 309 
PHE HXT  H N N 310 
PRO N    N N N 311 
PRO CA   C N S 312 
PRO C    C N N 313 
PRO O    O N N 314 
PRO CB   C N N 315 
PRO CG   C N N 316 
PRO CD   C N N 317 
PRO OXT  O N N 318 
PRO H    H N N 319 
PRO HA   H N N 320 
PRO HB2  H N N 321 
PRO HB3  H N N 322 
PRO HG2  H N N 323 
PRO HG3  H N N 324 
PRO HD2  H N N 325 
PRO HD3  H N N 326 
PRO HXT  H N N 327 
SER N    N N N 328 
SER CA   C N S 329 
SER C    C N N 330 
SER O    O N N 331 
SER CB   C N N 332 
SER OG   O N N 333 
SER OXT  O N N 334 
SER H    H N N 335 
SER H2   H N N 336 
SER HA   H N N 337 
SER HB2  H N N 338 
SER HB3  H N N 339 
SER HG   H N N 340 
SER HXT  H N N 341 
SO4 S    S N N 342 
SO4 O1   O N N 343 
SO4 O2   O N N 344 
SO4 O3   O N N 345 
SO4 O4   O N N 346 
THR N    N N N 347 
THR CA   C N S 348 
THR C    C N N 349 
THR O    O N N 350 
THR CB   C N R 351 
THR OG1  O N N 352 
THR CG2  C N N 353 
THR OXT  O N N 354 
THR H    H N N 355 
THR H2   H N N 356 
THR HA   H N N 357 
THR HB   H N N 358 
THR HG1  H N N 359 
THR HG21 H N N 360 
THR HG22 H N N 361 
THR HG23 H N N 362 
THR HXT  H N N 363 
TRP N    N N N 364 
TRP CA   C N S 365 
TRP C    C N N 366 
TRP O    O N N 367 
TRP CB   C N N 368 
TRP CG   C Y N 369 
TRP CD1  C Y N 370 
TRP CD2  C Y N 371 
TRP NE1  N Y N 372 
TRP CE2  C Y N 373 
TRP CE3  C Y N 374 
TRP CZ2  C Y N 375 
TRP CZ3  C Y N 376 
TRP CH2  C Y N 377 
TRP OXT  O N N 378 
TRP H    H N N 379 
TRP H2   H N N 380 
TRP HA   H N N 381 
TRP HB2  H N N 382 
TRP HB3  H N N 383 
TRP HD1  H N N 384 
TRP HE1  H N N 385 
TRP HE3  H N N 386 
TRP HZ2  H N N 387 
TRP HZ3  H N N 388 
TRP HH2  H N N 389 
TRP HXT  H N N 390 
TYR N    N N N 391 
TYR CA   C N S 392 
TYR C    C N N 393 
TYR O    O N N 394 
TYR CB   C N N 395 
TYR CG   C Y N 396 
TYR CD1  C Y N 397 
TYR CD2  C Y N 398 
TYR CE1  C Y N 399 
TYR CE2  C Y N 400 
TYR CZ   C Y N 401 
TYR OH   O N N 402 
TYR OXT  O N N 403 
TYR H    H N N 404 
TYR H2   H N N 405 
TYR HA   H N N 406 
TYR HB2  H N N 407 
TYR HB3  H N N 408 
TYR HD1  H N N 409 
TYR HD2  H N N 410 
TYR HE1  H N N 411 
TYR HE2  H N N 412 
TYR HH   H N N 413 
TYR HXT  H N N 414 
VAL N    N N N 415 
VAL CA   C N S 416 
VAL C    C N N 417 
VAL O    O N N 418 
VAL CB   C N N 419 
VAL CG1  C N N 420 
VAL CG2  C N N 421 
VAL OXT  O N N 422 
VAL H    H N N 423 
VAL H2   H N N 424 
VAL HA   H N N 425 
VAL HB   H N N 426 
VAL HG11 H N N 427 
VAL HG12 H N N 428 
VAL HG13 H N N 429 
VAL HG21 H N N 430 
VAL HG22 H N N 431 
VAL HG23 H N N 432 
VAL HXT  H N N 433 
# 
loop_
_chem_comp_bond.comp_id 
_chem_comp_bond.atom_id_1 
_chem_comp_bond.atom_id_2 
_chem_comp_bond.value_order 
_chem_comp_bond.pdbx_aromatic_flag 
_chem_comp_bond.pdbx_stereo_config 
_chem_comp_bond.pdbx_ordinal 
1PE OH2 C12  sing N N 1   
1PE OH2 HO2  sing N N 2   
1PE C12 C22  sing N N 3   
1PE C12 H121 sing N N 4   
1PE C12 H122 sing N N 5   
1PE C22 OH3  sing N N 6   
1PE C22 H221 sing N N 7   
1PE C22 H222 sing N N 8   
1PE OH3 C23  sing N N 9   
1PE C13 C23  sing N N 10  
1PE C13 OH4  sing N N 11  
1PE C13 H131 sing N N 12  
1PE C13 H132 sing N N 13  
1PE C23 H231 sing N N 14  
1PE C23 H232 sing N N 15  
1PE OH4 C24  sing N N 16  
1PE C14 C24  sing N N 17  
1PE C14 OH5  sing N N 18  
1PE C14 H141 sing N N 19  
1PE C14 H142 sing N N 20  
1PE C24 H241 sing N N 21  
1PE C24 H242 sing N N 22  
1PE OH5 C25  sing N N 23  
1PE C15 C25  sing N N 24  
1PE C15 OH6  sing N N 25  
1PE C15 H151 sing N N 26  
1PE C15 H152 sing N N 27  
1PE C25 H251 sing N N 28  
1PE C25 H252 sing N N 29  
1PE OH6 C26  sing N N 30  
1PE C16 C26  sing N N 31  
1PE C16 OH7  sing N N 32  
1PE C16 H161 sing N N 33  
1PE C16 H162 sing N N 34  
1PE C26 H261 sing N N 35  
1PE C26 H262 sing N N 36  
1PE OH7 HO7  sing N N 37  
ALA N   CA   sing N N 38  
ALA N   H    sing N N 39  
ALA N   H2   sing N N 40  
ALA CA  C    sing N N 41  
ALA CA  CB   sing N N 42  
ALA CA  HA   sing N N 43  
ALA C   O    doub N N 44  
ALA C   OXT  sing N N 45  
ALA CB  HB1  sing N N 46  
ALA CB  HB2  sing N N 47  
ALA CB  HB3  sing N N 48  
ALA OXT HXT  sing N N 49  
ARG N   CA   sing N N 50  
ARG N   H    sing N N 51  
ARG N   H2   sing N N 52  
ARG CA  C    sing N N 53  
ARG CA  CB   sing N N 54  
ARG CA  HA   sing N N 55  
ARG C   O    doub N N 56  
ARG C   OXT  sing N N 57  
ARG CB  CG   sing N N 58  
ARG CB  HB2  sing N N 59  
ARG CB  HB3  sing N N 60  
ARG CG  CD   sing N N 61  
ARG CG  HG2  sing N N 62  
ARG CG  HG3  sing N N 63  
ARG CD  NE   sing N N 64  
ARG CD  HD2  sing N N 65  
ARG CD  HD3  sing N N 66  
ARG NE  CZ   sing N N 67  
ARG NE  HE   sing N N 68  
ARG CZ  NH1  sing N N 69  
ARG CZ  NH2  doub N N 70  
ARG NH1 HH11 sing N N 71  
ARG NH1 HH12 sing N N 72  
ARG NH2 HH21 sing N N 73  
ARG NH2 HH22 sing N N 74  
ARG OXT HXT  sing N N 75  
ASN N   CA   sing N N 76  
ASN N   H    sing N N 77  
ASN N   H2   sing N N 78  
ASN CA  C    sing N N 79  
ASN CA  CB   sing N N 80  
ASN CA  HA   sing N N 81  
ASN C   O    doub N N 82  
ASN C   OXT  sing N N 83  
ASN CB  CG   sing N N 84  
ASN CB  HB2  sing N N 85  
ASN CB  HB3  sing N N 86  
ASN CG  OD1  doub N N 87  
ASN CG  ND2  sing N N 88  
ASN ND2 HD21 sing N N 89  
ASN ND2 HD22 sing N N 90  
ASN OXT HXT  sing N N 91  
ASP N   CA   sing N N 92  
ASP N   H    sing N N 93  
ASP N   H2   sing N N 94  
ASP CA  C    sing N N 95  
ASP CA  CB   sing N N 96  
ASP CA  HA   sing N N 97  
ASP C   O    doub N N 98  
ASP C   OXT  sing N N 99  
ASP CB  CG   sing N N 100 
ASP CB  HB2  sing N N 101 
ASP CB  HB3  sing N N 102 
ASP CG  OD1  doub N N 103 
ASP CG  OD2  sing N N 104 
ASP OD2 HD2  sing N N 105 
ASP OXT HXT  sing N N 106 
CYS N   CA   sing N N 107 
CYS N   H    sing N N 108 
CYS N   H2   sing N N 109 
CYS CA  C    sing N N 110 
CYS CA  CB   sing N N 111 
CYS CA  HA   sing N N 112 
CYS C   O    doub N N 113 
CYS C   OXT  sing N N 114 
CYS CB  SG   sing N N 115 
CYS CB  HB2  sing N N 116 
CYS CB  HB3  sing N N 117 
CYS SG  HG   sing N N 118 
CYS OXT HXT  sing N N 119 
GLN N   CA   sing N N 120 
GLN N   H    sing N N 121 
GLN N   H2   sing N N 122 
GLN CA  C    sing N N 123 
GLN CA  CB   sing N N 124 
GLN CA  HA   sing N N 125 
GLN C   O    doub N N 126 
GLN C   OXT  sing N N 127 
GLN CB  CG   sing N N 128 
GLN CB  HB2  sing N N 129 
GLN CB  HB3  sing N N 130 
GLN CG  CD   sing N N 131 
GLN CG  HG2  sing N N 132 
GLN CG  HG3  sing N N 133 
GLN CD  OE1  doub N N 134 
GLN CD  NE2  sing N N 135 
GLN NE2 HE21 sing N N 136 
GLN NE2 HE22 sing N N 137 
GLN OXT HXT  sing N N 138 
GLU N   CA   sing N N 139 
GLU N   H    sing N N 140 
GLU N   H2   sing N N 141 
GLU CA  C    sing N N 142 
GLU CA  CB   sing N N 143 
GLU CA  HA   sing N N 144 
GLU C   O    doub N N 145 
GLU C   OXT  sing N N 146 
GLU CB  CG   sing N N 147 
GLU CB  HB2  sing N N 148 
GLU CB  HB3  sing N N 149 
GLU CG  CD   sing N N 150 
GLU CG  HG2  sing N N 151 
GLU CG  HG3  sing N N 152 
GLU CD  OE1  doub N N 153 
GLU CD  OE2  sing N N 154 
GLU OE2 HE2  sing N N 155 
GLU OXT HXT  sing N N 156 
GLY N   CA   sing N N 157 
GLY N   H    sing N N 158 
GLY N   H2   sing N N 159 
GLY CA  C    sing N N 160 
GLY CA  HA2  sing N N 161 
GLY CA  HA3  sing N N 162 
GLY C   O    doub N N 163 
GLY C   OXT  sing N N 164 
GLY OXT HXT  sing N N 165 
HIS N   CA   sing N N 166 
HIS N   H    sing N N 167 
HIS N   H2   sing N N 168 
HIS CA  C    sing N N 169 
HIS CA  CB   sing N N 170 
HIS CA  HA   sing N N 171 
HIS C   O    doub N N 172 
HIS C   OXT  sing N N 173 
HIS CB  CG   sing N N 174 
HIS CB  HB2  sing N N 175 
HIS CB  HB3  sing N N 176 
HIS CG  ND1  sing Y N 177 
HIS CG  CD2  doub Y N 178 
HIS ND1 CE1  doub Y N 179 
HIS ND1 HD1  sing N N 180 
HIS CD2 NE2  sing Y N 181 
HIS CD2 HD2  sing N N 182 
HIS CE1 NE2  sing Y N 183 
HIS CE1 HE1  sing N N 184 
HIS NE2 HE2  sing N N 185 
HIS OXT HXT  sing N N 186 
HOH O   H1   sing N N 187 
HOH O   H2   sing N N 188 
ILE N   CA   sing N N 189 
ILE N   H    sing N N 190 
ILE N   H2   sing N N 191 
ILE CA  C    sing N N 192 
ILE CA  CB   sing N N 193 
ILE CA  HA   sing N N 194 
ILE C   O    doub N N 195 
ILE C   OXT  sing N N 196 
ILE CB  CG1  sing N N 197 
ILE CB  CG2  sing N N 198 
ILE CB  HB   sing N N 199 
ILE CG1 CD1  sing N N 200 
ILE CG1 HG12 sing N N 201 
ILE CG1 HG13 sing N N 202 
ILE CG2 HG21 sing N N 203 
ILE CG2 HG22 sing N N 204 
ILE CG2 HG23 sing N N 205 
ILE CD1 HD11 sing N N 206 
ILE CD1 HD12 sing N N 207 
ILE CD1 HD13 sing N N 208 
ILE OXT HXT  sing N N 209 
LEU N   CA   sing N N 210 
LEU N   H    sing N N 211 
LEU N   H2   sing N N 212 
LEU CA  C    sing N N 213 
LEU CA  CB   sing N N 214 
LEU CA  HA   sing N N 215 
LEU C   O    doub N N 216 
LEU C   OXT  sing N N 217 
LEU CB  CG   sing N N 218 
LEU CB  HB2  sing N N 219 
LEU CB  HB3  sing N N 220 
LEU CG  CD1  sing N N 221 
LEU CG  CD2  sing N N 222 
LEU CG  HG   sing N N 223 
LEU CD1 HD11 sing N N 224 
LEU CD1 HD12 sing N N 225 
LEU CD1 HD13 sing N N 226 
LEU CD2 HD21 sing N N 227 
LEU CD2 HD22 sing N N 228 
LEU CD2 HD23 sing N N 229 
LEU OXT HXT  sing N N 230 
LYS N   CA   sing N N 231 
LYS N   H    sing N N 232 
LYS N   H2   sing N N 233 
LYS CA  C    sing N N 234 
LYS CA  CB   sing N N 235 
LYS CA  HA   sing N N 236 
LYS C   O    doub N N 237 
LYS C   OXT  sing N N 238 
LYS CB  CG   sing N N 239 
LYS CB  HB2  sing N N 240 
LYS CB  HB3  sing N N 241 
LYS CG  CD   sing N N 242 
LYS CG  HG2  sing N N 243 
LYS CG  HG3  sing N N 244 
LYS CD  CE   sing N N 245 
LYS CD  HD2  sing N N 246 
LYS CD  HD3  sing N N 247 
LYS CE  NZ   sing N N 248 
LYS CE  HE2  sing N N 249 
LYS CE  HE3  sing N N 250 
LYS NZ  HZ1  sing N N 251 
LYS NZ  HZ2  sing N N 252 
LYS NZ  HZ3  sing N N 253 
LYS OXT HXT  sing N N 254 
MET N   CA   sing N N 255 
MET N   H    sing N N 256 
MET N   H2   sing N N 257 
MET CA  C    sing N N 258 
MET CA  CB   sing N N 259 
MET CA  HA   sing N N 260 
MET C   O    doub N N 261 
MET C   OXT  sing N N 262 
MET CB  CG   sing N N 263 
MET CB  HB2  sing N N 264 
MET CB  HB3  sing N N 265 
MET CG  SD   sing N N 266 
MET CG  HG2  sing N N 267 
MET CG  HG3  sing N N 268 
MET SD  CE   sing N N 269 
MET CE  HE1  sing N N 270 
MET CE  HE2  sing N N 271 
MET CE  HE3  sing N N 272 
MET OXT HXT  sing N N 273 
PHE N   CA   sing N N 274 
PHE N   H    sing N N 275 
PHE N   H2   sing N N 276 
PHE CA  C    sing N N 277 
PHE CA  CB   sing N N 278 
PHE CA  HA   sing N N 279 
PHE C   O    doub N N 280 
PHE C   OXT  sing N N 281 
PHE CB  CG   sing N N 282 
PHE CB  HB2  sing N N 283 
PHE CB  HB3  sing N N 284 
PHE CG  CD1  doub Y N 285 
PHE CG  CD2  sing Y N 286 
PHE CD1 CE1  sing Y N 287 
PHE CD1 HD1  sing N N 288 
PHE CD2 CE2  doub Y N 289 
PHE CD2 HD2  sing N N 290 
PHE CE1 CZ   doub Y N 291 
PHE CE1 HE1  sing N N 292 
PHE CE2 CZ   sing Y N 293 
PHE CE2 HE2  sing N N 294 
PHE CZ  HZ   sing N N 295 
PHE OXT HXT  sing N N 296 
PRO N   CA   sing N N 297 
PRO N   CD   sing N N 298 
PRO N   H    sing N N 299 
PRO CA  C    sing N N 300 
PRO CA  CB   sing N N 301 
PRO CA  HA   sing N N 302 
PRO C   O    doub N N 303 
PRO C   OXT  sing N N 304 
PRO CB  CG   sing N N 305 
PRO CB  HB2  sing N N 306 
PRO CB  HB3  sing N N 307 
PRO CG  CD   sing N N 308 
PRO CG  HG2  sing N N 309 
PRO CG  HG3  sing N N 310 
PRO CD  HD2  sing N N 311 
PRO CD  HD3  sing N N 312 
PRO OXT HXT  sing N N 313 
SER N   CA   sing N N 314 
SER N   H    sing N N 315 
SER N   H2   sing N N 316 
SER CA  C    sing N N 317 
SER CA  CB   sing N N 318 
SER CA  HA   sing N N 319 
SER C   O    doub N N 320 
SER C   OXT  sing N N 321 
SER CB  OG   sing N N 322 
SER CB  HB2  sing N N 323 
SER CB  HB3  sing N N 324 
SER OG  HG   sing N N 325 
SER OXT HXT  sing N N 326 
SO4 S   O1   doub N N 327 
SO4 S   O2   doub N N 328 
SO4 S   O3   sing N N 329 
SO4 S   O4   sing N N 330 
THR N   CA   sing N N 331 
THR N   H    sing N N 332 
THR N   H2   sing N N 333 
THR CA  C    sing N N 334 
THR CA  CB   sing N N 335 
THR CA  HA   sing N N 336 
THR C   O    doub N N 337 
THR C   OXT  sing N N 338 
THR CB  OG1  sing N N 339 
THR CB  CG2  sing N N 340 
THR CB  HB   sing N N 341 
THR OG1 HG1  sing N N 342 
THR CG2 HG21 sing N N 343 
THR CG2 HG22 sing N N 344 
THR CG2 HG23 sing N N 345 
THR OXT HXT  sing N N 346 
TRP N   CA   sing N N 347 
TRP N   H    sing N N 348 
TRP N   H2   sing N N 349 
TRP CA  C    sing N N 350 
TRP CA  CB   sing N N 351 
TRP CA  HA   sing N N 352 
TRP C   O    doub N N 353 
TRP C   OXT  sing N N 354 
TRP CB  CG   sing N N 355 
TRP CB  HB2  sing N N 356 
TRP CB  HB3  sing N N 357 
TRP CG  CD1  doub Y N 358 
TRP CG  CD2  sing Y N 359 
TRP CD1 NE1  sing Y N 360 
TRP CD1 HD1  sing N N 361 
TRP CD2 CE2  doub Y N 362 
TRP CD2 CE3  sing Y N 363 
TRP NE1 CE2  sing Y N 364 
TRP NE1 HE1  sing N N 365 
TRP CE2 CZ2  sing Y N 366 
TRP CE3 CZ3  doub Y N 367 
TRP CE3 HE3  sing N N 368 
TRP CZ2 CH2  doub Y N 369 
TRP CZ2 HZ2  sing N N 370 
TRP CZ3 CH2  sing Y N 371 
TRP CZ3 HZ3  sing N N 372 
TRP CH2 HH2  sing N N 373 
TRP OXT HXT  sing N N 374 
TYR N   CA   sing N N 375 
TYR N   H    sing N N 376 
TYR N   H2   sing N N 377 
TYR CA  C    sing N N 378 
TYR CA  CB   sing N N 379 
TYR CA  HA   sing N N 380 
TYR C   O    doub N N 381 
TYR C   OXT  sing N N 382 
TYR CB  CG   sing N N 383 
TYR CB  HB2  sing N N 384 
TYR CB  HB3  sing N N 385 
TYR CG  CD1  doub Y N 386 
TYR CG  CD2  sing Y N 387 
TYR CD1 CE1  sing Y N 388 
TYR CD1 HD1  sing N N 389 
TYR CD2 CE2  doub Y N 390 
TYR CD2 HD2  sing N N 391 
TYR CE1 CZ   doub Y N 392 
TYR CE1 HE1  sing N N 393 
TYR CE2 CZ   sing Y N 394 
TYR CE2 HE2  sing N N 395 
TYR CZ  OH   sing N N 396 
TYR OH  HH   sing N N 397 
TYR OXT HXT  sing N N 398 
VAL N   CA   sing N N 399 
VAL N   H    sing N N 400 
VAL N   H2   sing N N 401 
VAL CA  C    sing N N 402 
VAL CA  CB   sing N N 403 
VAL CA  HA   sing N N 404 
VAL C   O    doub N N 405 
VAL C   OXT  sing N N 406 
VAL CB  CG1  sing N N 407 
VAL CB  CG2  sing N N 408 
VAL CB  HB   sing N N 409 
VAL CG1 HG11 sing N N 410 
VAL CG1 HG12 sing N N 411 
VAL CG1 HG13 sing N N 412 
VAL CG2 HG21 sing N N 413 
VAL CG2 HG22 sing N N 414 
VAL CG2 HG23 sing N N 415 
VAL OXT HXT  sing N N 416 
# 
loop_
_pdbx_entity_nonpoly.entity_id 
_pdbx_entity_nonpoly.name 
_pdbx_entity_nonpoly.comp_id 
2 'SULFATE ION'          SO4 
3 'PENTAETHYLENE GLYCOL' 1PE 
4 water                  HOH 
# 
_pdbx_initial_refinement_model.id               1 
_pdbx_initial_refinement_model.entity_id_list   ? 
_pdbx_initial_refinement_model.type             'experimental model' 
_pdbx_initial_refinement_model.source_name      PDB 
_pdbx_initial_refinement_model.accession_code   1JYU 
_pdbx_initial_refinement_model.details          'PDB ENTRY 1JYU' 
# 
